data_3KH0
# 
_entry.id   3KH0 
# 
_audit_conform.dict_name       mmcif_pdbx.dic 
_audit_conform.dict_version    5.378 
_audit_conform.dict_location   http://mmcif.pdb.org/dictionaries/ascii/mmcif_pdbx.dic 
# 
loop_
_database_2.database_id 
_database_2.database_code 
_database_2.pdbx_database_accession 
_database_2.pdbx_DOI 
PDB   3KH0         pdb_00003kh0 10.2210/pdb3kh0/pdb 
RCSB  RCSB055981   ?            ?                   
WWPDB D_1000055981 ?            ?                   
# 
_pdbx_database_status.entry_id                        3KH0 
_pdbx_database_status.deposit_site                    RCSB 
_pdbx_database_status.process_site                    RCSB 
_pdbx_database_status.recvd_initial_deposition_date   2009-10-29 
_pdbx_database_status.status_code                     REL 
_pdbx_database_status.status_code_sf                  REL 
_pdbx_database_status.status_code_mr                  ? 
_pdbx_database_status.SG_entry                        Y 
_pdbx_database_status.pdb_format_compatible           Y 
_pdbx_database_status.status_code_cs                  ? 
_pdbx_database_status.methods_development_category    ? 
_pdbx_database_status.status_code_nmr_data            ? 
# 
loop_
_audit_author.name 
_audit_author.pdbx_ordinal 
'Shen, Y.'                             1  
'Tempel, W.'                           2  
'Wang, H.'                             3  
'Tong, Y.'                             4  
'Guan, X.'                             5  
'Crombet, L.'                          6  
'Arrowsmith, C.H.'                     7  
'Edwards, A.M.'                        8  
'Bountra, C.'                          9  
'Weigelt, J.'                          10 
'Bochkarev, A.'                        11 
'Park, H.'                             12 
'Structural Genomics Consortium (SGC)' 13 
# 
_citation.id                        primary 
_citation.title                     'Crystal structure of the Ras-association (RA) domain of RALGDS' 
_citation.journal_abbrev            'to be published' 
_citation.journal_volume            ? 
_citation.page_first                ? 
_citation.page_last                 ? 
_citation.year                      ? 
_citation.journal_id_ASTM           ? 
_citation.country                   ? 
_citation.journal_id_ISSN           ? 
_citation.journal_id_CSD            0353 
_citation.book_publisher            ? 
_citation.pdbx_database_id_PubMed   ? 
_citation.pdbx_database_id_DOI      ? 
# 
loop_
_citation_author.citation_id 
_citation_author.name 
_citation_author.ordinal 
_citation_author.identifier_ORCID 
primary 'Shen, Y.'         1  ? 
primary 'Tempel, W.'       2  ? 
primary 'Wang, H.'         3  ? 
primary 'Tong, Y.'         4  ? 
primary 'Guan, X.'         5  ? 
primary 'Crombet, L.'      6  ? 
primary 'Arrowsmith, C.H.' 7  ? 
primary 'Edwards, A.M.'    8  ? 
primary 'Bountra, C.'      9  ? 
primary 'Weigelt, J.'      10 ? 
primary 'Bochkarev, A.'    11 ? 
primary 'Park, H.'         12 ? 
# 
_cell.entry_id           3KH0 
_cell.length_a           104.590 
_cell.length_b           104.590 
_cell.length_c           39.819 
_cell.angle_alpha        90.000 
_cell.angle_beta         90.000 
_cell.angle_gamma        120.000 
_cell.pdbx_unique_axis   ? 
_cell.Z_PDB              12 
_cell.length_a_esd       ? 
_cell.length_b_esd       ? 
_cell.length_c_esd       ? 
_cell.angle_alpha_esd    ? 
_cell.angle_beta_esd     ? 
_cell.angle_gamma_esd    ? 
# 
_symmetry.entry_id                         3KH0 
_symmetry.space_group_name_H-M             'P 61' 
_symmetry.Int_Tables_number                169 
_symmetry.pdbx_full_space_group_name_H-M   ? 
_symmetry.cell_setting                     ? 
_symmetry.space_group_name_Hall            ? 
# 
loop_
_entity.id 
_entity.type 
_entity.src_method 
_entity.pdbx_description 
_entity.formula_weight 
_entity.pdbx_number_of_molecules 
_entity.pdbx_ec 
_entity.pdbx_mutation 
_entity.pdbx_fragment 
_entity.details 
1 polymer     man 'Ral guanine nucleotide dissociation stimulator' 16027.347 2  ? ? ? ? 
2 non-polymer syn 'UNKNOWN ATOM OR ION'                            ?         4  ? ? ? ? 
3 water       nat water                                            18.015    55 ? ? ? ? 
# 
_entity_name_com.entity_id   1 
_entity_name_com.name        'RalGDS, RalGEF' 
# 
_entity_poly.entity_id                      1 
_entity_poly.type                           'polypeptide(L)' 
_entity_poly.nstd_linkage                   no 
_entity_poly.nstd_monomer                   no 
_entity_poly.pdbx_seq_one_letter_code       
;MHHHHHHSSGRENLYFQGNQQVGDCCIIRVSLDVDNGNMYKSILVTSQDKAPAVIRKAMDKHNLEEEEPEDYELLQILSD
DRKLKIPENANVFYAMNSTANYDFVLKKRTFTKGVKVKHGASSTLPRMKQKGLKIAKGIF
;
_entity_poly.pdbx_seq_one_letter_code_can   
;MHHHHHHSSGRENLYFQGNQQVGDCCIIRVSLDVDNGNMYKSILVTSQDKAPAVIRKAMDKHNLEEEEPEDYELLQILSD
DRKLKIPENANVFYAMNSTANYDFVLKKRTFTKGVKVKHGASSTLPRMKQKGLKIAKGIF
;
_entity_poly.pdbx_strand_id                 A,B 
_entity_poly.pdbx_target_identifier         ? 
# 
loop_
_entity_poly_seq.entity_id 
_entity_poly_seq.num 
_entity_poly_seq.mon_id 
_entity_poly_seq.hetero 
1 1   MET n 
1 2   HIS n 
1 3   HIS n 
1 4   HIS n 
1 5   HIS n 
1 6   HIS n 
1 7   HIS n 
1 8   SER n 
1 9   SER n 
1 10  GLY n 
1 11  ARG n 
1 12  GLU n 
1 13  ASN n 
1 14  LEU n 
1 15  TYR n 
1 16  PHE n 
1 17  GLN n 
1 18  GLY n 
1 19  ASN n 
1 20  GLN n 
1 21  GLN n 
1 22  VAL n 
1 23  GLY n 
1 24  ASP n 
1 25  CYS n 
1 26  CYS n 
1 27  ILE n 
1 28  ILE n 
1 29  ARG n 
1 30  VAL n 
1 31  SER n 
1 32  LEU n 
1 33  ASP n 
1 34  VAL n 
1 35  ASP n 
1 36  ASN n 
1 37  GLY n 
1 38  ASN n 
1 39  MET n 
1 40  TYR n 
1 41  LYS n 
1 42  SER n 
1 43  ILE n 
1 44  LEU n 
1 45  VAL n 
1 46  THR n 
1 47  SER n 
1 48  GLN n 
1 49  ASP n 
1 50  LYS n 
1 51  ALA n 
1 52  PRO n 
1 53  ALA n 
1 54  VAL n 
1 55  ILE n 
1 56  ARG n 
1 57  LYS n 
1 58  ALA n 
1 59  MET n 
1 60  ASP n 
1 61  LYS n 
1 62  HIS n 
1 63  ASN n 
1 64  LEU n 
1 65  GLU n 
1 66  GLU n 
1 67  GLU n 
1 68  GLU n 
1 69  PRO n 
1 70  GLU n 
1 71  ASP n 
1 72  TYR n 
1 73  GLU n 
1 74  LEU n 
1 75  LEU n 
1 76  GLN n 
1 77  ILE n 
1 78  LEU n 
1 79  SER n 
1 80  ASP n 
1 81  ASP n 
1 82  ARG n 
1 83  LYS n 
1 84  LEU n 
1 85  LYS n 
1 86  ILE n 
1 87  PRO n 
1 88  GLU n 
1 89  ASN n 
1 90  ALA n 
1 91  ASN n 
1 92  VAL n 
1 93  PHE n 
1 94  TYR n 
1 95  ALA n 
1 96  MET n 
1 97  ASN n 
1 98  SER n 
1 99  THR n 
1 100 ALA n 
1 101 ASN n 
1 102 TYR n 
1 103 ASP n 
1 104 PHE n 
1 105 VAL n 
1 106 LEU n 
1 107 LYS n 
1 108 LYS n 
1 109 ARG n 
1 110 THR n 
1 111 PHE n 
1 112 THR n 
1 113 LYS n 
1 114 GLY n 
1 115 VAL n 
1 116 LYS n 
1 117 VAL n 
1 118 LYS n 
1 119 HIS n 
1 120 GLY n 
1 121 ALA n 
1 122 SER n 
1 123 SER n 
1 124 THR n 
1 125 LEU n 
1 126 PRO n 
1 127 ARG n 
1 128 MET n 
1 129 LYS n 
1 130 GLN n 
1 131 LYS n 
1 132 GLY n 
1 133 LEU n 
1 134 LYS n 
1 135 ILE n 
1 136 ALA n 
1 137 LYS n 
1 138 GLY n 
1 139 ILE n 
1 140 PHE n 
# 
_entity_src_gen.entity_id                          1 
_entity_src_gen.pdbx_src_id                        1 
_entity_src_gen.pdbx_alt_source_flag               sample 
_entity_src_gen.pdbx_seq_type                      ? 
_entity_src_gen.pdbx_beg_seq_num                   ? 
_entity_src_gen.pdbx_end_seq_num                   ? 
_entity_src_gen.gene_src_common_name               human 
_entity_src_gen.gene_src_genus                     ? 
_entity_src_gen.pdbx_gene_src_gene                 'RALGDS, KIAA1308, RGF' 
_entity_src_gen.gene_src_species                   ? 
_entity_src_gen.gene_src_strain                    ? 
_entity_src_gen.gene_src_tissue                    ? 
_entity_src_gen.gene_src_tissue_fraction           ? 
_entity_src_gen.gene_src_details                   ? 
_entity_src_gen.pdbx_gene_src_fragment             ? 
_entity_src_gen.pdbx_gene_src_scientific_name      'Homo sapiens' 
_entity_src_gen.pdbx_gene_src_ncbi_taxonomy_id     9606 
_entity_src_gen.pdbx_gene_src_variant              ? 
_entity_src_gen.pdbx_gene_src_cell_line            ? 
_entity_src_gen.pdbx_gene_src_atcc                 ? 
_entity_src_gen.pdbx_gene_src_organ                ? 
_entity_src_gen.pdbx_gene_src_organelle            ? 
_entity_src_gen.pdbx_gene_src_cell                 ? 
_entity_src_gen.pdbx_gene_src_cellular_location    ? 
_entity_src_gen.host_org_common_name               ? 
_entity_src_gen.pdbx_host_org_scientific_name      'Escherichia coli' 
_entity_src_gen.pdbx_host_org_ncbi_taxonomy_id     511693 
_entity_src_gen.host_org_genus                     ? 
_entity_src_gen.pdbx_host_org_gene                 ? 
_entity_src_gen.pdbx_host_org_organ                ? 
_entity_src_gen.host_org_species                   ? 
_entity_src_gen.pdbx_host_org_tissue               ? 
_entity_src_gen.pdbx_host_org_tissue_fraction      ? 
_entity_src_gen.pdbx_host_org_strain               BL21-V2R-pRARE2 
_entity_src_gen.pdbx_host_org_variant              ? 
_entity_src_gen.pdbx_host_org_cell_line            ? 
_entity_src_gen.pdbx_host_org_atcc                 ? 
_entity_src_gen.pdbx_host_org_culture_collection   ? 
_entity_src_gen.pdbx_host_org_cell                 ? 
_entity_src_gen.pdbx_host_org_organelle            ? 
_entity_src_gen.pdbx_host_org_cellular_location    ? 
_entity_src_gen.pdbx_host_org_vector_type          ? 
_entity_src_gen.pdbx_host_org_vector               ? 
_entity_src_gen.host_org_details                   ? 
_entity_src_gen.expression_system_id               ? 
_entity_src_gen.plasmid_name                       'pET28-mhl (GI:134105571)' 
_entity_src_gen.plasmid_details                    ? 
_entity_src_gen.pdbx_description                   ? 
# 
_struct_ref.id                         1 
_struct_ref.db_name                    UNP 
_struct_ref.db_code                    GNDS_HUMAN 
_struct_ref.pdbx_db_accession          Q12967 
_struct_ref.entity_id                  1 
_struct_ref.pdbx_seq_one_letter_code   
;NQQVGDCCIIRVSLDVDNGNMYKSILVTSQDKAPAVIRKAMDKHNLEEEEPEDYELLQILSDDRKLKIPENANVFYAMNS
TANYDFVLKKRTFTKGVKVKHGASSTLPRMKQKGLKIAKGIF
;
_struct_ref.pdbx_align_begin           793 
_struct_ref.pdbx_db_isoform            ? 
# 
loop_
_struct_ref_seq.align_id 
_struct_ref_seq.ref_id 
_struct_ref_seq.pdbx_PDB_id_code 
_struct_ref_seq.pdbx_strand_id 
_struct_ref_seq.seq_align_beg 
_struct_ref_seq.pdbx_seq_align_beg_ins_code 
_struct_ref_seq.seq_align_end 
_struct_ref_seq.pdbx_seq_align_end_ins_code 
_struct_ref_seq.pdbx_db_accession 
_struct_ref_seq.db_align_beg 
_struct_ref_seq.pdbx_db_align_beg_ins_code 
_struct_ref_seq.db_align_end 
_struct_ref_seq.pdbx_db_align_end_ins_code 
_struct_ref_seq.pdbx_auth_seq_align_beg 
_struct_ref_seq.pdbx_auth_seq_align_end 
1 1 3KH0 A 19 ? 140 ? Q12967 793 ? 914 ? 793 914 
2 1 3KH0 B 19 ? 140 ? Q12967 793 ? 914 ? 793 914 
# 
loop_
_struct_ref_seq_dif.align_id 
_struct_ref_seq_dif.pdbx_pdb_id_code 
_struct_ref_seq_dif.mon_id 
_struct_ref_seq_dif.pdbx_pdb_strand_id 
_struct_ref_seq_dif.seq_num 
_struct_ref_seq_dif.pdbx_pdb_ins_code 
_struct_ref_seq_dif.pdbx_seq_db_name 
_struct_ref_seq_dif.pdbx_seq_db_accession_code 
_struct_ref_seq_dif.db_mon_id 
_struct_ref_seq_dif.pdbx_seq_db_seq_num 
_struct_ref_seq_dif.details 
_struct_ref_seq_dif.pdbx_auth_seq_num 
_struct_ref_seq_dif.pdbx_ordinal 
1 3KH0 MET A 1  ? UNP Q12967 ? ? 'expression tag' 775 1  
1 3KH0 HIS A 2  ? UNP Q12967 ? ? 'expression tag' 776 2  
1 3KH0 HIS A 3  ? UNP Q12967 ? ? 'expression tag' 777 3  
1 3KH0 HIS A 4  ? UNP Q12967 ? ? 'expression tag' 778 4  
1 3KH0 HIS A 5  ? UNP Q12967 ? ? 'expression tag' 779 5  
1 3KH0 HIS A 6  ? UNP Q12967 ? ? 'expression tag' 780 6  
1 3KH0 HIS A 7  ? UNP Q12967 ? ? 'expression tag' 781 7  
1 3KH0 SER A 8  ? UNP Q12967 ? ? 'expression tag' 782 8  
1 3KH0 SER A 9  ? UNP Q12967 ? ? 'expression tag' 783 9  
1 3KH0 GLY A 10 ? UNP Q12967 ? ? 'expression tag' 784 10 
1 3KH0 ARG A 11 ? UNP Q12967 ? ? 'expression tag' 785 11 
1 3KH0 GLU A 12 ? UNP Q12967 ? ? 'expression tag' 786 12 
1 3KH0 ASN A 13 ? UNP Q12967 ? ? 'expression tag' 787 13 
1 3KH0 LEU A 14 ? UNP Q12967 ? ? 'expression tag' 788 14 
1 3KH0 TYR A 15 ? UNP Q12967 ? ? 'expression tag' 789 15 
1 3KH0 PHE A 16 ? UNP Q12967 ? ? 'expression tag' 790 16 
1 3KH0 GLN A 17 ? UNP Q12967 ? ? 'expression tag' 791 17 
1 3KH0 GLY A 18 ? UNP Q12967 ? ? 'expression tag' 792 18 
2 3KH0 MET B 1  ? UNP Q12967 ? ? 'expression tag' 775 19 
2 3KH0 HIS B 2  ? UNP Q12967 ? ? 'expression tag' 776 20 
2 3KH0 HIS B 3  ? UNP Q12967 ? ? 'expression tag' 777 21 
2 3KH0 HIS B 4  ? UNP Q12967 ? ? 'expression tag' 778 22 
2 3KH0 HIS B 5  ? UNP Q12967 ? ? 'expression tag' 779 23 
2 3KH0 HIS B 6  ? UNP Q12967 ? ? 'expression tag' 780 24 
2 3KH0 HIS B 7  ? UNP Q12967 ? ? 'expression tag' 781 25 
2 3KH0 SER B 8  ? UNP Q12967 ? ? 'expression tag' 782 26 
2 3KH0 SER B 9  ? UNP Q12967 ? ? 'expression tag' 783 27 
2 3KH0 GLY B 10 ? UNP Q12967 ? ? 'expression tag' 784 28 
2 3KH0 ARG B 11 ? UNP Q12967 ? ? 'expression tag' 785 29 
2 3KH0 GLU B 12 ? UNP Q12967 ? ? 'expression tag' 786 30 
2 3KH0 ASN B 13 ? UNP Q12967 ? ? 'expression tag' 787 31 
2 3KH0 LEU B 14 ? UNP Q12967 ? ? 'expression tag' 788 32 
2 3KH0 TYR B 15 ? UNP Q12967 ? ? 'expression tag' 789 33 
2 3KH0 PHE B 16 ? UNP Q12967 ? ? 'expression tag' 790 34 
2 3KH0 GLN B 17 ? UNP Q12967 ? ? 'expression tag' 791 35 
2 3KH0 GLY B 18 ? UNP Q12967 ? ? 'expression tag' 792 36 
# 
loop_
_chem_comp.id 
_chem_comp.type 
_chem_comp.mon_nstd_flag 
_chem_comp.name 
_chem_comp.pdbx_synonyms 
_chem_comp.formula 
_chem_comp.formula_weight 
ALA 'L-peptide linking' y ALANINE               ? 'C3 H7 N O2'     89.093  
ARG 'L-peptide linking' y ARGININE              ? 'C6 H15 N4 O2 1' 175.209 
ASN 'L-peptide linking' y ASPARAGINE            ? 'C4 H8 N2 O3'    132.118 
ASP 'L-peptide linking' y 'ASPARTIC ACID'       ? 'C4 H7 N O4'     133.103 
CYS 'L-peptide linking' y CYSTEINE              ? 'C3 H7 N O2 S'   121.158 
GLN 'L-peptide linking' y GLUTAMINE             ? 'C5 H10 N2 O3'   146.144 
GLU 'L-peptide linking' y 'GLUTAMIC ACID'       ? 'C5 H9 N O4'     147.129 
GLY 'peptide linking'   y GLYCINE               ? 'C2 H5 N O2'     75.067  
HIS 'L-peptide linking' y HISTIDINE             ? 'C6 H10 N3 O2 1' 156.162 
HOH non-polymer         . WATER                 ? 'H2 O'           18.015  
ILE 'L-peptide linking' y ISOLEUCINE            ? 'C6 H13 N O2'    131.173 
LEU 'L-peptide linking' y LEUCINE               ? 'C6 H13 N O2'    131.173 
LYS 'L-peptide linking' y LYSINE                ? 'C6 H15 N2 O2 1' 147.195 
MET 'L-peptide linking' y METHIONINE            ? 'C5 H11 N O2 S'  149.211 
PHE 'L-peptide linking' y PHENYLALANINE         ? 'C9 H11 N O2'    165.189 
PRO 'L-peptide linking' y PROLINE               ? 'C5 H9 N O2'     115.130 
SER 'L-peptide linking' y SERINE                ? 'C3 H7 N O3'     105.093 
THR 'L-peptide linking' y THREONINE             ? 'C4 H9 N O3'     119.119 
TYR 'L-peptide linking' y TYROSINE              ? 'C9 H11 N O3'    181.189 
UNX non-polymer         . 'UNKNOWN ATOM OR ION' ? ?                ?       
VAL 'L-peptide linking' y VALINE                ? 'C5 H11 N O2'    117.146 
# 
_exptl.crystals_number   1 
_exptl.entry_id          3KH0 
_exptl.method            'X-RAY DIFFRACTION' 
# 
_exptl_crystal.id                    1 
_exptl_crystal.density_percent_sol   37.29 
_exptl_crystal.density_Matthews      1.96 
_exptl_crystal.density_meas          ? 
_exptl_crystal.description           ? 
_exptl_crystal.F_000                 ? 
_exptl_crystal.preparation           ? 
# 
_exptl_crystal_grow.crystal_id      1 
_exptl_crystal_grow.method          'VAPOR DIFFUSION, SITTING DROP' 
_exptl_crystal_grow.pH              7.5 
_exptl_crystal_grow.temp            291 
_exptl_crystal_grow.pdbx_details    
;2.0M ammonium sulfate, 2.0% PEG400, 0.1m sodium HEPES. 1:100 (w/w) endoproteinase Glu-C were present in the crystallization drop, pH 7.5, vapor diffusion, sitting drop, temperature 291K, VAPOR DIFFUSION, SITTING DROP
;
_exptl_crystal_grow.temp_details    ? 
_exptl_crystal_grow.pdbx_pH_range   ? 
# 
_diffrn.id                     1 
_diffrn.ambient_temp           100 
_diffrn.ambient_temp_details   ? 
_diffrn.crystal_id             1 
# 
_diffrn_detector.diffrn_id              1 
_diffrn_detector.detector               CCD 
_diffrn_detector.type                   'MARMOSAIC 225 mm CCD' 
_diffrn_detector.pdbx_collection_date   2009-09-11 
_diffrn_detector.details                ? 
# 
_diffrn_radiation.diffrn_id                        1 
_diffrn_radiation.pdbx_diffrn_protocol             'SINGLE WAVELENGTH' 
_diffrn_radiation.monochromator                    ? 
_diffrn_radiation.wavelength_id                    1 
_diffrn_radiation.pdbx_monochromatic_or_laue_m_l   M 
_diffrn_radiation.pdbx_scattering_type             x-ray 
# 
_diffrn_radiation_wavelength.id           1 
_diffrn_radiation_wavelength.wavelength   0.97920 
_diffrn_radiation_wavelength.wt           1.0 
# 
_diffrn_source.diffrn_id                   1 
_diffrn_source.source                      SYNCHROTRON 
_diffrn_source.type                        'CLSI BEAMLINE 08ID-1' 
_diffrn_source.pdbx_wavelength_list        0.97920 
_diffrn_source.pdbx_wavelength             ? 
_diffrn_source.pdbx_synchrotron_site       CLSI 
_diffrn_source.pdbx_synchrotron_beamline   08ID-1 
# 
_reflns.entry_id                     3KH0 
_reflns.d_resolution_high            2.100 
_reflns.d_resolution_low             40.000 
_reflns.number_obs                   14288 
_reflns.pdbx_Rmerge_I_obs            0.161 
_reflns.pdbx_netI_over_sigmaI        5.800 
_reflns.pdbx_chi_squared             1.319 
_reflns.pdbx_redundancy              6.700 
_reflns.percent_possible_obs         96.700 
_reflns.observed_criterion_sigma_F   ? 
_reflns.observed_criterion_sigma_I   ? 
_reflns.number_all                   ? 
_reflns.pdbx_Rsym_value              ? 
_reflns.B_iso_Wilson_estimate        ? 
_reflns.R_free_details               ? 
_reflns.limit_h_max                  ? 
_reflns.limit_h_min                  ? 
_reflns.limit_k_max                  ? 
_reflns.limit_k_min                  ? 
_reflns.limit_l_max                  ? 
_reflns.limit_l_min                  ? 
_reflns.observed_criterion_F_max     ? 
_reflns.observed_criterion_F_min     ? 
_reflns.pdbx_scaling_rejects         ? 
_reflns.pdbx_diffrn_id               1 
_reflns.pdbx_ordinal                 1 
# 
loop_
_reflns_shell.d_res_high 
_reflns_shell.d_res_low 
_reflns_shell.number_measured_obs 
_reflns_shell.number_measured_all 
_reflns_shell.number_unique_obs 
_reflns_shell.Rmerge_I_obs 
_reflns_shell.meanI_over_sigI_obs 
_reflns_shell.pdbx_Rsym_value 
_reflns_shell.pdbx_chi_squared 
_reflns_shell.pdbx_redundancy 
_reflns_shell.percent_possible_obs 
_reflns_shell.number_unique_all 
_reflns_shell.percent_possible_all 
_reflns_shell.pdbx_diffrn_id 
_reflns_shell.pdbx_ordinal 
2.10 2.18  ? ? ? 0.658 ? ? 1.067 2.10  ? 1205 82.50  ? 1  
2.18 2.26  ? ? ? 0.516 ? ? 1.291 2.70  ? 1364 93.90  ? 2  
2.26 2.37  ? ? ? 0.410 ? ? 0.932 3.40  ? 1429 97.20  ? 3  
2.37 2.49  ? ? ? 0.383 ? ? 0.945 4.10  ? 1430 97.30  ? 4  
2.49 2.65  ? ? ? 0.343 ? ? 0.928 4.90  ? 1429 97.70  ? 5  
2.65 2.85  ? ? ? 0.340 ? ? 0.962 6.40  ? 1441 98.20  ? 6  
2.85 3.14  ? ? ? 0.309 ? ? 1.006 9.30  ? 1473 100.00 ? 7  
3.14 3.59  ? ? ? 0.190 ? ? 1.373 10.90 ? 1484 100.00 ? 8  
3.59 4.52  ? ? ? 0.131 ? ? 1.988 11.10 ? 1493 100.00 ? 9  
4.52 40.00 ? ? ? 0.089 ? ? 1.410 10.80 ? 1540 99.80  ? 10 
# 
_refine.entry_id                                 3KH0 
_refine.ls_d_res_high                            2.100 
_refine.ls_d_res_low                             31.680 
_refine.pdbx_ls_sigma_F                          0.00 
_refine.ls_number_reflns_obs                     13479 
_refine.pdbx_ls_cross_valid_method               THROUGHOUT 
_refine.pdbx_R_Free_selection_details            'THIN SHELLS (SFTOOLS)' 
_refine.ls_R_factor_obs                          0.205 
_refine.ls_R_factor_R_work                       0.204 
_refine.ls_R_factor_R_free                       0.226 
_refine.ls_percent_reflns_R_free                 4.940 
_refine.ls_number_reflns_R_free                  701 
_refine.B_iso_mean                               32.360 
_refine.aniso_B[1][1]                            -0.495 
_refine.aniso_B[2][2]                            -0.495 
_refine.aniso_B[3][3]                            0.989 
_refine.aniso_B[1][2]                            0.000 
_refine.aniso_B[1][3]                            0.000 
_refine.aniso_B[2][3]                            0.000 
_refine.correlation_coeff_Fo_to_Fc               0.932 
_refine.correlation_coeff_Fo_to_Fc_free          0.917 
_refine.pdbx_method_to_determine_struct          'MOLECULAR REPLACEMENT' 
_refine.pdbx_ls_sigma_I                          ? 
_refine.ls_number_reflns_all                     ? 
_refine.ls_percent_reflns_obs                    ? 
_refine.ls_R_factor_all                          ? 
_refine.ls_redundancy_reflns_obs                 ? 
_refine.pdbx_data_cutoff_high_absF               ? 
_refine.pdbx_data_cutoff_low_absF                ? 
_refine.ls_number_parameters                     ? 
_refine.ls_number_restraints                     ? 
_refine.ls_R_factor_R_free_error                 ? 
_refine.ls_R_factor_R_free_error_details         ? 
_refine.pdbx_starting_model                      'pdb entry 1LXD' 
_refine.pdbx_stereochem_target_val_spec_case     ? 
_refine.pdbx_stereochemistry_target_values       ? 
_refine.solvent_model_details                    ? 
_refine.solvent_model_param_bsol                 ? 
_refine.solvent_model_param_ksol                 ? 
_refine.occupancy_max                            ? 
_refine.occupancy_min                            ? 
_refine.pdbx_isotropic_thermal_model             ? 
_refine.details                                  'The programs MOLPROBITY, COOT have also been used during refinement' 
_refine.B_iso_min                                ? 
_refine.B_iso_max                                ? 
_refine.pdbx_solvent_vdw_probe_radii             ? 
_refine.pdbx_solvent_ion_probe_radii             ? 
_refine.pdbx_solvent_shrinkage_radii             ? 
_refine.overall_SU_R_Cruickshank_DPI             ? 
_refine.overall_SU_R_free                        ? 
_refine.overall_SU_ML                            ? 
_refine.overall_SU_B                             ? 
_refine.pdbx_overall_ESU_R_Free                  ? 
_refine.pdbx_data_cutoff_high_rms_absF           ? 
_refine.pdbx_overall_ESU_R                       ? 
_refine.ls_wR_factor_R_free                      ? 
_refine.ls_wR_factor_R_work                      ? 
_refine.overall_FOM_free_R_set                   ? 
_refine.overall_FOM_work_R_set                   ? 
_refine.pdbx_overall_phase_error                 ? 
_refine.pdbx_refine_id                           'X-RAY DIFFRACTION' 
_refine.pdbx_diffrn_id                           1 
_refine.pdbx_TLS_residual_ADP_flag               ? 
_refine.pdbx_overall_SU_R_free_Cruickshank_DPI   ? 
_refine.pdbx_overall_SU_R_Blow_DPI               ? 
_refine.pdbx_overall_SU_R_free_Blow_DPI          ? 
# 
_refine_analyze.entry_id                        3KH0 
_refine_analyze.Luzzati_coordinate_error_obs    0.256 
_refine_analyze.Luzzati_sigma_a_obs             ? 
_refine_analyze.Luzzati_d_res_low_obs           ? 
_refine_analyze.Luzzati_coordinate_error_free   ? 
_refine_analyze.Luzzati_sigma_a_free            ? 
_refine_analyze.Luzzati_d_res_low_free          ? 
_refine_analyze.number_disordered_residues      ? 
_refine_analyze.occupancy_sum_non_hydrogen      ? 
_refine_analyze.occupancy_sum_hydrogen          ? 
_refine_analyze.pdbx_Luzzati_d_res_high_obs     ? 
_refine_analyze.pdbx_refine_id                  'X-RAY DIFFRACTION' 
# 
_refine_hist.pdbx_refine_id                   'X-RAY DIFFRACTION' 
_refine_hist.cycle_id                         LAST 
_refine_hist.pdbx_number_atoms_protein        1612 
_refine_hist.pdbx_number_atoms_nucleic_acid   0 
_refine_hist.pdbx_number_atoms_ligand         4 
_refine_hist.number_atoms_solvent             55 
_refine_hist.number_atoms_total               1671 
_refine_hist.d_res_high                       2.100 
_refine_hist.d_res_low                        31.680 
# 
_refine_ls_shell.d_res_high                       2.100 
_refine_ls_shell.d_res_low                        2.270 
_refine_ls_shell.pdbx_total_number_of_bins_used   7 
_refine_ls_shell.percent_reflns_obs               ? 
_refine_ls_shell.number_reflns_R_work             2475 
_refine_ls_shell.R_factor_all                     0.220 
_refine_ls_shell.R_factor_R_work                  0.215 
_refine_ls_shell.R_factor_R_free                  0.299 
_refine_ls_shell.percent_reflns_R_free            4.770 
_refine_ls_shell.number_reflns_R_free             124 
_refine_ls_shell.R_factor_R_free_error            ? 
_refine_ls_shell.number_reflns_all                2599 
_refine_ls_shell.number_reflns_obs                ? 
_refine_ls_shell.redundancy_reflns_obs            ? 
_refine_ls_shell.pdbx_refine_id                   'X-RAY DIFFRACTION' 
# 
_struct.entry_id                  3KH0 
_struct.title                     'Crystal structure of the Ras-association (RA) domain of RALGDS' 
_struct.pdbx_model_details        ? 
_struct.pdbx_CASP_flag            ? 
_struct.pdbx_model_type_details   ? 
# 
_struct_keywords.entry_id        3KH0 
_struct_keywords.text            
;Structural genomics consortium, sgc, ras-association domain, Alternative splicing, Guanine-nucleotide releasing factor, SIGNALING PROTEIN
;
_struct_keywords.pdbx_keywords   'SIGNALING PROTEIN' 
# 
loop_
_struct_asym.id 
_struct_asym.pdbx_blank_PDB_chainid_flag 
_struct_asym.pdbx_modified 
_struct_asym.entity_id 
_struct_asym.details 
A N N 1 ? 
B N N 1 ? 
C N N 2 ? 
D N N 2 ? 
E N N 2 ? 
F N N 2 ? 
G N N 3 ? 
H N N 3 ? 
# 
_struct_biol.id        1 
_struct_biol.details   ? 
# 
loop_
_struct_conf.conf_type_id 
_struct_conf.id 
_struct_conf.pdbx_PDB_helix_id 
_struct_conf.beg_label_comp_id 
_struct_conf.beg_label_asym_id 
_struct_conf.beg_label_seq_id 
_struct_conf.pdbx_beg_PDB_ins_code 
_struct_conf.end_label_comp_id 
_struct_conf.end_label_asym_id 
_struct_conf.end_label_seq_id 
_struct_conf.pdbx_end_PDB_ins_code 
_struct_conf.beg_auth_comp_id 
_struct_conf.beg_auth_asym_id 
_struct_conf.beg_auth_seq_id 
_struct_conf.end_auth_comp_id 
_struct_conf.end_auth_asym_id 
_struct_conf.end_auth_seq_id 
_struct_conf.pdbx_PDB_helix_class 
_struct_conf.details 
_struct_conf.pdbx_PDB_helix_length 
HELX_P HELX_P1 1 LYS A 50 ? HIS A 62 ? LYS A 824 HIS A 836 1 ? 13 
HELX_P HELX_P2 2 GLU A 68 ? GLU A 70 ? GLU A 842 GLU A 844 5 ? 3  
HELX_P HELX_P3 3 ASN A 91 ? MET A 96 ? ASN A 865 MET A 870 1 ? 6  
HELX_P HELX_P4 4 LYS B 50 ? HIS B 62 ? LYS B 824 HIS B 836 1 ? 13 
HELX_P HELX_P5 5 GLU B 68 ? GLU B 70 ? GLU B 842 GLU B 844 5 ? 3  
HELX_P HELX_P6 6 ASN B 91 ? MET B 96 ? ASN B 865 MET B 870 1 ? 6  
# 
_struct_conf_type.id          HELX_P 
_struct_conf_type.criteria    ? 
_struct_conf_type.reference   ? 
# 
loop_
_struct_sheet.id 
_struct_sheet.type 
_struct_sheet.number_strands 
_struct_sheet.details 
A ? 6 ? 
B ? 6 ? 
# 
loop_
_struct_sheet_order.sheet_id 
_struct_sheet_order.range_id_1 
_struct_sheet_order.range_id_2 
_struct_sheet_order.offset 
_struct_sheet_order.sense 
A 1 2 ? anti-parallel 
A 2 3 ? parallel      
A 3 4 ? anti-parallel 
A 4 5 ? anti-parallel 
A 5 6 ? parallel      
B 1 2 ? parallel      
B 2 3 ? anti-parallel 
B 3 4 ? anti-parallel 
B 4 5 ? parallel      
B 5 6 ? anti-parallel 
# 
loop_
_struct_sheet_range.sheet_id 
_struct_sheet_range.id 
_struct_sheet_range.beg_label_comp_id 
_struct_sheet_range.beg_label_asym_id 
_struct_sheet_range.beg_label_seq_id 
_struct_sheet_range.pdbx_beg_PDB_ins_code 
_struct_sheet_range.end_label_comp_id 
_struct_sheet_range.end_label_asym_id 
_struct_sheet_range.end_label_seq_id 
_struct_sheet_range.pdbx_end_PDB_ins_code 
_struct_sheet_range.beg_auth_comp_id 
_struct_sheet_range.beg_auth_asym_id 
_struct_sheet_range.beg_auth_seq_id 
_struct_sheet_range.end_auth_comp_id 
_struct_sheet_range.end_auth_asym_id 
_struct_sheet_range.end_auth_seq_id 
A 1 ASN A 38  ? THR A 46  ? ASN A 812 THR A 820 
A 2 CYS A 25  ? ASP A 33  ? CYS A 799 ASP A 807 
A 3 ASP A 103 ? LYS A 108 ? ASP A 877 LYS A 882 
A 4 TYR A 72  ? SER A 79  ? TYR A 846 SER A 853 
A 5 ARG A 82  ? LYS A 85  ? ARG A 856 LYS A 859 
A 6 LYS B 116 ? LYS B 118 ? LYS B 890 LYS B 892 
B 1 VAL A 117 ? LYS A 118 ? VAL A 891 LYS A 892 
B 2 LYS B 83  ? LYS B 85  ? LYS B 857 LYS B 859 
B 3 TYR B 72  ? ILE B 77  ? TYR B 846 ILE B 851 
B 4 ASP B 103 ? LYS B 108 ? ASP B 877 LYS B 882 
B 5 CYS B 25  ? ASP B 33  ? CYS B 799 ASP B 807 
B 6 ASN B 38  ? THR B 46  ? ASN B 812 THR B 820 
# 
loop_
_pdbx_struct_sheet_hbond.sheet_id 
_pdbx_struct_sheet_hbond.range_id_1 
_pdbx_struct_sheet_hbond.range_id_2 
_pdbx_struct_sheet_hbond.range_1_label_atom_id 
_pdbx_struct_sheet_hbond.range_1_label_comp_id 
_pdbx_struct_sheet_hbond.range_1_label_asym_id 
_pdbx_struct_sheet_hbond.range_1_label_seq_id 
_pdbx_struct_sheet_hbond.range_1_PDB_ins_code 
_pdbx_struct_sheet_hbond.range_1_auth_atom_id 
_pdbx_struct_sheet_hbond.range_1_auth_comp_id 
_pdbx_struct_sheet_hbond.range_1_auth_asym_id 
_pdbx_struct_sheet_hbond.range_1_auth_seq_id 
_pdbx_struct_sheet_hbond.range_2_label_atom_id 
_pdbx_struct_sheet_hbond.range_2_label_comp_id 
_pdbx_struct_sheet_hbond.range_2_label_asym_id 
_pdbx_struct_sheet_hbond.range_2_label_seq_id 
_pdbx_struct_sheet_hbond.range_2_PDB_ins_code 
_pdbx_struct_sheet_hbond.range_2_auth_atom_id 
_pdbx_struct_sheet_hbond.range_2_auth_comp_id 
_pdbx_struct_sheet_hbond.range_2_auth_asym_id 
_pdbx_struct_sheet_hbond.range_2_auth_seq_id 
A 1 2 O VAL A 45  ? O VAL A 819 N CYS A 26  ? N CYS A 800 
A 2 3 N SER A 31  ? N SER A 805 O PHE A 104 ? O PHE A 878 
A 3 4 O ASP A 103 ? O ASP A 877 N ILE A 77  ? N ILE A 851 
A 4 5 N GLN A 76  ? N GLN A 850 O LEU A 84  ? O LEU A 858 
A 5 6 N LYS A 83  ? N LYS A 857 O LYS B 118 ? O LYS B 892 
B 1 2 N LYS A 118 ? N LYS A 892 O LYS B 83  ? O LYS B 857 
B 2 3 O LEU B 84  ? O LEU B 858 N GLN B 76  ? N GLN B 850 
B 3 4 N ILE B 77  ? N ILE B 851 O ASP B 103 ? O ASP B 877 
B 4 5 O PHE B 104 ? O PHE B 878 N SER B 31  ? N SER B 805 
B 5 6 N VAL B 30  ? N VAL B 804 O LYS B 41  ? O LYS B 815 
# 
_atom_sites.entry_id                    3KH0 
_atom_sites.fract_transf_matrix[1][1]   0.00610397 
_atom_sites.fract_transf_matrix[1][2]   0.00574116 
_atom_sites.fract_transf_matrix[1][3]   -0.00718775 
_atom_sites.fract_transf_matrix[2][1]   0.01046182 
_atom_sites.fract_transf_matrix[2][2]   0.00254583 
_atom_sites.fract_transf_matrix[2][3]   0.00243941 
_atom_sites.fract_transf_matrix[3][1]   0.00768596 
_atom_sites.fract_transf_matrix[3][2]   -0.02143412 
_atom_sites.fract_transf_matrix[3][3]   -0.01059328 
_atom_sites.fract_transf_vector[1]      0.255264 
_atom_sites.fract_transf_vector[2]      -0.153628 
_atom_sites.fract_transf_vector[3]      -0.353043 
# 
loop_
_atom_type.symbol 
C 
N 
O 
S 
X 
# 
loop_
_atom_site.group_PDB 
_atom_site.id 
_atom_site.type_symbol 
_atom_site.label_atom_id 
_atom_site.label_alt_id 
_atom_site.label_comp_id 
_atom_site.label_asym_id 
_atom_site.label_entity_id 
_atom_site.label_seq_id 
_atom_site.pdbx_PDB_ins_code 
_atom_site.Cartn_x 
_atom_site.Cartn_y 
_atom_site.Cartn_z 
_atom_site.occupancy 
_atom_site.B_iso_or_equiv 
_atom_site.pdbx_formal_charge 
_atom_site.auth_seq_id 
_atom_site.auth_comp_id 
_atom_site.auth_asym_id 
_atom_site.auth_atom_id 
_atom_site.pdbx_PDB_model_num 
ATOM   1    N N   . ASN A 1 13  ? 31.035  -13.329 4.248   1.00 25.70  ? 787 ASN A N   1 
ATOM   2    C CA  . ASN A 1 13  ? 30.304  -13.350 2.987   1.00 24.79  ? 787 ASN A CA  1 
ATOM   3    C C   . ASN A 1 13  ? 28.831  -13.118 3.214   1.00 27.66  ? 787 ASN A C   1 
ATOM   4    O O   . ASN A 1 13  ? 28.318  -13.444 4.279   1.00 27.19  ? 787 ASN A O   1 
ATOM   5    C CB  . ASN A 1 13  ? 30.466  -14.720 2.298   1.00 21.86  ? 787 ASN A CB  1 
ATOM   6    C CG  . ASN A 1 13  ? 31.653  -14.855 1.388   1.00 27.17  ? 787 ASN A CG  1 
ATOM   7    O OD1 . ASN A 1 13  ? 32.207  -13.874 0.910   1.00 18.72  ? 787 ASN A OD1 1 
ATOM   8    N ND2 . ASN A 1 13  ? 32.086  -16.092 1.135   1.00 17.78  ? 787 ASN A ND2 1 
ATOM   9    N N   . LEU A 1 14  ? 28.141  -12.621 2.184   1.00 24.66  ? 788 LEU A N   1 
ATOM   10   C CA  . LEU A 1 14  ? 26.688  -12.485 2.165   1.00 24.42  ? 788 LEU A CA  1 
ATOM   11   C C   . LEU A 1 14  ? 26.174  -13.761 1.506   1.00 27.27  ? 788 LEU A C   1 
ATOM   12   O O   . LEU A 1 14  ? 26.901  -14.378 0.724   1.00 26.80  ? 788 LEU A O   1 
ATOM   13   C CB  . LEU A 1 14  ? 26.247  -11.248 1.347   1.00 25.08  ? 788 LEU A CB  1 
ATOM   14   C CG  . LEU A 1 14  ? 26.599  -9.876  1.938   1.00 29.41  ? 788 LEU A CG  1 
ATOM   15   C CD1 . LEU A 1 14  ? 26.282  -8.775  0.967   1.00 28.00  ? 788 LEU A CD1 1 
ATOM   16   C CD2 . LEU A 1 14  ? 25.859  -9.639  3.255   1.00 32.93  ? 788 LEU A CD2 1 
ATOM   17   N N   . TYR A 1 15  ? 24.950  -14.178 1.825   1.00 23.94  ? 789 TYR A N   1 
ATOM   18   C CA  . TYR A 1 15  ? 24.392  -15.395 1.237   1.00 24.01  ? 789 TYR A CA  1 
ATOM   19   C C   . TYR A 1 15  ? 23.347  -15.039 0.200   1.00 23.50  ? 789 TYR A C   1 
ATOM   20   O O   . TYR A 1 15  ? 22.613  -14.067 0.374   1.00 20.32  ? 789 TYR A O   1 
ATOM   21   C CB  . TYR A 1 15  ? 23.858  -16.359 2.320   1.00 27.34  ? 789 TYR A CB  1 
ATOM   22   C CG  . TYR A 1 15  ? 24.882  -16.659 3.398   1.00 33.05  ? 789 TYR A CG  1 
ATOM   23   C CD1 . TYR A 1 15  ? 24.751  -16.132 4.679   1.00 35.60  ? 789 TYR A CD1 1 
ATOM   24   C CD2 . TYR A 1 15  ? 26.025  -17.409 3.116   1.00 35.27  ? 789 TYR A CD2 1 
ATOM   25   C CE1 . TYR A 1 15  ? 25.707  -16.377 5.665   1.00 38.82  ? 789 TYR A CE1 1 
ATOM   26   C CE2 . TYR A 1 15  ? 26.990  -17.658 4.092   1.00 36.55  ? 789 TYR A CE2 1 
ATOM   27   C CZ  . TYR A 1 15  ? 26.824  -17.142 5.367   1.00 46.29  ? 789 TYR A CZ  1 
ATOM   28   O OH  . TYR A 1 15  ? 27.773  -17.375 6.336   1.00 49.70  ? 789 TYR A OH  1 
ATOM   29   N N   . PHE A 1 16  ? 23.316  -15.795 -0.910  1.00 18.63  ? 790 PHE A N   1 
ATOM   30   C CA  . PHE A 1 16  ? 22.384  -15.515 -2.004  1.00 17.06  ? 790 PHE A CA  1 
ATOM   31   C C   . PHE A 1 16  ? 21.764  -16.780 -2.527  1.00 20.22  ? 790 PHE A C   1 
ATOM   32   O O   . PHE A 1 16  ? 22.214  -17.887 -2.217  1.00 18.17  ? 790 PHE A O   1 
ATOM   33   C CB  . PHE A 1 16  ? 23.107  -14.813 -3.171  1.00 18.61  ? 790 PHE A CB  1 
ATOM   34   C CG  . PHE A 1 16  ? 23.789  -13.510 -2.849  1.00 19.99  ? 790 PHE A CG  1 
ATOM   35   C CD1 . PHE A 1 16  ? 25.167  -13.460 -2.643  1.00 22.63  ? 790 PHE A CD1 1 
ATOM   36   C CD2 . PHE A 1 16  ? 23.061  -12.322 -2.776  1.00 20.61  ? 790 PHE A CD2 1 
ATOM   37   C CE1 . PHE A 1 16  ? 25.812  -12.240 -2.376  1.00 23.30  ? 790 PHE A CE1 1 
ATOM   38   C CE2 . PHE A 1 16  ? 23.704  -11.104 -2.493  1.00 23.41  ? 790 PHE A CE2 1 
ATOM   39   C CZ  . PHE A 1 16  ? 25.074  -11.072 -2.287  1.00 21.77  ? 790 PHE A CZ  1 
ATOM   40   N N   . GLN A 1 17  ? 20.738  -16.613 -3.353  1.00 18.28  ? 791 GLN A N   1 
ATOM   41   C CA  . GLN A 1 17  ? 20.056  -17.728 -3.996  1.00 19.27  ? 791 GLN A CA  1 
ATOM   42   C C   . GLN A 1 17  ? 19.771  -17.449 -5.468  1.00 23.88  ? 791 GLN A C   1 
ATOM   43   O O   . GLN A 1 17  ? 19.576  -16.293 -5.851  1.00 22.29  ? 791 GLN A O   1 
ATOM   44   C CB  . GLN A 1 17  ? 18.829  -18.195 -3.199  1.00 21.07  ? 791 GLN A CB  1 
ATOM   45   C CG  . GLN A 1 17  ? 17.777  -17.129 -2.890  1.00 34.70  ? 791 GLN A CG  1 
ATOM   46   C CD  . GLN A 1 17  ? 16.627  -17.706 -2.079  1.00 39.07  ? 791 GLN A CD  1 
ATOM   47   O OE1 . GLN A 1 17  ? 16.270  -18.878 -2.212  1.00 26.72  ? 791 GLN A OE1 1 
ATOM   48   N NE2 . GLN A 1 17  ? 16.018  -16.894 -1.219  1.00 29.92  ? 791 GLN A NE2 1 
ATOM   49   N N   . GLY A 1 18  ? 19.816  -18.501 -6.281  1.00 21.37  ? 792 GLY A N   1 
ATOM   50   C CA  . GLY A 1 18  ? 19.610  -18.404 -7.718  1.00 21.86  ? 792 GLY A CA  1 
ATOM   51   C C   . GLY A 1 18  ? 19.287  -19.740 -8.337  1.00 27.59  ? 792 GLY A C   1 
ATOM   52   O O   . GLY A 1 18  ? 19.745  -20.776 -7.859  1.00 27.72  ? 792 GLY A O   1 
ATOM   53   N N   . ASN A 1 19  ? 18.467  -19.724 -9.382  1.00 25.63  ? 793 ASN A N   1 
ATOM   54   C CA  . ASN A 1 19  ? 18.042  -20.938 -10.057 1.00 26.18  ? 793 ASN A CA  1 
ATOM   55   C C   . ASN A 1 19  ? 18.745  -21.072 -11.413 1.00 31.34  ? 793 ASN A C   1 
ATOM   56   O O   . ASN A 1 19  ? 18.138  -21.426 -12.422 1.00 32.22  ? 793 ASN A O   1 
ATOM   57   C CB  . ASN A 1 19  ? 16.506  -20.963 -10.177 1.00 25.82  ? 793 ASN A CB  1 
ATOM   58   C CG  . ASN A 1 19  ? 15.915  -22.299 -10.580 1.00 35.40  ? 793 ASN A CG  1 
ATOM   59   O OD1 . ASN A 1 19  ? 14.796  -22.374 -11.105 1.00 30.11  ? 793 ASN A OD1 1 
ATOM   60   N ND2 . ASN A 1 19  ? 16.654  -23.377 -10.371 1.00 23.84  ? 793 ASN A ND2 1 
ATOM   61   N N   . GLN A 1 20  ? 20.037  -20.773 -11.428 1.00 26.87  ? 794 GLN A N   1 
ATOM   62   C CA  . GLN A 1 20  ? 20.839  -20.824 -12.639 1.00 26.15  ? 794 GLN A CA  1 
ATOM   63   C C   . GLN A 1 20  ? 22.152  -21.488 -12.298 1.00 28.69  ? 794 GLN A C   1 
ATOM   64   O O   . GLN A 1 20  ? 22.750  -21.207 -11.262 1.00 29.36  ? 794 GLN A O   1 
ATOM   65   C CB  . GLN A 1 20  ? 21.037  -19.412 -13.214 1.00 27.22  ? 794 GLN A CB  1 
ATOM   66   C CG  . GLN A 1 20  ? 21.558  -19.399 -14.642 1.00 24.32  ? 794 GLN A CG  1 
ATOM   67   C CD  . GLN A 1 20  ? 21.478  -18.025 -15.252 1.00 40.53  ? 794 GLN A CD  1 
ATOM   68   O OE1 . GLN A 1 20  ? 20.420  -17.388 -15.276 1.00 34.22  ? 794 GLN A OE1 1 
ATOM   69   N NE2 . GLN A 1 20  ? 22.584  -17.553 -15.797 1.00 31.54  ? 794 GLN A NE2 1 
ATOM   70   N N   . GLN A 1 21  ? 22.554  -22.412 -13.148 1.00 23.90  ? 795 GLN A N   1 
ATOM   71   C CA  . GLN A 1 21  ? 23.743  -23.241 -12.993 1.00 23.44  ? 795 GLN A CA  1 
ATOM   72   C C   . GLN A 1 21  ? 25.027  -22.537 -13.425 1.00 23.52  ? 795 GLN A C   1 
ATOM   73   O O   . GLN A 1 21  ? 26.101  -22.859 -12.925 1.00 20.71  ? 795 GLN A O   1 
ATOM   74   C CB  . GLN A 1 21  ? 23.550  -24.478 -13.873 1.00 25.07  ? 795 GLN A CB  1 
ATOM   75   C CG  . GLN A 1 21  ? 24.236  -25.713 -13.358 1.00 49.91  ? 795 GLN A CG  1 
ATOM   76   C CD  . GLN A 1 21  ? 24.005  -26.833 -14.325 1.00 72.05  ? 795 GLN A CD  1 
ATOM   77   O OE1 . GLN A 1 21  ? 24.690  -26.955 -15.356 1.00 63.33  ? 795 GLN A OE1 1 
ATOM   78   N NE2 . GLN A 1 21  ? 23.032  -27.679 -14.010 1.00 68.31  ? 795 GLN A NE2 1 
ATOM   79   N N   . VAL A 1 22  ? 24.923  -21.641 -14.419 1.00 20.69  ? 796 VAL A N   1 
ATOM   80   C CA  . VAL A 1 22  ? 26.073  -20.972 -15.005 1.00 21.23  ? 796 VAL A CA  1 
ATOM   81   C C   . VAL A 1 22  ? 25.601  -19.702 -15.706 1.00 24.40  ? 796 VAL A C   1 
ATOM   82   O O   . VAL A 1 22  ? 24.436  -19.622 -16.085 1.00 23.51  ? 796 VAL A O   1 
ATOM   83   C CB  . VAL A 1 22  ? 26.774  -21.986 -15.973 1.00 26.78  ? 796 VAL A CB  1 
ATOM   84   C CG1 . VAL A 1 22  ? 26.075  -22.097 -17.336 1.00 27.02  ? 796 VAL A CG1 1 
ATOM   85   C CG2 . VAL A 1 22  ? 28.245  -21.686 -16.124 1.00 27.11  ? 796 VAL A CG2 1 
ATOM   86   N N   . GLY A 1 23  ? 26.500  -18.740 -15.893 1.00 20.89  ? 797 GLY A N   1 
ATOM   87   C CA  . GLY A 1 23  ? 26.184  -17.520 -16.631 1.00 19.87  ? 797 GLY A CA  1 
ATOM   88   C C   . GLY A 1 23  ? 26.197  -16.230 -15.846 1.00 22.33  ? 797 GLY A C   1 
ATOM   89   O O   . GLY A 1 23  ? 26.435  -16.221 -14.640 1.00 21.34  ? 797 GLY A O   1 
ATOM   90   N N   . ASP A 1 24  ? 25.912  -15.139 -16.541 1.00 20.64  ? 798 ASP A N   1 
ATOM   91   C CA  . ASP A 1 24  ? 25.921  -13.778 -16.002 1.00 20.81  ? 798 ASP A CA  1 
ATOM   92   C C   . ASP A 1 24  ? 24.803  -13.448 -15.059 1.00 25.58  ? 798 ASP A C   1 
ATOM   93   O O   . ASP A 1 24  ? 23.707  -13.977 -15.174 1.00 25.31  ? 798 ASP A O   1 
ATOM   94   C CB  . ASP A 1 24  ? 25.979  -12.735 -17.128 1.00 22.07  ? 798 ASP A CB  1 
ATOM   95   C CG  . ASP A 1 24  ? 27.177  -12.882 -18.046 1.00 30.02  ? 798 ASP A CG  1 
ATOM   96   O OD1 . ASP A 1 24  ? 28.207  -13.458 -17.604 1.00 28.51  ? 798 ASP A OD1 1 
ATOM   97   O OD2 . ASP A 1 24  ? 27.080  -12.451 -19.210 1.00 33.91  ? 798 ASP A OD2 1 
ATOM   98   N N   . CYS A 1 25  ? 25.105  -12.585 -14.102 1.00 24.79  ? 799 CYS A N   1 
ATOM   99   C CA  . CYS A 1 25  ? 24.163  -12.047 -13.133 1.00 26.46  ? 799 CYS A CA  1 
ATOM   100  C C   . CYS A 1 25  ? 24.618  -10.730 -12.546 1.00 25.78  ? 799 CYS A C   1 
ATOM   101  O O   . CYS A 1 25  ? 25.646  -10.190 -12.944 1.00 23.28  ? 799 CYS A O   1 
ATOM   102  C CB  . CYS A 1 25  ? 23.745  -13.052 -12.053 1.00 29.13  ? 799 CYS A CB  1 
ATOM   103  S SG  . CYS A 1 25  ? 24.992  -14.267 -11.592 1.00 34.47  ? 799 CYS A SG  1 
ATOM   104  N N   . CYS A 1 26  ? 23.813  -10.173 -11.653 1.00 21.74  ? 800 CYS A N   1 
ATOM   105  C CA  . CYS A 1 26  ? 24.160  -8.957  -10.961 1.00 22.07  ? 800 CYS A CA  1 
ATOM   106  C C   . CYS A 1 26  ? 23.569  -8.983  -9.578  1.00 23.11  ? 800 CYS A C   1 
ATOM   107  O O   . CYS A 1 26  ? 22.581  -9.674  -9.336  1.00 21.91  ? 800 CYS A O   1 
ATOM   108  C CB  . CYS A 1 26  ? 23.755  -7.707  -11.743 1.00 23.63  ? 800 CYS A CB  1 
ATOM   109  S SG  . CYS A 1 26  ? 21.972  -7.483  -11.925 1.00 28.39  ? 800 CYS A SG  1 
ATOM   110  N N   . ILE A 1 27  ? 24.222  -8.298  -8.651  1.00 17.40  ? 801 ILE A N   1 
ATOM   111  C CA  . ILE A 1 27  ? 23.742  -8.187  -7.290  1.00 16.73  ? 801 ILE A CA  1 
ATOM   112  C C   . ILE A 1 27  ? 23.075  -6.827  -7.239  1.00 19.95  ? 801 ILE A C   1 
ATOM   113  O O   . ILE A 1 27  ? 23.687  -5.830  -7.636  1.00 20.46  ? 801 ILE A O   1 
ATOM   114  C CB  . ILE A 1 27  ? 24.862  -8.376  -6.229  1.00 19.85  ? 801 ILE A CB  1 
ATOM   115  C CG1 . ILE A 1 27  ? 25.413  -9.831  -6.275  1.00 20.59  ? 801 ILE A CG1 1 
ATOM   116  C CG2 . ILE A 1 27  ? 24.316  -8.064  -4.823  1.00 20.09  ? 801 ILE A CG2 1 
ATOM   117  C CD1 . ILE A 1 27  ? 26.786  -10.024 -5.600  1.00 28.30  ? 801 ILE A CD1 1 
ATOM   118  N N   . ILE A 1 28  ? 21.786  -6.803  -6.867  1.00 13.98  ? 802 ILE A N   1 
ATOM   119  C CA  . ILE A 1 28  ? 21.022  -5.564  -6.755  1.00 12.81  ? 802 ILE A CA  1 
ATOM   120  C C   . ILE A 1 28  ? 20.711  -5.338  -5.286  1.00 16.66  ? 802 ILE A C   1 
ATOM   121  O O   . ILE A 1 28  ? 20.857  -6.264  -4.497  1.00 16.63  ? 802 ILE A O   1 
ATOM   122  C CB  . ILE A 1 28  ? 19.744  -5.585  -7.642  1.00 15.74  ? 802 ILE A CB  1 
ATOM   123  C CG1 . ILE A 1 28  ? 18.658  -6.552  -7.076  1.00 16.65  ? 802 ILE A CG1 1 
ATOM   124  C CG2 . ILE A 1 28  ? 20.099  -5.895  -9.116  1.00 14.65  ? 802 ILE A CG2 1 
ATOM   125  C CD1 . ILE A 1 28  ? 17.238  -6.376  -7.609  1.00 23.86  ? 802 ILE A CD1 1 
ATOM   126  N N   . ARG A 1 29  ? 20.318  -4.120  -4.916  1.00 14.47  ? 803 ARG A N   1 
ATOM   127  C CA  . ARG A 1 29  ? 19.930  -3.815  -3.547  1.00 15.99  ? 803 ARG A CA  1 
ATOM   128  C C   . ARG A 1 29  ? 18.445  -3.516  -3.530  1.00 20.51  ? 803 ARG A C   1 
ATOM   129  O O   . ARG A 1 29  ? 17.982  -2.664  -4.280  1.00 20.33  ? 803 ARG A O   1 
ATOM   130  C CB  . ARG A 1 29  ? 20.766  -2.686  -2.941  1.00 16.20  ? 803 ARG A CB  1 
ATOM   131  C CG  . ARG A 1 29  ? 22.183  -3.134  -2.587  1.00 24.53  ? 803 ARG A CG  1 
ATOM   132  C CD  . ARG A 1 29  ? 23.192  -2.002  -2.594  1.00 37.34  ? 803 ARG A CD  1 
ATOM   133  N NE  . ARG A 1 29  ? 22.749  -0.837  -1.829  1.00 59.81  ? 803 ARG A NE  1 
ATOM   134  C CZ  . ARG A 1 29  ? 23.537  0.173   -1.475  1.00 84.27  ? 803 ARG A CZ  1 
ATOM   135  N NH1 . ARG A 1 29  ? 24.829  0.162   -1.792  1.00 75.79  ? 803 ARG A NH1 1 
ATOM   136  N NH2 . ARG A 1 29  ? 23.044  1.196   -0.786  1.00 71.15  ? 803 ARG A NH2 1 
ATOM   137  N N   . VAL A 1 30  ? 17.692  -4.280  -2.728  1.00 16.89  ? 804 VAL A N   1 
ATOM   138  C CA  . VAL A 1 30  ? 16.238  -4.157  -2.657  1.00 15.95  ? 804 VAL A CA  1 
ATOM   139  C C   . VAL A 1 30  ? 15.839  -3.623  -1.289  1.00 20.23  ? 804 VAL A C   1 
ATOM   140  O O   . VAL A 1 30  ? 16.112  -4.243  -0.256  1.00 18.13  ? 804 VAL A O   1 
ATOM   141  C CB  . VAL A 1 30  ? 15.504  -5.485  -2.999  1.00 18.88  ? 804 VAL A CB  1 
ATOM   142  C CG1 . VAL A 1 30  ? 13.995  -5.279  -3.079  1.00 18.54  ? 804 VAL A CG1 1 
ATOM   143  C CG2 . VAL A 1 30  ? 16.029  -6.089  -4.296  1.00 18.46  ? 804 VAL A CG2 1 
ATOM   144  N N   . SER A 1 31  ? 15.173  -2.470  -1.317  1.00 18.56  ? 805 SER A N   1 
ATOM   145  C CA  . SER A 1 31  ? 14.670  -1.754  -0.167  1.00 19.28  ? 805 SER A CA  1 
ATOM   146  C C   . SER A 1 31  ? 13.229  -2.127  0.161   1.00 23.50  ? 805 SER A C   1 
ATOM   147  O O   . SER A 1 31  ? 12.409  -2.352  -0.734  1.00 22.76  ? 805 SER A O   1 
ATOM   148  C CB  . SER A 1 31  ? 14.729  -0.256  -0.442  1.00 24.29  ? 805 SER A CB  1 
ATOM   149  O OG  . SER A 1 31  ? 14.210  0.482   0.650   1.00 37.96  ? 805 SER A OG  1 
ATOM   150  N N   . LEU A 1 32  ? 12.925  -2.129  1.460   1.00 21.89  ? 806 LEU A N   1 
ATOM   151  C CA  . LEU A 1 32  ? 11.585  -2.297  2.022   1.00 22.53  ? 806 LEU A CA  1 
ATOM   152  C C   . LEU A 1 32  ? 11.438  -1.222  3.110   1.00 28.86  ? 806 LEU A C   1 
ATOM   153  O O   . LEU A 1 32  ? 12.333  -1.082  3.967   1.00 27.13  ? 806 LEU A O   1 
ATOM   154  C CB  . LEU A 1 32  ? 11.358  -3.711  2.626   1.00 22.49  ? 806 LEU A CB  1 
ATOM   155  C CG  . LEU A 1 32  ? 9.963   -3.985  3.243   1.00 26.31  ? 806 LEU A CG  1 
ATOM   156  C CD1 . LEU A 1 32  ? 8.886   -4.131  2.171   1.00 26.92  ? 806 LEU A CD1 1 
ATOM   157  C CD2 . LEU A 1 32  ? 9.974   -5.211  4.117   1.00 27.23  ? 806 LEU A CD2 1 
ATOM   158  N N   . ASP A 1 33  ? 10.322  -0.465  3.066   1.00 28.19  ? 807 ASP A N   1 
ATOM   159  C CA  . ASP A 1 33  ? 9.997   0.553   4.075   1.00 30.10  ? 807 ASP A CA  1 
ATOM   160  C C   . ASP A 1 33  ? 9.591   -0.193  5.360   1.00 38.05  ? 807 ASP A C   1 
ATOM   161  O O   . ASP A 1 33  ? 8.573   -0.889  5.371   1.00 38.08  ? 807 ASP A O   1 
ATOM   162  C CB  . ASP A 1 33  ? 8.869   1.482   3.577   1.00 31.93  ? 807 ASP A CB  1 
ATOM   163  N N   . VAL A 1 34  ? 10.446  -0.129  6.397   1.00 38.00  ? 808 VAL A N   1 
ATOM   164  C CA  . VAL A 1 34  ? 10.258  -0.804  7.688   1.00 39.66  ? 808 VAL A CA  1 
ATOM   165  C C   . VAL A 1 34  ? 10.967  -0.051  8.828   1.00 48.97  ? 808 VAL A C   1 
ATOM   166  O O   . VAL A 1 34  ? 12.040  0.526   8.603   1.00 49.46  ? 808 VAL A O   1 
ATOM   167  C CB  . VAL A 1 34  ? 10.758  -2.262  7.616   1.00 43.41  ? 808 VAL A CB  1 
ATOM   168  N N   . ASP A 1 35  ? 10.371  -0.086  10.057  1.00 47.89  ? 809 ASP A N   1 
ATOM   169  C CA  . ASP A 1 35  ? 10.868  0.528   11.311  1.00 48.51  ? 809 ASP A CA  1 
ATOM   170  C C   . ASP A 1 35  ? 11.301  1.984   11.147  1.00 51.69  ? 809 ASP A C   1 
ATOM   171  O O   . ASP A 1 35  ? 12.444  2.320   11.491  1.00 51.95  ? 809 ASP A O   1 
ATOM   172  C CB  . ASP A 1 35  ? 12.033  -0.287  11.926  1.00 51.15  ? 809 ASP A CB  1 
ATOM   173  C CG  . ASP A 1 35  ? 11.785  -1.761  12.150  1.00 67.55  ? 809 ASP A CG  1 
ATOM   174  O OD1 . ASP A 1 35  ? 10.641  -2.126  12.521  1.00 68.42  ? 809 ASP A OD1 1 
ATOM   175  O OD2 . ASP A 1 35  ? 12.749  -2.548  12.014  1.00 76.63  ? 809 ASP A OD2 1 
ATOM   176  N N   . ASN A 1 36  ? 10.398  2.842   10.621  1.00 46.46  ? 810 ASN A N   1 
ATOM   177  C CA  . ASN A 1 36  ? 10.668  4.259   10.356  1.00 45.93  ? 810 ASN A CA  1 
ATOM   178  C C   . ASN A 1 36  ? 12.018  4.413   9.616   1.00 48.35  ? 810 ASN A C   1 
ATOM   179  O O   . ASN A 1 36  ? 13.001  4.904   10.177  1.00 49.78  ? 810 ASN A O   1 
ATOM   180  C CB  . ASN A 1 36  ? 10.599  5.090   11.653  1.00 48.59  ? 810 ASN A CB  1 
ATOM   181  C CG  . ASN A 1 36  ? 9.201   5.443   12.113  1.00 74.25  ? 810 ASN A CG  1 
ATOM   182  O OD1 . ASN A 1 36  ? 8.192   4.883   11.656  1.00 67.69  ? 810 ASN A OD1 1 
ATOM   183  N ND2 . ASN A 1 36  ? 9.114   6.399   13.032  1.00 67.35  ? 810 ASN A ND2 1 
ATOM   184  N N   . GLY A 1 37  ? 12.060  3.882   8.402   1.00 40.66  ? 811 GLY A N   1 
ATOM   185  C CA  . GLY A 1 37  ? 13.243  3.884   7.554   1.00 38.67  ? 811 GLY A CA  1 
ATOM   186  C C   . GLY A 1 37  ? 13.115  2.926   6.388   1.00 38.53  ? 811 GLY A C   1 
ATOM   187  O O   . GLY A 1 37  ? 12.018  2.438   6.105   1.00 37.53  ? 811 GLY A O   1 
ATOM   188  N N   . ASN A 1 38  ? 14.234  2.671   5.696   1.00 31.57  ? 812 ASN A N   1 
ATOM   189  C CA  . ASN A 1 38  ? 14.292  1.761   4.558   1.00 29.71  ? 812 ASN A CA  1 
ATOM   190  C C   . ASN A 1 38  ? 15.469  0.843   4.742   1.00 30.04  ? 812 ASN A C   1 
ATOM   191  O O   . ASN A 1 38  ? 16.611  1.307   4.760   1.00 29.12  ? 812 ASN A O   1 
ATOM   192  C CB  . ASN A 1 38  ? 14.450  2.519   3.239   1.00 31.72  ? 812 ASN A CB  1 
ATOM   193  C CG  . ASN A 1 38  ? 13.291  3.413   2.895   1.00 60.47  ? 812 ASN A CG  1 
ATOM   194  O OD1 . ASN A 1 38  ? 12.238  2.974   2.406   1.00 53.23  ? 812 ASN A OD1 1 
ATOM   195  N ND2 . ASN A 1 38  ? 13.479  4.696   3.129   1.00 53.57  ? 812 ASN A ND2 1 
ATOM   196  N N   . MET A 1 39  ? 15.193  -0.458  4.899   1.00 25.02  ? 813 MET A N   1 
ATOM   197  C CA  . MET A 1 39  ? 16.223  -1.475  5.017   1.00 23.38  ? 813 MET A CA  1 
ATOM   198  C C   . MET A 1 39  ? 16.504  -2.021  3.625   1.00 24.31  ? 813 MET A C   1 
ATOM   199  O O   . MET A 1 39  ? 15.587  -2.443  2.943   1.00 23.84  ? 813 MET A O   1 
ATOM   200  C CB  . MET A 1 39  ? 15.781  -2.626  5.948   1.00 25.67  ? 813 MET A CB  1 
ATOM   201  C CG  . MET A 1 39  ? 16.839  -3.725  6.105   1.00 29.32  ? 813 MET A CG  1 
ATOM   202  S SD  . MET A 1 39  ? 18.344  -3.108  6.888   1.00 34.60  ? 813 MET A SD  1 
ATOM   203  C CE  . MET A 1 39  ? 19.393  -4.543  6.803   1.00 31.20  ? 813 MET A CE  1 
ATOM   204  N N   . TYR A 1 40  ? 17.758  -2.001  3.203   1.00 20.88  ? 814 TYR A N   1 
ATOM   205  C CA  . TYR A 1 40  ? 18.173  -2.584  1.930   1.00 21.02  ? 814 TYR A CA  1 
ATOM   206  C C   . TYR A 1 40  ? 18.824  -3.951  2.198   1.00 23.99  ? 814 TYR A C   1 
ATOM   207  O O   . TYR A 1 40  ? 19.540  -4.122  3.190   1.00 22.78  ? 814 TYR A O   1 
ATOM   208  C CB  . TYR A 1 40  ? 19.197  -1.698  1.218   1.00 22.59  ? 814 TYR A CB  1 
ATOM   209  C CG  . TYR A 1 40  ? 18.615  -0.559  0.418   1.00 26.14  ? 814 TYR A CG  1 
ATOM   210  C CD1 . TYR A 1 40  ? 18.441  -0.665  -0.963  1.00 28.37  ? 814 TYR A CD1 1 
ATOM   211  C CD2 . TYR A 1 40  ? 18.342  0.669   1.014   1.00 27.36  ? 814 TYR A CD2 1 
ATOM   212  C CE1 . TYR A 1 40  ? 17.995  0.416   -1.724  1.00 28.94  ? 814 TYR A CE1 1 
ATOM   213  C CE2 . TYR A 1 40  ? 17.896  1.759   0.263   1.00 28.45  ? 814 TYR A CE2 1 
ATOM   214  C CZ  . TYR A 1 40  ? 17.733  1.631   -1.106  1.00 36.18  ? 814 TYR A CZ  1 
ATOM   215  O OH  . TYR A 1 40  ? 17.270  2.702   -1.827  1.00 38.19  ? 814 TYR A OH  1 
ATOM   216  N N   . LYS A 1 41  ? 18.565  -4.913  1.305   1.00 20.02  ? 815 LYS A N   1 
ATOM   217  C CA  . LYS A 1 41  ? 19.160  -6.250  1.323   1.00 19.07  ? 815 LYS A CA  1 
ATOM   218  C C   . LYS A 1 41  ? 19.683  -6.477  -0.076  1.00 20.51  ? 815 LYS A C   1 
ATOM   219  O O   . LYS A 1 41  ? 19.040  -6.054  -1.039  1.00 20.02  ? 815 LYS A O   1 
ATOM   220  C CB  . LYS A 1 41  ? 18.118  -7.344  1.671   1.00 21.12  ? 815 LYS A CB  1 
ATOM   221  C CG  . LYS A 1 41  ? 17.510  -7.265  3.077   1.00 26.66  ? 815 LYS A CG  1 
ATOM   222  C CD  . LYS A 1 41  ? 18.444  -7.748  4.169   1.00 24.61  ? 815 LYS A CD  1 
ATOM   223  C CE  . LYS A 1 41  ? 17.756  -7.711  5.506   1.00 27.11  ? 815 LYS A CE  1 
ATOM   224  N NZ  . LYS A 1 41  ? 18.613  -8.311  6.551   1.00 36.28  ? 815 LYS A NZ  1 
ATOM   225  N N   . SER A 1 42  ? 20.847  -7.120  -0.192  1.00 17.09  ? 816 SER A N   1 
ATOM   226  C CA  . SER A 1 42  ? 21.479  -7.443  -1.472  1.00 16.43  ? 816 SER A CA  1 
ATOM   227  C C   . SER A 1 42  ? 20.825  -8.710  -2.034  1.00 20.45  ? 816 SER A C   1 
ATOM   228  O O   . SER A 1 42  ? 20.624  -9.673  -1.285  1.00 18.73  ? 816 SER A O   1 
ATOM   229  C CB  . SER A 1 42  ? 22.975  -7.655  -1.284  1.00 18.55  ? 816 SER A CB  1 
ATOM   230  O OG  . SER A 1 42  ? 23.564  -6.403  -0.978  1.00 25.21  ? 816 SER A OG  1 
ATOM   231  N N   . ILE A 1 43  ? 20.434  -8.681  -3.326  1.00 16.85  ? 817 ILE A N   1 
ATOM   232  C CA  . ILE A 1 43  ? 19.729  -9.802  -3.973  1.00 16.76  ? 817 ILE A CA  1 
ATOM   233  C C   . ILE A 1 43  ? 20.402  -10.181 -5.268  1.00 18.42  ? 817 ILE A C   1 
ATOM   234  O O   . ILE A 1 43  ? 20.729  -9.308  -6.063  1.00 17.01  ? 817 ILE A O   1 
ATOM   235  C CB  . ILE A 1 43  ? 18.189  -9.477  -4.155  1.00 19.67  ? 817 ILE A CB  1 
ATOM   236  C CG1 . ILE A 1 43  ? 17.477  -9.233  -2.792  1.00 19.34  ? 817 ILE A CG1 1 
ATOM   237  C CG2 . ILE A 1 43  ? 17.438  -10.534 -4.984  1.00 19.38  ? 817 ILE A CG2 1 
ATOM   238  C CD1 . ILE A 1 43  ? 17.462  -10.472 -1.848  1.00 20.02  ? 817 ILE A CD1 1 
ATOM   239  N N   . LEU A 1 44  ? 20.589  -11.483 -5.481  1.00 14.86  ? 818 LEU A N   1 
ATOM   240  C CA  . LEU A 1 44  ? 21.172  -12.006 -6.707  1.00 15.29  ? 818 LEU A CA  1 
ATOM   241  C C   . LEU A 1 44  ? 20.125  -12.028 -7.847  1.00 19.15  ? 818 LEU A C   1 
ATOM   242  O O   . LEU A 1 44  ? 19.060  -12.619 -7.706  1.00 19.30  ? 818 LEU A O   1 
ATOM   243  C CB  . LEU A 1 44  ? 21.763  -13.419 -6.464  1.00 15.14  ? 818 LEU A CB  1 
ATOM   244  C CG  . LEU A 1 44  ? 22.390  -14.139 -7.695  1.00 19.24  ? 818 LEU A CG  1 
ATOM   245  C CD1 . LEU A 1 44  ? 23.614  -13.383 -8.241  1.00 18.06  ? 818 LEU A CD1 1 
ATOM   246  C CD2 . LEU A 1 44  ? 22.767  -15.569 -7.354  1.00 20.57  ? 818 LEU A CD2 1 
ATOM   247  N N   . VAL A 1 45  ? 20.432  -11.375 -8.961  1.00 15.29  ? 819 VAL A N   1 
ATOM   248  C CA  . VAL A 1 45  ? 19.567  -11.397 -10.140 1.00 14.16  ? 819 VAL A CA  1 
ATOM   249  C C   . VAL A 1 45  ? 20.346  -12.130 -11.252 1.00 18.82  ? 819 VAL A C   1 
ATOM   250  O O   . VAL A 1 45  ? 21.335  -11.612 -11.744 1.00 16.25  ? 819 VAL A O   1 
ATOM   251  C CB  . VAL A 1 45  ? 19.086  -9.991  -10.597 1.00 16.49  ? 819 VAL A CB  1 
ATOM   252  C CG1 . VAL A 1 45  ? 18.307  -10.074 -11.914 1.00 15.65  ? 819 VAL A CG1 1 
ATOM   253  C CG2 . VAL A 1 45  ? 18.248  -9.316  -9.524  1.00 15.71  ? 819 VAL A CG2 1 
ATOM   254  N N   . THR A 1 46  ? 19.893  -13.328 -11.637 1.00 18.06  ? 820 THR A N   1 
ATOM   255  C CA  . THR A 1 46  ? 20.530  -14.088 -12.717 1.00 18.22  ? 820 THR A CA  1 
ATOM   256  C C   . THR A 1 46  ? 20.008  -13.550 -14.073 1.00 21.29  ? 820 THR A C   1 
ATOM   257  O O   . THR A 1 46  ? 18.939  -12.933 -14.103 1.00 19.38  ? 820 THR A O   1 
ATOM   258  C CB  . THR A 1 46  ? 20.314  -15.600 -12.523 1.00 23.72  ? 820 THR A CB  1 
ATOM   259  O OG1 . THR A 1 46  ? 18.994  -15.954 -12.928 1.00 23.24  ? 820 THR A OG1 1 
ATOM   260  C CG2 . THR A 1 46  ? 20.595  -16.066 -11.096 1.00 19.94  ? 820 THR A CG2 1 
ATOM   261  N N   . SER A 1 47  ? 20.753  -13.767 -15.174 1.00 17.76  ? 821 SER A N   1 
ATOM   262  C CA  . SER A 1 47  ? 20.341  -13.312 -16.505 1.00 17.86  ? 821 SER A CA  1 
ATOM   263  C C   . SER A 1 47  ? 18.969  -13.895 -16.960 1.00 22.96  ? 821 SER A C   1 
ATOM   264  O O   . SER A 1 47  ? 18.319  -13.310 -17.826 1.00 22.17  ? 821 SER A O   1 
ATOM   265  C CB  . SER A 1 47  ? 21.418  -13.619 -17.543 1.00 19.08  ? 821 SER A CB  1 
ATOM   266  O OG  . SER A 1 47  ? 21.594  -15.019 -17.671 1.00 23.63  ? 821 SER A OG  1 
ATOM   267  N N   . GLN A 1 48  ? 18.537  -15.021 -16.358 1.00 20.56  ? 822 GLN A N   1 
ATOM   268  C CA  . GLN A 1 48  ? 17.278  -15.706 -16.673 1.00 20.92  ? 822 GLN A CA  1 
ATOM   269  C C   . GLN A 1 48  ? 16.110  -15.410 -15.697 1.00 24.51  ? 822 GLN A C   1 
ATOM   270  O O   . GLN A 1 48  ? 14.995  -15.850 -15.953 1.00 25.95  ? 822 GLN A O   1 
ATOM   271  C CB  . GLN A 1 48  ? 17.520  -17.220 -16.773 1.00 22.43  ? 822 GLN A CB  1 
ATOM   272  C CG  . GLN A 1 48  ? 18.473  -17.643 -17.904 1.00 28.38  ? 822 GLN A CG  1 
ATOM   273  C CD  . GLN A 1 48  ? 18.913  -19.098 -17.800 1.00 53.39  ? 822 GLN A CD  1 
ATOM   274  O OE1 . GLN A 1 48  ? 18.439  -19.889 -16.964 1.00 45.76  ? 822 GLN A OE1 1 
ATOM   275  N NE2 . GLN A 1 48  ? 19.850  -19.485 -18.654 1.00 52.27  ? 822 GLN A NE2 1 
ATOM   276  N N   . ASP A 1 49  ? 16.352  -14.675 -14.601 1.00 18.69  ? 823 ASP A N   1 
ATOM   277  C CA  . ASP A 1 49  ? 15.328  -14.349 -13.611 1.00 17.84  ? 823 ASP A CA  1 
ATOM   278  C C   . ASP A 1 49  ? 14.293  -13.346 -14.082 1.00 21.63  ? 823 ASP A C   1 
ATOM   279  O O   . ASP A 1 49  ? 14.645  -12.263 -14.552 1.00 22.32  ? 823 ASP A O   1 
ATOM   280  C CB  . ASP A 1 49  ? 15.962  -13.812 -12.308 1.00 19.37  ? 823 ASP A CB  1 
ATOM   281  C CG  . ASP A 1 49  ? 16.554  -14.853 -11.379 1.00 24.04  ? 823 ASP A CG  1 
ATOM   282  O OD1 . ASP A 1 49  ? 16.141  -16.024 -11.458 1.00 25.55  ? 823 ASP A OD1 1 
ATOM   283  O OD2 . ASP A 1 49  ? 17.391  -14.483 -10.535 1.00 25.45  ? 823 ASP A OD2 1 
ATOM   284  N N   . LYS A 1 50  ? 13.012  -13.686 -13.896 1.00 17.29  ? 824 LYS A N   1 
ATOM   285  C CA  . LYS A 1 50  ? 11.888  -12.786 -14.135 1.00 16.69  ? 824 LYS A CA  1 
ATOM   286  C C   . LYS A 1 50  ? 11.499  -12.211 -12.764 1.00 20.13  ? 824 LYS A C   1 
ATOM   287  O O   . LYS A 1 50  ? 11.899  -12.779 -11.742 1.00 18.78  ? 824 LYS A O   1 
ATOM   288  C CB  . LYS A 1 50  ? 10.705  -13.507 -14.797 1.00 18.35  ? 824 LYS A CB  1 
ATOM   289  C CG  . LYS A 1 50  ? 10.975  -13.883 -16.247 1.00 28.53  ? 824 LYS A CG  1 
ATOM   290  C CD  . LYS A 1 50  ? 9.827   -14.650 -16.853 1.00 35.90  ? 824 LYS A CD  1 
ATOM   291  C CE  . LYS A 1 50  ? 10.091  -14.942 -18.312 1.00 46.14  ? 824 LYS A CE  1 
ATOM   292  N NZ  . LYS A 1 50  ? 8.849   -15.374 -19.008 1.00 60.35  ? 824 LYS A NZ  1 
ATOM   293  N N   . ALA A 1 51  ? 10.760  -11.069 -12.746 1.00 16.56  ? 825 ALA A N   1 
ATOM   294  C CA  . ALA A 1 51  ? 10.314  -10.350 -11.535 1.00 16.70  ? 825 ALA A CA  1 
ATOM   295  C C   . ALA A 1 51  ? 9.827   -11.249 -10.371 1.00 20.07  ? 825 ALA A C   1 
ATOM   296  O O   . ALA A 1 51  ? 10.333  -11.049 -9.258  1.00 17.88  ? 825 ALA A O   1 
ATOM   297  C CB  . ALA A 1 51  ? 9.265   -9.287  -11.888 1.00 17.01  ? 825 ALA A CB  1 
ATOM   298  N N   . PRO A 1 52  ? 8.937   -12.274 -10.603 1.00 16.99  ? 826 PRO A N   1 
ATOM   299  C CA  . PRO A 1 52  ? 8.462   -13.116 -9.484  1.00 16.61  ? 826 PRO A CA  1 
ATOM   300  C C   . PRO A 1 52  ? 9.557   -13.843 -8.708  1.00 18.93  ? 826 PRO A C   1 
ATOM   301  O O   . PRO A 1 52  ? 9.543   -13.781 -7.481  1.00 18.24  ? 826 PRO A O   1 
ATOM   302  C CB  . PRO A 1 52  ? 7.485   -14.075 -10.166 1.00 18.45  ? 826 PRO A CB  1 
ATOM   303  C CG  . PRO A 1 52  ? 7.008   -13.334 -11.354 1.00 22.97  ? 826 PRO A CG  1 
ATOM   304  C CD  . PRO A 1 52  ? 8.231   -12.645 -11.848 1.00 18.81  ? 826 PRO A CD  1 
ATOM   305  N N   . ALA A 1 53  ? 10.538  -14.463 -9.414  1.00 15.77  ? 827 ALA A N   1 
ATOM   306  C CA  . ALA A 1 53  ? 11.674  -15.157 -8.790  1.00 15.19  ? 827 ALA A CA  1 
ATOM   307  C C   . ALA A 1 53  ? 12.533  -14.191 -7.934  1.00 17.89  ? 827 ALA A C   1 
ATOM   308  O O   . ALA A 1 53  ? 12.965  -14.578 -6.852  1.00 16.29  ? 827 ALA A O   1 
ATOM   309  C CB  . ALA A 1 53  ? 12.533  -15.844 -9.854  1.00 15.19  ? 827 ALA A CB  1 
ATOM   310  N N   . VAL A 1 54  ? 12.770  -12.947 -8.423  1.00 14.57  ? 828 VAL A N   1 
ATOM   311  C CA  . VAL A 1 54  ? 13.535  -11.890 -7.729  1.00 14.03  ? 828 VAL A CA  1 
ATOM   312  C C   . VAL A 1 54  ? 12.749  -11.405 -6.510  1.00 19.37  ? 828 VAL A C   1 
ATOM   313  O O   . VAL A 1 54  ? 13.327  -11.276 -5.427  1.00 19.40  ? 828 VAL A O   1 
ATOM   314  C CB  . VAL A 1 54  ? 13.943  -10.695 -8.658  1.00 16.27  ? 828 VAL A CB  1 
ATOM   315  C CG1 . VAL A 1 54  ? 14.776  -9.657  -7.894  1.00 15.15  ? 828 VAL A CG1 1 
ATOM   316  C CG2 . VAL A 1 54  ? 14.699  -11.185 -9.887  1.00 15.81  ? 828 VAL A CG2 1 
ATOM   317  N N   . ILE A 1 55  ? 11.436  -11.126 -6.690  1.00 16.65  ? 829 ILE A N   1 
ATOM   318  C CA  . ILE A 1 55  ? 10.551  -10.710 -5.592  1.00 16.05  ? 829 ILE A CA  1 
ATOM   319  C C   . ILE A 1 55  ? 10.552  -11.752 -4.451  1.00 18.84  ? 829 ILE A C   1 
ATOM   320  O O   . ILE A 1 55  ? 10.667  -11.365 -3.280  1.00 17.65  ? 829 ILE A O   1 
ATOM   321  C CB  . ILE A 1 55  ? 9.124   -10.339 -6.096  1.00 18.57  ? 829 ILE A CB  1 
ATOM   322  C CG1 . ILE A 1 55  ? 9.155   -8.996  -6.882  1.00 17.78  ? 829 ILE A CG1 1 
ATOM   323  C CG2 . ILE A 1 55  ? 8.115   -10.262 -4.926  1.00 18.52  ? 829 ILE A CG2 1 
ATOM   324  C CD1 . ILE A 1 55  ? 7.990   -8.808  -7.822  1.00 17.97  ? 829 ILE A CD1 1 
ATOM   325  N N   . ARG A 1 56  ? 10.506  -13.058 -4.792  1.00 15.85  ? 830 ARG A N   1 
ATOM   326  C CA  . ARG A 1 56  ? 10.529  -14.118 -3.771  1.00 16.18  ? 830 ARG A CA  1 
ATOM   327  C C   . ARG A 1 56  ? 11.824  -14.092 -2.955  1.00 17.70  ? 830 ARG A C   1 
ATOM   328  O O   . ARG A 1 56  ? 11.782  -14.335 -1.756  1.00 16.31  ? 830 ARG A O   1 
ATOM   329  C CB  . ARG A 1 56  ? 10.302  -15.520 -4.384  1.00 16.87  ? 830 ARG A CB  1 
ATOM   330  C CG  . ARG A 1 56  ? 8.874   -15.751 -4.892  1.00 23.27  ? 830 ARG A CG  1 
ATOM   331  C CD  . ARG A 1 56  ? 8.526   -17.224 -5.127  1.00 22.29  ? 830 ARG A CD  1 
ATOM   332  N NE  . ARG A 1 56  ? 9.585   -17.973 -5.814  1.00 15.87  ? 830 ARG A NE  1 
ATOM   333  C CZ  . ARG A 1 56  ? 9.726   -18.077 -7.132  1.00 23.80  ? 830 ARG A CZ  1 
ATOM   334  N NH1 . ARG A 1 56  ? 10.738  -18.766 -7.643  1.00 19.45  ? 830 ARG A NH1 1 
ATOM   335  N NH2 . ARG A 1 56  ? 8.864   -17.482 -7.949  1.00 14.46  ? 830 ARG A NH2 1 
ATOM   336  N N   . LYS A 1 57  ? 12.964  -13.803 -3.598  1.00 14.19  ? 831 LYS A N   1 
ATOM   337  C CA  . LYS A 1 57  ? 14.254  -13.721 -2.901  1.00 13.66  ? 831 LYS A CA  1 
ATOM   338  C C   . LYS A 1 57  ? 14.255  -12.506 -1.966  1.00 16.10  ? 831 LYS A C   1 
ATOM   339  O O   . LYS A 1 57  ? 14.705  -12.629 -0.841  1.00 15.26  ? 831 LYS A O   1 
ATOM   340  C CB  . LYS A 1 57  ? 15.444  -13.596 -3.888  1.00 15.62  ? 831 LYS A CB  1 
ATOM   341  C CG  . LYS A 1 57  ? 15.637  -14.753 -4.861  1.00 16.28  ? 831 LYS A CG  1 
ATOM   342  C CD  . LYS A 1 57  ? 16.790  -14.421 -5.842  1.00 14.52  ? 831 LYS A CD  1 
ATOM   343  C CE  . LYS A 1 57  ? 16.707  -15.225 -7.118  1.00 20.41  ? 831 LYS A CE  1 
ATOM   344  N NZ  . LYS A 1 57  ? 17.974  -15.163 -7.926  1.00 19.51  ? 831 LYS A NZ  1 
ATOM   345  N N   . ALA A 1 58  ? 13.775  -11.334 -2.440  1.00 14.03  ? 832 ALA A N   1 
ATOM   346  C CA  . ALA A 1 58  ? 13.709  -10.101 -1.646  1.00 15.40  ? 832 ALA A CA  1 
ATOM   347  C C   . ALA A 1 58  ? 12.813  -10.298 -0.391  1.00 20.68  ? 832 ALA A C   1 
ATOM   348  O O   . ALA A 1 58  ? 13.227  -9.971  0.722   1.00 20.23  ? 832 ALA A O   1 
ATOM   349  C CB  . ALA A 1 58  ? 13.207  -8.945  -2.511  1.00 15.75  ? 832 ALA A CB  1 
ATOM   350  N N   . MET A 1 59  ? 11.645  -10.927 -0.576  1.00 20.05  ? 833 MET A N   1 
ATOM   351  C CA  . MET A 1 59  ? 10.686  -11.252 0.490   1.00 20.87  ? 833 MET A CA  1 
ATOM   352  C C   . MET A 1 59  ? 11.294  -12.170 1.533   1.00 23.93  ? 833 MET A C   1 
ATOM   353  O O   . MET A 1 59  ? 11.120  -11.904 2.721   1.00 23.14  ? 833 MET A O   1 
ATOM   354  C CB  . MET A 1 59  ? 9.411   -11.855 -0.093  1.00 23.55  ? 833 MET A CB  1 
ATOM   355  C CG  . MET A 1 59  ? 8.615   -10.859 -0.929  1.00 27.30  ? 833 MET A CG  1 
ATOM   356  S SD  . MET A 1 59  ? 7.005   -11.447 -1.514  1.00 31.33  ? 833 MET A SD  1 
ATOM   357  C CE  . MET A 1 59  ? 7.324   -13.167 -1.771  1.00 29.23  ? 833 MET A CE  1 
ATOM   358  N N   . ASP A 1 60  ? 12.053  -13.211 1.101   1.00 20.81  ? 834 ASP A N   1 
ATOM   359  C CA  . ASP A 1 60  ? 12.775  -14.105 2.014   1.00 20.32  ? 834 ASP A CA  1 
ATOM   360  C C   . ASP A 1 60  ? 13.747  -13.297 2.896   1.00 22.98  ? 834 ASP A C   1 
ATOM   361  O O   . ASP A 1 60  ? 13.742  -13.475 4.115   1.00 21.69  ? 834 ASP A O   1 
ATOM   362  C CB  . ASP A 1 60  ? 13.581  -15.167 1.238   1.00 22.77  ? 834 ASP A CB  1 
ATOM   363  C CG  . ASP A 1 60  ? 12.823  -16.375 0.684   1.00 38.09  ? 834 ASP A CG  1 
ATOM   364  O OD1 . ASP A 1 60  ? 11.598  -16.502 0.962   1.00 38.52  ? 834 ASP A OD1 1 
ATOM   365  O OD2 . ASP A 1 60  ? 13.458  -17.205 -0.015  1.00 43.34  ? 834 ASP A OD2 1 
ATOM   366  N N   . LYS A 1 61  ? 14.568  -12.396 2.286   1.00 18.00  ? 835 LYS A N   1 
ATOM   367  C CA  . LYS A 1 61  ? 15.551  -11.600 3.044   1.00 17.80  ? 835 LYS A CA  1 
ATOM   368  C C   . LYS A 1 61  ? 14.916  -10.559 3.985   1.00 22.99  ? 835 LYS A C   1 
ATOM   369  O O   . LYS A 1 61  ? 15.481  -10.247 5.035   1.00 22.89  ? 835 LYS A O   1 
ATOM   370  C CB  . LYS A 1 61  ? 16.589  -10.948 2.114   1.00 19.09  ? 835 LYS A CB  1 
ATOM   371  C CG  . LYS A 1 61  ? 17.573  -11.951 1.537   1.00 22.19  ? 835 LYS A CG  1 
ATOM   372  C CD  . LYS A 1 61  ? 18.979  -11.385 1.416   1.00 19.78  ? 835 LYS A CD  1 
ATOM   373  C CE  . LYS A 1 61  ? 19.895  -12.344 0.707   1.00 22.12  ? 835 LYS A CE  1 
ATOM   374  N NZ  . LYS A 1 61  ? 21.222  -11.730 0.462   1.00 28.25  ? 835 LYS A NZ  1 
ATOM   375  N N   . HIS A 1 62  ? 13.755  -10.022 3.595   1.00 19.80  ? 836 HIS A N   1 
ATOM   376  C CA  . HIS A 1 62  ? 13.003  -9.040  4.366   1.00 20.13  ? 836 HIS A CA  1 
ATOM   377  C C   . HIS A 1 62  ? 11.985  -9.724  5.311   1.00 26.41  ? 836 HIS A C   1 
ATOM   378  O O   . HIS A 1 62  ? 11.190  -9.036  5.945   1.00 26.54  ? 836 HIS A O   1 
ATOM   379  C CB  . HIS A 1 62  ? 12.327  -8.018  3.436   1.00 20.47  ? 836 HIS A CB  1 
ATOM   380  C CG  . HIS A 1 62  ? 13.275  -7.020  2.840   1.00 23.87  ? 836 HIS A CG  1 
ATOM   381  N ND1 . HIS A 1 62  ? 13.877  -6.039  3.615   1.00 25.47  ? 836 HIS A ND1 1 
ATOM   382  C CD2 . HIS A 1 62  ? 13.669  -6.859  1.552   1.00 25.17  ? 836 HIS A CD2 1 
ATOM   383  C CE1 . HIS A 1 62  ? 14.612  -5.322  2.782   1.00 24.31  ? 836 HIS A CE1 1 
ATOM   384  N NE2 . HIS A 1 62  ? 14.530  -5.782  1.534   1.00 24.64  ? 836 HIS A NE2 1 
ATOM   385  N N   . ASN A 1 63  ? 12.054  -11.077 5.441   1.00 24.60  ? 837 ASN A N   1 
ATOM   386  C CA  . ASN A 1 63  ? 11.195  -11.892 6.314   1.00 25.49  ? 837 ASN A CA  1 
ATOM   387  C C   . ASN A 1 63  ? 9.683   -11.722 6.075   1.00 29.39  ? 837 ASN A C   1 
ATOM   388  O O   . ASN A 1 63  ? 8.914   -11.642 7.032   1.00 29.34  ? 837 ASN A O   1 
ATOM   389  C CB  . ASN A 1 63  ? 11.558  -11.718 7.811   1.00 30.40  ? 837 ASN A CB  1 
ATOM   390  C CG  . ASN A 1 63  ? 13.025  -11.871 8.127   1.00 56.37  ? 837 ASN A CG  1 
ATOM   391  O OD1 . ASN A 1 63  ? 13.695  -12.826 7.713   1.00 52.07  ? 837 ASN A OD1 1 
ATOM   392  N ND2 . ASN A 1 63  ? 13.555  -10.924 8.876   1.00 50.20  ? 837 ASN A ND2 1 
ATOM   393  N N   . LEU A 1 64  ? 9.266   -11.695 4.798   1.00 24.86  ? 838 LEU A N   1 
ATOM   394  C CA  . LEU A 1 64  ? 7.859   -11.589 4.414   1.00 24.72  ? 838 LEU A CA  1 
ATOM   395  C C   . LEU A 1 64  ? 7.369   -12.972 3.917   1.00 31.89  ? 838 LEU A C   1 
ATOM   396  O O   . LEU A 1 64  ? 6.563   -13.047 2.989   1.00 30.64  ? 838 LEU A O   1 
ATOM   397  C CB  . LEU A 1 64  ? 7.665   -10.500 3.329   1.00 24.40  ? 838 LEU A CB  1 
ATOM   398  C CG  . LEU A 1 64  ? 8.266   -9.102  3.585   1.00 28.50  ? 838 LEU A CG  1 
ATOM   399  C CD1 . LEU A 1 64  ? 8.271   -8.293  2.321   1.00 27.60  ? 838 LEU A CD1 1 
ATOM   400  C CD2 . LEU A 1 64  ? 7.515   -8.356  4.689   1.00 30.75  ? 838 LEU A CD2 1 
ATOM   401  N N   . GLU A 1 65  ? 7.851   -14.064 4.552   1.00 32.58  ? 839 GLU A N   1 
ATOM   402  C CA  . GLU A 1 65  ? 7.518   -15.459 4.189   1.00 34.76  ? 839 GLU A CA  1 
ATOM   403  C C   . GLU A 1 65  ? 6.003   -15.767 4.136   1.00 39.77  ? 839 GLU A C   1 
ATOM   404  O O   . GLU A 1 65  ? 5.571   -16.527 3.263   1.00 40.47  ? 839 GLU A O   1 
ATOM   405  C CB  . GLU A 1 65  ? 8.269   -16.473 5.082   1.00 36.58  ? 839 GLU A CB  1 
ATOM   406  N N   . GLU A 1 66  ? 5.202   -15.141 5.028   1.00 35.67  ? 840 GLU A N   1 
ATOM   407  C CA  . GLU A 1 66  ? 3.752   -15.306 5.068   1.00 35.60  ? 840 GLU A CA  1 
ATOM   408  C C   . GLU A 1 66  ? 3.023   -14.469 3.993   1.00 38.14  ? 840 GLU A C   1 
ATOM   409  O O   . GLU A 1 66  ? 1.791   -14.511 3.910   1.00 39.06  ? 840 GLU A O   1 
ATOM   410  C CB  . GLU A 1 66  ? 3.213   -15.010 6.477   1.00 37.50  ? 840 GLU A CB  1 
ATOM   411  N N   . GLU A 1 67  ? 3.779   -13.730 3.157   1.00 31.07  ? 841 GLU A N   1 
ATOM   412  C CA  . GLU A 1 67  ? 3.213   -12.910 2.087   1.00 29.03  ? 841 GLU A CA  1 
ATOM   413  C C   . GLU A 1 67  ? 3.444   -13.520 0.695   1.00 27.12  ? 841 GLU A C   1 
ATOM   414  O O   . GLU A 1 67  ? 4.195   -14.480 0.557   1.00 24.40  ? 841 GLU A O   1 
ATOM   415  C CB  . GLU A 1 67  ? 3.671   -11.448 2.184   1.00 30.67  ? 841 GLU A CB  1 
ATOM   416  C CG  . GLU A 1 67  ? 3.206   -10.778 3.465   1.00 43.39  ? 841 GLU A CG  1 
ATOM   417  C CD  . GLU A 1 67  ? 3.155   -9.270  3.402   1.00 66.55  ? 841 GLU A CD  1 
ATOM   418  O OE1 . GLU A 1 67  ? 3.909   -8.621  4.160   1.00 68.51  ? 841 GLU A OE1 1 
ATOM   419  O OE2 . GLU A 1 67  ? 2.361   -8.734  2.593   1.00 61.74  ? 841 GLU A OE2 1 
ATOM   420  N N   . GLU A 1 68  ? 2.750   -12.995 -0.323  1.00 21.77  ? 842 GLU A N   1 
ATOM   421  C CA  . GLU A 1 68  ? 2.817   -13.549 -1.672  1.00 20.29  ? 842 GLU A CA  1 
ATOM   422  C C   . GLU A 1 68  ? 3.473   -12.611 -2.656  1.00 25.13  ? 842 GLU A C   1 
ATOM   423  O O   . GLU A 1 68  ? 3.269   -11.401 -2.548  1.00 24.60  ? 842 GLU A O   1 
ATOM   424  C CB  . GLU A 1 68  ? 1.410   -13.983 -2.152  1.00 20.66  ? 842 GLU A CB  1 
ATOM   425  C CG  . GLU A 1 68  ? 0.762   -15.037 -1.255  1.00 21.76  ? 842 GLU A CG  1 
ATOM   426  C CD  . GLU A 1 68  ? 1.629   -16.243 -0.907  1.00 38.19  ? 842 GLU A CD  1 
ATOM   427  O OE1 . GLU A 1 68  ? 2.275   -16.807 -1.821  1.00 29.53  ? 842 GLU A OE1 1 
ATOM   428  O OE2 . GLU A 1 68  ? 1.664   -16.623 0.286   1.00 31.94  ? 842 GLU A OE2 1 
ATOM   429  N N   . PRO A 1 69  ? 4.233   -13.146 -3.651  1.00 23.09  ? 843 PRO A N   1 
ATOM   430  C CA  . PRO A 1 69  ? 4.899   -12.256 -4.624  1.00 22.03  ? 843 PRO A CA  1 
ATOM   431  C C   . PRO A 1 69  ? 3.956   -11.472 -5.534  1.00 25.17  ? 843 PRO A C   1 
ATOM   432  O O   . PRO A 1 69  ? 4.317   -10.392 -6.011  1.00 23.80  ? 843 PRO A O   1 
ATOM   433  C CB  . PRO A 1 69  ? 5.840   -13.196 -5.389  1.00 23.94  ? 843 PRO A CB  1 
ATOM   434  C CG  . PRO A 1 69  ? 5.261   -14.560 -5.219  1.00 28.59  ? 843 PRO A CG  1 
ATOM   435  C CD  . PRO A 1 69  ? 4.581   -14.570 -3.886  1.00 24.60  ? 843 PRO A CD  1 
ATOM   436  N N   . GLU A 1 70  ? 2.732   -11.992 -5.747  1.00 22.27  ? 844 GLU A N   1 
ATOM   437  C CA  . GLU A 1 70  ? 1.696   -11.353 -6.570  1.00 21.93  ? 844 GLU A CA  1 
ATOM   438  C C   . GLU A 1 70  ? 1.226   -10.011 -5.985  1.00 25.61  ? 844 GLU A C   1 
ATOM   439  O O   . GLU A 1 70  ? 0.650   -9.201  -6.707  1.00 25.37  ? 844 GLU A O   1 
ATOM   440  C CB  . GLU A 1 70  ? 0.475   -12.281 -6.724  1.00 23.14  ? 844 GLU A CB  1 
ATOM   441  C CG  . GLU A 1 70  ? 0.710   -13.495 -7.606  1.00 25.72  ? 844 GLU A CG  1 
ATOM   442  C CD  . GLU A 1 70  ? 1.457   -14.644 -6.960  1.00 31.30  ? 844 GLU A CD  1 
ATOM   443  O OE1 . GLU A 1 70  ? 1.523   -14.701 -5.708  1.00 20.46  ? 844 GLU A OE1 1 
ATOM   444  O OE2 . GLU A 1 70  ? 1.993   -15.483 -7.716  1.00 21.39  ? 844 GLU A OE2 1 
ATOM   445  N N   . ASP A 1 71  ? 1.419   -9.806  -4.684  1.00 23.27  ? 845 ASP A N   1 
ATOM   446  C CA  . ASP A 1 71  ? 1.006   -8.592  -3.975  1.00 23.91  ? 845 ASP A CA  1 
ATOM   447  C C   . ASP A 1 71  ? 2.051   -7.466  -3.961  1.00 27.42  ? 845 ASP A C   1 
ATOM   448  O O   . ASP A 1 71  ? 1.778   -6.379  -3.442  1.00 26.20  ? 845 ASP A O   1 
ATOM   449  C CB  . ASP A 1 71  ? 0.607   -8.956  -2.542  1.00 25.93  ? 845 ASP A CB  1 
ATOM   450  C CG  . ASP A 1 71  ? -0.628  -9.827  -2.479  1.00 33.58  ? 845 ASP A CG  1 
ATOM   451  O OD1 . ASP A 1 71  ? -1.484  -9.723  -3.394  1.00 34.09  ? 845 ASP A OD1 1 
ATOM   452  O OD2 . ASP A 1 71  ? -0.723  -10.635 -1.552  1.00 34.65  ? 845 ASP A OD2 1 
ATOM   453  N N   . TYR A 1 72  ? 3.232   -7.729  -4.544  1.00 23.93  ? 846 TYR A N   1 
ATOM   454  C CA  . TYR A 1 72  ? 4.370   -6.812  -4.584  1.00 22.97  ? 846 TYR A CA  1 
ATOM   455  C C   . TYR A 1 72  ? 4.858   -6.529  -5.978  1.00 24.61  ? 846 TYR A C   1 
ATOM   456  O O   . TYR A 1 72  ? 4.573   -7.278  -6.914  1.00 22.11  ? 846 TYR A O   1 
ATOM   457  C CB  . TYR A 1 72  ? 5.532   -7.393  -3.742  1.00 24.27  ? 846 TYR A CB  1 
ATOM   458  C CG  . TYR A 1 72  ? 5.287   -7.284  -2.254  1.00 26.13  ? 846 TYR A CG  1 
ATOM   459  C CD1 . TYR A 1 72  ? 5.775   -6.203  -1.526  1.00 27.31  ? 846 TYR A CD1 1 
ATOM   460  C CD2 . TYR A 1 72  ? 4.533   -8.242  -1.578  1.00 27.62  ? 846 TYR A CD2 1 
ATOM   461  C CE1 . TYR A 1 72  ? 5.553   -6.096  -0.155  1.00 28.26  ? 846 TYR A CE1 1 
ATOM   462  C CE2 . TYR A 1 72  ? 4.271   -8.125  -0.212  1.00 28.67  ? 846 TYR A CE2 1 
ATOM   463  C CZ  . TYR A 1 72  ? 4.778   -7.044  0.494   1.00 36.46  ? 846 TYR A CZ  1 
ATOM   464  O OH  . TYR A 1 72  ? 4.527   -6.915  1.841   1.00 37.74  ? 846 TYR A OH  1 
ATOM   465  N N   . GLU A 1 73  ? 5.640   -5.454  -6.108  1.00 22.36  ? 847 GLU A N   1 
ATOM   466  C CA  . GLU A 1 73  ? 6.282   -5.060  -7.360  1.00 22.20  ? 847 GLU A CA  1 
ATOM   467  C C   . GLU A 1 73  ? 7.678   -4.502  -7.093  1.00 23.96  ? 847 GLU A C   1 
ATOM   468  O O   . GLU A 1 73  ? 7.958   -3.994  -5.998  1.00 22.61  ? 847 GLU A O   1 
ATOM   469  C CB  . GLU A 1 73  ? 5.420   -4.047  -8.148  1.00 24.17  ? 847 GLU A CB  1 
ATOM   470  C CG  . GLU A 1 73  ? 5.191   -2.713  -7.453  1.00 35.13  ? 847 GLU A CG  1 
ATOM   471  C CD  . GLU A 1 73  ? 4.080   -1.830  -7.999  1.00 61.29  ? 847 GLU A CD  1 
ATOM   472  O OE1 . GLU A 1 73  ? 3.307   -2.295  -8.867  1.00 67.46  ? 847 GLU A OE1 1 
ATOM   473  O OE2 . GLU A 1 73  ? 3.969   -0.673  -7.533  1.00 56.79  ? 847 GLU A OE2 1 
ATOM   474  N N   . LEU A 1 74  ? 8.534   -4.579  -8.109  1.00 20.83  ? 848 LEU A N   1 
ATOM   475  C CA  . LEU A 1 74  ? 9.885   -4.039  -8.082  1.00 21.66  ? 848 LEU A CA  1 
ATOM   476  C C   . LEU A 1 74  ? 9.918   -2.767  -8.887  1.00 24.36  ? 848 LEU A C   1 
ATOM   477  O O   . LEU A 1 74  ? 9.373   -2.722  -9.989  1.00 23.38  ? 848 LEU A O   1 
ATOM   478  C CB  . LEU A 1 74  ? 10.903  -5.016  -8.691  1.00 22.15  ? 848 LEU A CB  1 
ATOM   479  C CG  . LEU A 1 74  ? 11.480  -6.063  -7.780  1.00 28.71  ? 848 LEU A CG  1 
ATOM   480  C CD1 . LEU A 1 74  ? 12.275  -7.059  -8.587  1.00 29.72  ? 848 LEU A CD1 1 
ATOM   481  C CD2 . LEU A 1 74  ? 12.336  -5.438  -6.662  1.00 30.30  ? 848 LEU A CD2 1 
ATOM   482  N N   . LEU A 1 75  ? 10.556  -1.735  -8.334  1.00 20.89  ? 849 LEU A N   1 
ATOM   483  C CA  . LEU A 1 75  ? 10.760  -0.453  -8.996  1.00 21.00  ? 849 LEU A CA  1 
ATOM   484  C C   . LEU A 1 75  ? 12.208  -0.107  -8.843  1.00 23.22  ? 849 LEU A C   1 
ATOM   485  O O   . LEU A 1 75  ? 12.685  -0.022  -7.712  1.00 22.86  ? 849 LEU A O   1 
ATOM   486  C CB  . LEU A 1 75  ? 9.899   0.686   -8.411  1.00 21.32  ? 849 LEU A CB  1 
ATOM   487  C CG  . LEU A 1 75  ? 8.391   0.538   -8.546  1.00 27.13  ? 849 LEU A CG  1 
ATOM   488  C CD1 . LEU A 1 75  ? 7.808   -0.031  -7.288  1.00 27.89  ? 849 LEU A CD1 1 
ATOM   489  C CD2 . LEU A 1 75  ? 7.745   1.888   -8.811  1.00 30.78  ? 849 LEU A CD2 1 
ATOM   490  N N   . GLN A 1 76  ? 12.912  0.090   -9.961  1.00 19.06  ? 850 GLN A N   1 
ATOM   491  C CA  . GLN A 1 76  ? 14.321  0.483   -9.922  1.00 18.64  ? 850 GLN A CA  1 
ATOM   492  C C   . GLN A 1 76  ? 14.367  1.977   -9.568  1.00 23.51  ? 850 GLN A C   1 
ATOM   493  O O   . GLN A 1 76  ? 13.627  2.765   -10.161 1.00 23.17  ? 850 GLN A O   1 
ATOM   494  C CB  . GLN A 1 76  ? 15.020  0.200   -11.267 1.00 19.20  ? 850 GLN A CB  1 
ATOM   495  C CG  . GLN A 1 76  ? 16.530  0.531   -11.250 1.00 19.66  ? 850 GLN A CG  1 
ATOM   496  C CD  . GLN A 1 76  ? 17.250  0.143   -12.504 1.00 21.78  ? 850 GLN A CD  1 
ATOM   497  O OE1 . GLN A 1 76  ? 16.635  -0.199  -13.512 1.00 20.35  ? 850 GLN A OE1 1 
ATOM   498  N NE2 . GLN A 1 76  ? 18.586  0.198   -12.483 1.00 11.92  ? 850 GLN A NE2 1 
ATOM   499  N N   . ILE A 1 77  ? 15.198  2.356   -8.585  1.00 20.47  ? 851 ILE A N   1 
ATOM   500  C CA  . ILE A 1 77  ? 15.321  3.760   -8.163  1.00 20.88  ? 851 ILE A CA  1 
ATOM   501  C C   . ILE A 1 77  ? 16.363  4.436   -9.066  1.00 25.24  ? 851 ILE A C   1 
ATOM   502  O O   . ILE A 1 77  ? 17.564  4.216   -8.904  1.00 24.11  ? 851 ILE A O   1 
ATOM   503  C CB  . ILE A 1 77  ? 15.649  3.879   -6.635  1.00 24.44  ? 851 ILE A CB  1 
ATOM   504  C CG1 . ILE A 1 77  ? 14.616  3.101   -5.782  1.00 24.05  ? 851 ILE A CG1 1 
ATOM   505  C CG2 . ILE A 1 77  ? 15.754  5.364   -6.184  1.00 24.98  ? 851 ILE A CG2 1 
ATOM   506  C CD1 . ILE A 1 77  ? 15.156  2.578   -4.463  1.00 30.44  ? 851 ILE A CD1 1 
ATOM   507  N N   . LEU A 1 78  ? 15.891  5.196   -10.063 1.00 23.69  ? 852 LEU A N   1 
ATOM   508  C CA  . LEU A 1 78  ? 16.767  5.888   -10.999 1.00 24.35  ? 852 LEU A CA  1 
ATOM   509  C C   . LEU A 1 78  ? 17.403  7.135   -10.336 1.00 29.25  ? 852 LEU A C   1 
ATOM   510  O O   . LEU A 1 78  ? 18.590  7.396   -10.530 1.00 28.52  ? 852 LEU A O   1 
ATOM   511  C CB  . LEU A 1 78  ? 16.040  6.213   -12.322 1.00 24.50  ? 852 LEU A CB  1 
ATOM   512  C CG  . LEU A 1 78  ? 15.490  5.010   -13.136 1.00 28.97  ? 852 LEU A CG  1 
ATOM   513  C CD1 . LEU A 1 78  ? 14.689  5.485   -14.335 1.00 29.63  ? 852 LEU A CD1 1 
ATOM   514  C CD2 . LEU A 1 78  ? 16.588  4.138   -13.660 1.00 30.01  ? 852 LEU A CD2 1 
ATOM   515  N N   . SER A 1 79  ? 16.625  7.831   -9.491  1.00 25.56  ? 853 SER A N   1 
ATOM   516  C CA  . SER A 1 79  ? 17.017  9.008   -8.704  1.00 25.56  ? 853 SER A CA  1 
ATOM   517  C C   . SER A 1 79  ? 16.010  9.156   -7.552  1.00 29.44  ? 853 SER A C   1 
ATOM   518  O O   . SER A 1 79  ? 15.071  8.364   -7.475  1.00 27.99  ? 853 SER A O   1 
ATOM   519  C CB  . SER A 1 79  ? 17.013  10.264  -9.577  1.00 27.21  ? 853 SER A CB  1 
ATOM   520  O OG  . SER A 1 79  ? 15.687  10.623  -9.926  1.00 33.48  ? 853 SER A OG  1 
ATOM   521  N N   . ASP A 1 80  ? 16.175  10.184  -6.691  1.00 27.22  ? 854 ASP A N   1 
ATOM   522  C CA  . ASP A 1 80  ? 15.256  10.458  -5.569  1.00 27.79  ? 854 ASP A CA  1 
ATOM   523  C C   . ASP A 1 80  ? 13.805  10.715  -6.022  1.00 32.34  ? 854 ASP A C   1 
ATOM   524  O O   . ASP A 1 80  ? 12.883  10.462  -5.247  1.00 32.41  ? 854 ASP A O   1 
ATOM   525  C CB  . ASP A 1 80  ? 15.761  11.634  -4.706  1.00 29.47  ? 854 ASP A CB  1 
ATOM   526  C CG  . ASP A 1 80  ? 16.864  11.297  -3.707  1.00 37.84  ? 854 ASP A CG  1 
ATOM   527  O OD1 . ASP A 1 80  ? 17.159  10.085  -3.520  1.00 38.64  ? 854 ASP A OD1 1 
ATOM   528  O OD2 . ASP A 1 80  ? 17.403  12.237  -3.082  1.00 38.71  ? 854 ASP A OD2 1 
ATOM   529  N N   . ASP A 1 81  ? 13.606  11.198  -7.268  1.00 28.12  ? 855 ASP A N   1 
ATOM   530  C CA  . ASP A 1 81  ? 12.276  11.475  -7.807  1.00 27.82  ? 855 ASP A CA  1 
ATOM   531  C C   . ASP A 1 81  ? 11.931  10.741  -9.122  1.00 28.78  ? 855 ASP A C   1 
ATOM   532  O O   . ASP A 1 81  ? 10.916  11.068  -9.737  1.00 26.92  ? 855 ASP A O   1 
ATOM   533  C CB  . ASP A 1 81  ? 12.035  12.998  -7.907  1.00 30.66  ? 855 ASP A CB  1 
ATOM   534  C CG  . ASP A 1 81  ? 13.022  13.789  -8.762  1.00 43.09  ? 855 ASP A CG  1 
ATOM   535  O OD1 . ASP A 1 81  ? 12.965  15.040  -8.731  1.00 44.24  ? 855 ASP A OD1 1 
ATOM   536  O OD2 . ASP A 1 81  ? 13.850  13.159  -9.459  1.00 49.05  ? 855 ASP A OD2 1 
ATOM   537  N N   . ARG A 1 82  ? 12.761  9.758   -9.552  1.00 24.33  ? 856 ARG A N   1 
ATOM   538  C CA  . ARG A 1 82  ? 12.506  8.957   -10.765 1.00 24.12  ? 856 ARG A CA  1 
ATOM   539  C C   . ARG A 1 82  ? 12.608  7.471   -10.464 1.00 28.60  ? 856 ARG A C   1 
ATOM   540  O O   . ARG A 1 82  ? 13.565  7.028   -9.823  1.00 27.24  ? 856 ARG A O   1 
ATOM   541  C CB  . ARG A 1 82  ? 13.425  9.328   -11.950 1.00 25.14  ? 856 ARG A CB  1 
ATOM   542  C CG  . ARG A 1 82  ? 13.229  10.723  -12.517 1.00 30.12  ? 856 ARG A CG  1 
ATOM   543  C CD  . ARG A 1 82  ? 13.947  10.855  -13.850 1.00 38.43  ? 856 ARG A CD  1 
ATOM   544  N NE  . ARG A 1 82  ? 13.909  12.217  -14.402 1.00 34.99  ? 856 ARG A NE  1 
ATOM   545  C CZ  . ARG A 1 82  ? 12.946  12.692  -15.188 1.00 47.26  ? 856 ARG A CZ  1 
ATOM   546  N NH1 . ARG A 1 82  ? 13.018  13.930  -15.662 1.00 33.86  ? 856 ARG A NH1 1 
ATOM   547  N NH2 . ARG A 1 82  ? 11.901  11.935  -15.504 1.00 36.80  ? 856 ARG A NH2 1 
ATOM   548  N N   . LYS A 1 83  ? 11.603  6.697   -10.907 1.00 26.78  ? 857 LYS A N   1 
ATOM   549  C CA  . LYS A 1 83  ? 11.537  5.250   -10.675 1.00 26.97  ? 857 LYS A CA  1 
ATOM   550  C C   . LYS A 1 83  ? 11.112  4.508   -11.925 1.00 30.38  ? 857 LYS A C   1 
ATOM   551  O O   . LYS A 1 83  ? 10.302  5.013   -12.696 1.00 31.18  ? 857 LYS A O   1 
ATOM   552  C CB  . LYS A 1 83  ? 10.603  4.917   -9.485  1.00 29.96  ? 857 LYS A CB  1 
ATOM   553  C CG  . LYS A 1 83  ? 11.175  5.376   -8.142  1.00 44.46  ? 857 LYS A CG  1 
ATOM   554  C CD  . LYS A 1 83  ? 10.330  5.024   -6.942  1.00 59.31  ? 857 LYS A CD  1 
ATOM   555  C CE  . LYS A 1 83  ? 10.940  5.632   -5.700  1.00 75.77  ? 857 LYS A CE  1 
ATOM   556  N NZ  . LYS A 1 83  ? 10.593  4.864   -4.476  1.00 87.48  ? 857 LYS A NZ  1 
ATOM   557  N N   . LEU A 1 84  ? 11.668  3.320   -12.131 1.00 25.86  ? 858 LEU A N   1 
ATOM   558  C CA  . LEU A 1 84  ? 11.354  2.475   -13.275 1.00 25.08  ? 858 LEU A CA  1 
ATOM   559  C C   . LEU A 1 84  ? 10.638  1.225   -12.772 1.00 28.52  ? 858 LEU A C   1 
ATOM   560  O O   . LEU A 1 84  ? 11.221  0.412   -12.055 1.00 27.27  ? 858 LEU A O   1 
ATOM   561  C CB  . LEU A 1 84  ? 12.628  2.135   -14.094 1.00 25.16  ? 858 LEU A CB  1 
ATOM   562  C CG  . LEU A 1 84  ? 12.535  0.968   -15.126 1.00 29.88  ? 858 LEU A CG  1 
ATOM   563  C CD1 . LEU A 1 84  ? 11.632  1.324   -16.298 1.00 30.42  ? 858 LEU A CD1 1 
ATOM   564  C CD2 . LEU A 1 84  ? 13.891  0.593   -15.644 1.00 30.86  ? 858 LEU A CD2 1 
ATOM   565  N N   . LYS A 1 85  ? 9.368   1.089   -13.134 1.00 25.46  ? 859 LYS A N   1 
ATOM   566  C CA  . LYS A 1 85  ? 8.563   -0.054  -12.736 1.00 25.01  ? 859 LYS A CA  1 
ATOM   567  C C   . LYS A 1 85  ? 8.954   -1.284  -13.564 1.00 26.68  ? 859 LYS A C   1 
ATOM   568  O O   . LYS A 1 85  ? 8.952   -1.224  -14.794 1.00 26.92  ? 859 LYS A O   1 
ATOM   569  C CB  . LYS A 1 85  ? 7.062   0.273   -12.879 1.00 27.95  ? 859 LYS A CB  1 
ATOM   570  C CG  . LYS A 1 85  ? 6.155   -0.671  -12.090 1.00 44.70  ? 859 LYS A CG  1 
ATOM   571  C CD  . LYS A 1 85  ? 4.851   -0.948  -12.824 1.00 56.02  ? 859 LYS A CD  1 
ATOM   572  C CE  . LYS A 1 85  ? 4.032   -2.045  -12.176 1.00 71.33  ? 859 LYS A CE  1 
ATOM   573  N NZ  . LYS A 1 85  ? 4.640   -3.398  -12.339 1.00 78.68  ? 859 LYS A NZ  1 
ATOM   574  N N   . ILE A 1 86  ? 9.312   -2.391  -12.890 1.00 20.85  ? 860 ILE A N   1 
ATOM   575  C CA  . ILE A 1 86  ? 9.647   -3.634  -13.582 1.00 20.27  ? 860 ILE A CA  1 
ATOM   576  C C   . ILE A 1 86  ? 8.323   -4.380  -13.810 1.00 24.00  ? 860 ILE A C   1 
ATOM   577  O O   . ILE A 1 86  ? 7.655   -4.721  -12.828 1.00 22.11  ? 860 ILE A O   1 
ATOM   578  C CB  . ILE A 1 86  ? 10.702  -4.505  -12.802 1.00 23.20  ? 860 ILE A CB  1 
ATOM   579  C CG1 . ILE A 1 86  ? 12.019  -3.729  -12.474 1.00 22.76  ? 860 ILE A CG1 1 
ATOM   580  C CG2 . ILE A 1 86  ? 10.964  -5.864  -13.489 1.00 23.27  ? 860 ILE A CG2 1 
ATOM   581  C CD1 . ILE A 1 86  ? 12.897  -3.228  -13.695 1.00 20.83  ? 860 ILE A CD1 1 
ATOM   582  N N   . PRO A 1 87  ? 7.914   -4.619  -15.083 1.00 22.71  ? 861 PRO A N   1 
ATOM   583  C CA  . PRO A 1 87  ? 6.652   -5.352  -15.338 1.00 23.31  ? 861 PRO A CA  1 
ATOM   584  C C   . PRO A 1 87  ? 6.604   -6.690  -14.618 1.00 29.66  ? 861 PRO A C   1 
ATOM   585  O O   . PRO A 1 87  ? 7.648   -7.342  -14.467 1.00 29.16  ? 861 PRO A O   1 
ATOM   586  C CB  . PRO A 1 87  ? 6.653   -5.541  -16.863 1.00 24.35  ? 861 PRO A CB  1 
ATOM   587  C CG  . PRO A 1 87  ? 7.461   -4.410  -17.363 1.00 27.90  ? 861 PRO A CG  1 
ATOM   588  C CD  . PRO A 1 87  ? 8.574   -4.264  -16.352 1.00 23.47  ? 861 PRO A CD  1 
ATOM   589  N N   . GLU A 1 88  ? 5.391   -7.076  -14.159 1.00 27.51  ? 862 GLU A N   1 
ATOM   590  C CA  . GLU A 1 88  ? 5.082   -8.286  -13.387 1.00 27.59  ? 862 GLU A CA  1 
ATOM   591  C C   . GLU A 1 88  ? 5.794   -9.553  -13.829 1.00 31.23  ? 862 GLU A C   1 
ATOM   592  O O   . GLU A 1 88  ? 6.199   -10.327 -12.967 1.00 31.87  ? 862 GLU A O   1 
ATOM   593  C CB  . GLU A 1 88  ? 3.560   -8.525  -13.313 1.00 29.14  ? 862 GLU A CB  1 
ATOM   594  N N   . ASN A 1 89  ? 5.921   -9.793  -15.143 1.00 27.03  ? 863 ASN A N   1 
ATOM   595  C CA  . ASN A 1 89  ? 6.617   -10.989 -15.608 1.00 27.23  ? 863 ASN A CA  1 
ATOM   596  C C   . ASN A 1 89  ? 7.747   -10.691 -16.591 1.00 30.40  ? 863 ASN A C   1 
ATOM   597  O O   . ASN A 1 89  ? 7.984   -11.455 -17.533 1.00 31.22  ? 863 ASN A O   1 
ATOM   598  C CB  . ASN A 1 89  ? 5.639   -12.051 -16.127 1.00 32.90  ? 863 ASN A CB  1 
ATOM   599  C CG  . ASN A 1 89  ? 6.200   -13.458 -16.023 1.00 52.64  ? 863 ASN A CG  1 
ATOM   600  O OD1 . ASN A 1 89  ? 6.879   -13.820 -15.049 1.00 36.69  ? 863 ASN A OD1 1 
ATOM   601  N ND2 . ASN A 1 89  ? 5.979   -14.264 -17.053 1.00 45.25  ? 863 ASN A ND2 1 
ATOM   602  N N   . ALA A 1 90  ? 8.465   -9.582  -16.361 1.00 24.26  ? 864 ALA A N   1 
ATOM   603  C CA  . ALA A 1 90  ? 9.585   -9.215  -17.224 1.00 23.38  ? 864 ALA A CA  1 
ATOM   604  C C   . ALA A 1 90  ? 10.861  -9.777  -16.659 1.00 24.86  ? 864 ALA A C   1 
ATOM   605  O O   . ALA A 1 90  ? 11.011  -9.842  -15.437 1.00 23.67  ? 864 ALA A O   1 
ATOM   606  C CB  . ALA A 1 90  ? 9.706   -7.699  -17.320 1.00 24.10  ? 864 ALA A CB  1 
ATOM   607  N N   . ASN A 1 91  ? 11.801  -10.136 -17.550 1.00 21.46  ? 865 ASN A N   1 
ATOM   608  C CA  . ASN A 1 91  ? 13.147  -10.580 -17.200 1.00 21.26  ? 865 ASN A CA  1 
ATOM   609  C C   . ASN A 1 91  ? 13.827  -9.350  -16.575 1.00 24.00  ? 865 ASN A C   1 
ATOM   610  O O   . ASN A 1 91  ? 13.914  -8.310  -17.228 1.00 22.96  ? 865 ASN A O   1 
ATOM   611  C CB  . ASN A 1 91  ? 13.897  -11.024 -18.473 1.00 24.03  ? 865 ASN A CB  1 
ATOM   612  C CG  . ASN A 1 91  ? 15.293  -11.527 -18.192 1.00 35.48  ? 865 ASN A CG  1 
ATOM   613  O OD1 . ASN A 1 91  ? 16.170  -10.798 -17.727 1.00 30.84  ? 865 ASN A OD1 1 
ATOM   614  N ND2 . ASN A 1 91  ? 15.516  -12.795 -18.427 1.00 24.70  ? 865 ASN A ND2 1 
ATOM   615  N N   . VAL A 1 92  ? 14.239  -9.442  -15.301 1.00 20.43  ? 866 VAL A N   1 
ATOM   616  C CA  . VAL A 1 92  ? 14.812  -8.298  -14.567 1.00 19.96  ? 866 VAL A CA  1 
ATOM   617  C C   . VAL A 1 92  ? 16.150  -7.793  -15.125 1.00 23.91  ? 866 VAL A C   1 
ATOM   618  O O   . VAL A 1 92  ? 16.317  -6.584  -15.302 1.00 22.97  ? 866 VAL A O   1 
ATOM   619  C CB  . VAL A 1 92  ? 14.842  -8.527  -13.037 1.00 22.66  ? 866 VAL A CB  1 
ATOM   620  C CG1 . VAL A 1 92  ? 15.428  -7.320  -12.300 1.00 21.61  ? 866 VAL A CG1 1 
ATOM   621  C CG2 . VAL A 1 92  ? 13.446  -8.839  -12.518 1.00 22.19  ? 866 VAL A CG2 1 
ATOM   622  N N   . PHE A 1 93  ? 17.092  -8.716  -15.392 1.00 20.78  ? 867 PHE A N   1 
ATOM   623  C CA  . PHE A 1 93  ? 18.415  -8.435  -15.946 1.00 20.97  ? 867 PHE A CA  1 
ATOM   624  C C   . PHE A 1 93  ? 18.325  -7.574  -17.215 1.00 27.02  ? 867 PHE A C   1 
ATOM   625  O O   . PHE A 1 93  ? 19.124  -6.648  -17.391 1.00 27.25  ? 867 PHE A O   1 
ATOM   626  C CB  . PHE A 1 93  ? 19.116  -9.756  -16.261 1.00 22.80  ? 867 PHE A CB  1 
ATOM   627  C CG  . PHE A 1 93  ? 20.605  -9.667  -16.471 1.00 23.82  ? 867 PHE A CG  1 
ATOM   628  C CD1 . PHE A 1 93  ? 21.478  -9.663  -15.387 1.00 26.22  ? 867 PHE A CD1 1 
ATOM   629  C CD2 . PHE A 1 93  ? 21.142  -9.667  -17.750 1.00 24.92  ? 867 PHE A CD2 1 
ATOM   630  C CE1 . PHE A 1 93  ? 22.861  -9.608  -15.581 1.00 27.12  ? 867 PHE A CE1 1 
ATOM   631  C CE2 . PHE A 1 93  ? 22.525  -9.627  -17.947 1.00 28.01  ? 867 PHE A CE2 1 
ATOM   632  C CZ  . PHE A 1 93  ? 23.377  -9.582  -16.860 1.00 26.13  ? 867 PHE A CZ  1 
ATOM   633  N N   . TYR A 1 94  ? 17.310  -7.845  -18.062 1.00 24.26  ? 868 TYR A N   1 
ATOM   634  C CA  . TYR A 1 94  ? 17.088  -7.113  -19.299 1.00 24.37  ? 868 TYR A CA  1 
ATOM   635  C C   . TYR A 1 94  ? 16.099  -5.939  -19.216 1.00 27.71  ? 868 TYR A C   1 
ATOM   636  O O   . TYR A 1 94  ? 16.239  -5.007  -19.999 1.00 28.19  ? 868 TYR A O   1 
ATOM   637  C CB  . TYR A 1 94  ? 16.800  -8.076  -20.480 1.00 26.43  ? 868 TYR A CB  1 
ATOM   638  C CG  . TYR A 1 94  ? 17.967  -9.004  -20.771 1.00 28.22  ? 868 TYR A CG  1 
ATOM   639  C CD1 . TYR A 1 94  ? 19.109  -8.541  -21.424 1.00 30.85  ? 868 TYR A CD1 1 
ATOM   640  C CD2 . TYR A 1 94  ? 17.957  -10.327 -20.335 1.00 28.25  ? 868 TYR A CD2 1 
ATOM   641  C CE1 . TYR A 1 94  ? 20.208  -9.377  -21.641 1.00 31.89  ? 868 TYR A CE1 1 
ATOM   642  C CE2 . TYR A 1 94  ? 19.047  -11.169 -20.546 1.00 28.50  ? 868 TYR A CE2 1 
ATOM   643  C CZ  . TYR A 1 94  ? 20.166  -10.694 -21.209 1.00 37.50  ? 868 TYR A CZ  1 
ATOM   644  O OH  . TYR A 1 94  ? 21.231  -11.535 -21.424 1.00 41.18  ? 868 TYR A OH  1 
ATOM   645  N N   . ALA A 1 95  ? 15.113  -5.965  -18.293 1.00 22.79  ? 869 ALA A N   1 
ATOM   646  C CA  . ALA A 1 95  ? 14.150  -4.862  -18.158 1.00 21.86  ? 869 ALA A CA  1 
ATOM   647  C C   . ALA A 1 95  ? 14.736  -3.674  -17.384 1.00 24.55  ? 869 ALA A C   1 
ATOM   648  O O   . ALA A 1 95  ? 14.312  -2.540  -17.597 1.00 23.63  ? 869 ALA A O   1 
ATOM   649  C CB  . ALA A 1 95  ? 12.872  -5.337  -17.486 1.00 22.43  ? 869 ALA A CB  1 
ATOM   650  N N   . MET A 1 96  ? 15.685  -3.934  -16.467 1.00 20.56  ? 870 MET A N   1 
ATOM   651  C CA  . MET A 1 96  ? 16.303  -2.883  -15.664 1.00 19.89  ? 870 MET A CA  1 
ATOM   652  C C   . MET A 1 96  ? 17.194  -1.976  -16.531 1.00 24.98  ? 870 MET A C   1 
ATOM   653  O O   . MET A 1 96  ? 17.638  -2.390  -17.601 1.00 25.01  ? 870 MET A O   1 
ATOM   654  C CB  . MET A 1 96  ? 17.128  -3.493  -14.517 1.00 21.41  ? 870 MET A CB  1 
ATOM   655  C CG  . MET A 1 96  ? 18.455  -4.092  -14.971 1.00 23.61  ? 870 MET A CG  1 
ATOM   656  S SD  . MET A 1 96  ? 19.203  -5.151  -13.732 1.00 26.04  ? 870 MET A SD  1 
ATOM   657  C CE  . MET A 1 96  ? 20.105  -3.941  -12.818 1.00 21.64  ? 870 MET A CE  1 
ATOM   658  N N   . ASN A 1 97  ? 17.448  -0.753  -16.061 1.00 21.47  ? 871 ASN A N   1 
ATOM   659  C CA  . ASN A 1 97  ? 18.381  0.163   -16.703 1.00 20.67  ? 871 ASN A CA  1 
ATOM   660  C C   . ASN A 1 97  ? 19.755  -0.312  -16.209 1.00 25.52  ? 871 ASN A C   1 
ATOM   661  O O   . ASN A 1 97  ? 20.055  -0.215  -15.013 1.00 24.85  ? 871 ASN A O   1 
ATOM   662  C CB  . ASN A 1 97  ? 18.106  1.622   -16.296 1.00 16.78  ? 871 ASN A CB  1 
ATOM   663  C CG  . ASN A 1 97  ? 18.979  2.613   -17.037 1.00 31.97  ? 871 ASN A CG  1 
ATOM   664  O OD1 . ASN A 1 97  ? 20.158  2.361   -17.302 1.00 24.94  ? 871 ASN A OD1 1 
ATOM   665  N ND2 . ASN A 1 97  ? 18.408  3.756   -17.428 1.00 20.75  ? 871 ASN A ND2 1 
ATOM   666  N N   . SER A 1 98  ? 20.556  -0.883  -17.124 1.00 23.46  ? 872 SER A N   1 
ATOM   667  C CA  . SER A 1 98  ? 21.871  -1.477  -16.856 1.00 24.02  ? 872 SER A CA  1 
ATOM   668  C C   . SER A 1 98  ? 22.942  -0.498  -16.401 1.00 28.47  ? 872 SER A C   1 
ATOM   669  O O   . SER A 1 98  ? 23.930  -0.918  -15.797 1.00 29.34  ? 872 SER A O   1 
ATOM   670  C CB  . SER A 1 98  ? 22.372  -2.211  -18.096 1.00 28.82  ? 872 SER A CB  1 
ATOM   671  O OG  . SER A 1 98  ? 22.802  -1.282  -19.078 1.00 35.92  ? 872 SER A OG  1 
ATOM   672  N N   . THR A 1 99  ? 22.786  0.787   -16.742 1.00 24.13  ? 873 THR A N   1 
ATOM   673  C CA  . THR A 1 99  ? 23.776  1.808   -16.397 1.00 23.88  ? 873 THR A CA  1 
ATOM   674  C C   . THR A 1 99  ? 23.347  2.647   -15.189 1.00 26.69  ? 873 THR A C   1 
ATOM   675  O O   . THR A 1 99  ? 24.131  3.467   -14.729 1.00 26.90  ? 873 THR A O   1 
ATOM   676  C CB  . THR A 1 99  ? 24.141  2.669   -17.632 1.00 30.32  ? 873 THR A CB  1 
ATOM   677  O OG1 . THR A 1 99  ? 22.966  3.330   -18.128 1.00 30.28  ? 873 THR A OG1 1 
ATOM   678  C CG2 . THR A 1 99  ? 24.808  1.862   -18.737 1.00 28.78  ? 873 THR A CG2 1 
ATOM   679  N N   . ALA A 1 100 ? 22.102  2.477   -14.699 1.00 22.63  ? 874 ALA A N   1 
ATOM   680  C CA  . ALA A 1 100 ? 21.625  3.227   -13.540 1.00 22.38  ? 874 ALA A CA  1 
ATOM   681  C C   . ALA A 1 100 ? 22.033  2.502   -12.256 1.00 27.47  ? 874 ALA A C   1 
ATOM   682  O O   . ALA A 1 100 ? 22.589  1.411   -12.335 1.00 27.49  ? 874 ALA A O   1 
ATOM   683  C CB  . ALA A 1 100 ? 20.114  3.389   -13.602 1.00 22.44  ? 874 ALA A CB  1 
ATOM   684  N N   . ASN A 1 101 ? 21.772  3.106   -11.080 1.00 24.50  ? 875 ASN A N   1 
ATOM   685  C CA  . ASN A 1 101 ? 22.043  2.468   -9.787  1.00 24.48  ? 875 ASN A CA  1 
ATOM   686  C C   . ASN A 1 101 ? 21.200  1.197   -9.659  1.00 27.12  ? 875 ASN A C   1 
ATOM   687  O O   . ASN A 1 101 ? 20.005  1.202   -10.000 1.00 26.79  ? 875 ASN A O   1 
ATOM   688  C CB  . ASN A 1 101 ? 21.717  3.413   -8.618  1.00 27.00  ? 875 ASN A CB  1 
ATOM   689  C CG  . ASN A 1 101 ? 22.529  4.685   -8.578  1.00 48.07  ? 875 ASN A CG  1 
ATOM   690  O OD1 . ASN A 1 101 ? 23.711  4.732   -8.950  1.00 40.10  ? 875 ASN A OD1 1 
ATOM   691  N ND2 . ASN A 1 101 ? 21.902  5.743   -8.099  1.00 42.75  ? 875 ASN A ND2 1 
ATOM   692  N N   . TYR A 1 102 ? 21.835  0.108   -9.195  1.00 21.75  ? 876 TYR A N   1 
ATOM   693  C CA  . TYR A 1 102 ? 21.204  -1.193  -9.005  1.00 20.58  ? 876 TYR A CA  1 
ATOM   694  C C   . TYR A 1 102 ? 20.478  -1.198  -7.644  1.00 21.98  ? 876 TYR A C   1 
ATOM   695  O O   . TYR A 1 102 ? 20.633  -2.107  -6.838  1.00 21.26  ? 876 TYR A O   1 
ATOM   696  C CB  . TYR A 1 102 ? 22.249  -2.325  -9.090  1.00 21.52  ? 876 TYR A CB  1 
ATOM   697  C CG  . TYR A 1 102 ? 22.888  -2.592  -10.437 1.00 22.30  ? 876 TYR A CG  1 
ATOM   698  C CD1 . TYR A 1 102 ? 23.708  -3.697  -10.630 1.00 23.64  ? 876 TYR A CD1 1 
ATOM   699  C CD2 . TYR A 1 102 ? 22.647  -1.761  -11.528 1.00 23.48  ? 876 TYR A CD2 1 
ATOM   700  C CE1 . TYR A 1 102 ? 24.308  -3.947  -11.860 1.00 24.51  ? 876 TYR A CE1 1 
ATOM   701  C CE2 . TYR A 1 102 ? 23.231  -2.007  -12.768 1.00 24.35  ? 876 TYR A CE2 1 
ATOM   702  C CZ  . TYR A 1 102 ? 24.062  -3.103  -12.929 1.00 30.82  ? 876 TYR A CZ  1 
ATOM   703  O OH  . TYR A 1 102 ? 24.630  -3.361  -14.153 1.00 31.74  ? 876 TYR A OH  1 
ATOM   704  N N   . ASP A 1 103 ? 19.682  -0.168  -7.408  1.00 19.65  ? 877 ASP A N   1 
ATOM   705  C CA  . ASP A 1 103 ? 18.915  0.037   -6.191  1.00 20.63  ? 877 ASP A CA  1 
ATOM   706  C C   . ASP A 1 103 ? 17.444  -0.003  -6.558  1.00 23.16  ? 877 ASP A C   1 
ATOM   707  O O   . ASP A 1 103 ? 17.031  0.598   -7.551  1.00 22.46  ? 877 ASP A O   1 
ATOM   708  C CB  . ASP A 1 103 ? 19.344  1.344   -5.482  1.00 24.03  ? 877 ASP A CB  1 
ATOM   709  C CG  . ASP A 1 103 ? 20.677  1.229   -4.703  1.00 43.36  ? 877 ASP A CG  1 
ATOM   710  O OD1 . ASP A 1 103 ? 21.591  0.498   -5.168  1.00 42.93  ? 877 ASP A OD1 1 
ATOM   711  O OD2 . ASP A 1 103 ? 20.818  1.903   -3.651  1.00 54.36  ? 877 ASP A OD2 1 
ATOM   712  N N   . PHE A 1 104 ? 16.691  -0.828  -5.833  1.00 18.14  ? 878 PHE A N   1 
ATOM   713  C CA  . PHE A 1 104 ? 15.285  -1.104  -6.117  1.00 17.23  ? 878 PHE A CA  1 
ATOM   714  C C   . PHE A 1 104 ? 14.459  -1.023  -4.855  1.00 21.03  ? 878 PHE A C   1 
ATOM   715  O O   . PHE A 1 104 ? 14.981  -1.171  -3.747  1.00 20.92  ? 878 PHE A O   1 
ATOM   716  C CB  . PHE A 1 104 ? 15.147  -2.535  -6.704  1.00 17.69  ? 878 PHE A CB  1 
ATOM   717  C CG  . PHE A 1 104 ? 15.746  -2.783  -8.075  1.00 18.18  ? 878 PHE A CG  1 
ATOM   718  C CD1 . PHE A 1 104 ? 17.127  -2.847  -8.251  1.00 19.79  ? 878 PHE A CD1 1 
ATOM   719  C CD2 . PHE A 1 104 ? 14.931  -3.050  -9.168  1.00 18.55  ? 878 PHE A CD2 1 
ATOM   720  C CE1 . PHE A 1 104 ? 17.677  -3.109  -9.505  1.00 20.34  ? 878 PHE A CE1 1 
ATOM   721  C CE2 . PHE A 1 104 ? 15.480  -3.315  -10.424 1.00 21.15  ? 878 PHE A CE2 1 
ATOM   722  C CZ  . PHE A 1 104 ? 16.849  -3.343  -10.586 1.00 19.99  ? 878 PHE A CZ  1 
ATOM   723  N N   . VAL A 1 105 ? 13.167  -0.799  -5.027  1.00 19.70  ? 879 VAL A N   1 
ATOM   724  C CA  . VAL A 1 105 ? 12.208  -0.797  -3.921  1.00 20.64  ? 879 VAL A CA  1 
ATOM   725  C C   . VAL A 1 105 ? 11.176  -1.921  -4.156  1.00 23.87  ? 879 VAL A C   1 
ATOM   726  O O   . VAL A 1 105 ? 10.714  -2.128  -5.282  1.00 22.61  ? 879 VAL A O   1 
ATOM   727  C CB  . VAL A 1 105 ? 11.587  0.609   -3.618  1.00 25.52  ? 879 VAL A CB  1 
ATOM   728  C CG1 . VAL A 1 105 ? 10.999  1.264   -4.869  1.00 25.51  ? 879 VAL A CG1 1 
ATOM   729  C CG2 . VAL A 1 105 ? 10.546  0.546   -2.500  1.00 25.36  ? 879 VAL A CG2 1 
ATOM   730  N N   . LEU A 1 106 ? 10.916  -2.697  -3.110  1.00 21.17  ? 880 LEU A N   1 
ATOM   731  C CA  . LEU A 1 106 ? 9.914   -3.759  -3.065  1.00 20.73  ? 880 LEU A CA  1 
ATOM   732  C C   . LEU A 1 106 ? 8.693   -3.055  -2.455  1.00 25.72  ? 880 LEU A C   1 
ATOM   733  O O   . LEU A 1 106 ? 8.719   -2.642  -1.291  1.00 23.71  ? 880 LEU A O   1 
ATOM   734  C CB  . LEU A 1 106 ? 10.401  -4.917  -2.167  1.00 20.10  ? 880 LEU A CB  1 
ATOM   735  C CG  . LEU A 1 106 ? 9.532   -6.162  -2.081  1.00 23.57  ? 880 LEU A CG  1 
ATOM   736  C CD1 . LEU A 1 106 ? 9.423   -6.878  -3.454  1.00 23.27  ? 880 LEU A CD1 1 
ATOM   737  C CD2 . LEU A 1 106 ? 10.074  -7.098  -1.021  1.00 22.16  ? 880 LEU A CD2 1 
ATOM   738  N N   . LYS A 1 107 ? 7.672   -2.848  -3.273  1.00 24.39  ? 881 LYS A N   1 
ATOM   739  C CA  . LYS A 1 107 ? 6.488   -2.080  -2.895  1.00 25.37  ? 881 LYS A CA  1 
ATOM   740  C C   . LYS A 1 107 ? 5.204   -2.905  -3.024  1.00 28.85  ? 881 LYS A C   1 
ATOM   741  O O   . LYS A 1 107 ? 5.016   -3.597  -4.022  1.00 25.99  ? 881 LYS A O   1 
ATOM   742  C CB  . LYS A 1 107 ? 6.422   -0.852  -3.838  1.00 28.61  ? 881 LYS A CB  1 
ATOM   743  C CG  . LYS A 1 107 ? 5.330   0.176   -3.565  1.00 51.27  ? 881 LYS A CG  1 
ATOM   744  C CD  . LYS A 1 107 ? 5.303   1.223   -4.681  1.00 61.08  ? 881 LYS A CD  1 
ATOM   745  C CE  . LYS A 1 107 ? 4.591   2.495   -4.292  1.00 72.19  ? 881 LYS A CE  1 
ATOM   746  N NZ  . LYS A 1 107 ? 4.796   3.571   -5.301  1.00 81.95  ? 881 LYS A NZ  1 
ATOM   747  N N   . LYS A 1 108 ? 4.298   -2.768  -2.046  1.00 28.26  ? 882 LYS A N   1 
ATOM   748  C CA  . LYS A 1 108 ? 2.978   -3.403  -2.078  1.00 29.31  ? 882 LYS A CA  1 
ATOM   749  C C   . LYS A 1 108 ? 2.219   -2.807  -3.263  1.00 36.12  ? 882 LYS A C   1 
ATOM   750  O O   . LYS A 1 108 ? 2.196   -1.585  -3.413  1.00 36.35  ? 882 LYS A O   1 
ATOM   751  C CB  . LYS A 1 108 ? 2.218   -3.142  -0.767  1.00 31.63  ? 882 LYS A CB  1 
ATOM   752  C CG  . LYS A 1 108 ? 2.562   -4.107  0.354   1.00 42.93  ? 882 LYS A CG  1 
ATOM   753  N N   . ARG A 1 109 ? 1.670   -3.664  -4.138  1.00 35.39  ? 883 ARG A N   1 
ATOM   754  C CA  . ARG A 1 109 ? 0.922   -3.255  -5.332  1.00 37.03  ? 883 ARG A CA  1 
ATOM   755  C C   . ARG A 1 109 ? -0.395  -2.552  -4.989  1.00 45.86  ? 883 ARG A C   1 
ATOM   756  O O   . ARG A 1 109 ? -0.960  -2.773  -3.905  1.00 44.77  ? 883 ARG A O   1 
ATOM   757  C CB  . ARG A 1 109 ? 0.622   -4.469  -6.225  1.00 36.36  ? 883 ARG A CB  1 
ATOM   758  C CG  . ARG A 1 109 ? 1.783   -4.893  -7.094  1.00 45.69  ? 883 ARG A CG  1 
ATOM   759  C CD  . ARG A 1 109 ? 1.524   -6.243  -7.714  1.00 50.90  ? 883 ARG A CD  1 
ATOM   760  N NE  . ARG A 1 109 ? 1.077   -6.141  -9.100  1.00 63.18  ? 883 ARG A NE  1 
ATOM   761  C CZ  . ARG A 1 109 ? 1.060   -7.157  -9.959  1.00 85.22  ? 883 ARG A CZ  1 
ATOM   762  N NH1 . ARG A 1 109 ? 1.472   -8.362  -9.582  1.00 71.18  ? 883 ARG A NH1 1 
ATOM   763  N NH2 . ARG A 1 109 ? 0.637   -6.975  -11.202 1.00 78.30  ? 883 ARG A NH2 1 
ATOM   764  N N   . THR A 1 110 ? -0.895  -1.732  -5.942  1.00 45.76  ? 884 THR A N   1 
ATOM   765  C CA  . THR A 1 110 ? -2.163  -1.015  -5.817  1.00 46.75  ? 884 THR A CA  1 
ATOM   766  C C   . THR A 1 110 ? -3.226  -1.678  -6.695  1.00 51.58  ? 884 THR A C   1 
ATOM   767  O O   . THR A 1 110 ? -3.045  -1.764  -7.913  1.00 51.35  ? 884 THR A O   1 
ATOM   768  C CB  . THR A 1 110 ? -1.980  0.473   -6.151  1.00 56.39  ? 884 THR A CB  1 
ATOM   769  N N   . PHE A 1 111 ? -4.328  -2.154  -6.076  1.00 48.71  ? 885 PHE A N   1 
ATOM   770  C CA  . PHE A 1 111 ? -5.439  -2.783  -6.804  1.00 78.13  ? 885 PHE A CA  1 
ATOM   771  C C   . PHE A 1 111 ? -6.708  -1.934  -6.729  1.00 112.52 ? 885 PHE A C   1 
ATOM   772  O O   . PHE A 1 111 ? -7.155  -1.401  -7.743  1.00 78.30  ? 885 PHE A O   1 
ATOM   773  C CB  . PHE A 1 111 ? -5.710  -4.211  -6.298  1.00 79.74  ? 885 PHE A CB  1 
ATOM   774  C CG  . PHE A 1 111 ? -4.542  -5.164  -6.417  1.00 81.14  ? 885 PHE A CG  1 
ATOM   775  C CD1 . PHE A 1 111 ? -4.256  -5.793  -7.623  1.00 84.03  ? 885 PHE A CD1 1 
ATOM   776  C CD2 . PHE A 1 111 ? -3.749  -5.457  -5.314  1.00 83.12  ? 885 PHE A CD2 1 
ATOM   777  C CE1 . PHE A 1 111 ? -3.181  -6.682  -7.730  1.00 84.75  ? 885 PHE A CE1 1 
ATOM   778  C CE2 . PHE A 1 111 ? -2.679  -6.352  -5.420  1.00 85.73  ? 885 PHE A CE2 1 
ATOM   779  C CZ  . PHE A 1 111 ? -2.403  -6.959  -6.627  1.00 83.76  ? 885 PHE A CZ  1 
ATOM   780  N N   . LYS A 1 116 ? -12.145 -3.411  -8.535  1.00 56.91  ? 890 LYS A N   1 
ATOM   781  C CA  . LYS A 1 116 ? -13.054 -2.487  -9.207  1.00 56.64  ? 890 LYS A CA  1 
ATOM   782  C C   . LYS A 1 116 ? -13.528 -1.347  -8.284  1.00 59.29  ? 890 LYS A C   1 
ATOM   783  O O   . LYS A 1 116 ? -14.512 -1.485  -7.545  1.00 58.52  ? 890 LYS A O   1 
ATOM   784  C CB  . LYS A 1 116 ? -14.233 -3.232  -9.859  1.00 59.40  ? 890 LYS A CB  1 
ATOM   785  N N   . VAL A 1 117 ? -12.790 -0.224  -8.335  1.00 54.65  ? 891 VAL A N   1 
ATOM   786  C CA  . VAL A 1 117 ? -13.045 1.010   -7.593  1.00 53.52  ? 891 VAL A CA  1 
ATOM   787  C C   . VAL A 1 117 ? -13.774 1.978   -8.550  1.00 56.30  ? 891 VAL A C   1 
ATOM   788  O O   . VAL A 1 117 ? -13.275 2.233   -9.653  1.00 56.05  ? 891 VAL A O   1 
ATOM   789  C CB  . VAL A 1 117 ? -11.719 1.599   -7.025  1.00 57.20  ? 891 VAL A CB  1 
ATOM   790  C CG1 . VAL A 1 117 ? -11.909 3.014   -6.489  1.00 57.05  ? 891 VAL A CG1 1 
ATOM   791  C CG2 . VAL A 1 117 ? -11.128 0.695   -5.946  1.00 56.90  ? 891 VAL A CG2 1 
ATOM   792  N N   . LYS A 1 118 ? -14.961 2.490   -8.137  1.00 51.31  ? 892 LYS A N   1 
ATOM   793  C CA  . LYS A 1 118 ? -15.783 3.418   -8.919  1.00 57.83  ? 892 LYS A CA  1 
ATOM   794  C C   . LYS A 1 118 ? -15.408 4.884   -8.664  1.00 96.49  ? 892 LYS A C   1 
ATOM   795  O O   . LYS A 1 118 ? -15.247 5.307   -7.520  1.00 61.25  ? 892 LYS A O   1 
ATOM   796  C CB  . LYS A 1 118 ? -17.278 3.187   -8.654  1.00 59.88  ? 892 LYS A CB  1 
ATOM   797  N N   . ASN B 1 13  ? -21.926 1.807   26.329  1.00 25.45  ? 787 ASN B N   1 
ATOM   798  C CA  . ASN B 1 13  ? -22.032 2.594   25.092  1.00 24.67  ? 787 ASN B CA  1 
ATOM   799  C C   . ASN B 1 13  ? -20.733 2.589   24.323  1.00 27.71  ? 787 ASN B C   1 
ATOM   800  O O   . ASN B 1 13  ? -19.679 2.354   24.907  1.00 27.54  ? 787 ASN B O   1 
ATOM   801  C CB  . ASN B 1 13  ? -22.334 4.073   25.429  1.00 21.64  ? 787 ASN B CB  1 
ATOM   802  C CG  . ASN B 1 13  ? -23.780 4.411   25.628  1.00 28.46  ? 787 ASN B CG  1 
ATOM   803  O OD1 . ASN B 1 13  ? -24.673 3.797   25.056  1.00 20.37  ? 787 ASN B OD1 1 
ATOM   804  N ND2 . ASN B 1 13  ? -24.040 5.428   26.424  1.00 19.61  ? 787 ASN B ND2 1 
ATOM   805  N N   . LEU B 1 14  ? -20.795 2.945   23.028  1.00 23.94  ? 788 LEU B N   1 
ATOM   806  C CA  . LEU B 1 14  ? -19.601 3.177   22.226  1.00 23.60  ? 788 LEU B CA  1 
ATOM   807  C C   . LEU B 1 14  ? -19.294 4.676   22.379  1.00 27.36  ? 788 LEU B C   1 
ATOM   808  O O   . LEU B 1 14  ? -20.209 5.465   22.623  1.00 26.81  ? 788 LEU B O   1 
ATOM   809  C CB  . LEU B 1 14  ? -19.824 2.830   20.737  1.00 23.77  ? 788 LEU B CB  1 
ATOM   810  C CG  . LEU B 1 14  ? -20.033 1.346   20.400  1.00 27.47  ? 788 LEU B CG  1 
ATOM   811  C CD1 . LEU B 1 14  ? -20.124 1.144   18.912  1.00 26.24  ? 788 LEU B CD1 1 
ATOM   812  C CD2 . LEU B 1 14  ? -18.904 0.481   20.963  1.00 30.14  ? 788 LEU B CD2 1 
ATOM   813  N N   . TYR B 1 15  ? -18.026 5.059   22.292  1.00 24.20  ? 789 TYR B N   1 
ATOM   814  C CA  . TYR B 1 15  ? -17.625 6.456   22.402  1.00 23.99  ? 789 TYR B CA  1 
ATOM   815  C C   . TYR B 1 15  ? -17.288 6.952   21.013  1.00 24.40  ? 789 TYR B C   1 
ATOM   816  O O   . TYR B 1 15  ? -16.746 6.199   20.200  1.00 24.58  ? 789 TYR B O   1 
ATOM   817  C CB  . TYR B 1 15  ? -16.453 6.635   23.377  1.00 26.58  ? 789 TYR B CB  1 
ATOM   818  C CG  . TYR B 1 15  ? -16.751 6.091   24.756  1.00 31.21  ? 789 TYR B CG  1 
ATOM   819  C CD1 . TYR B 1 15  ? -16.237 4.864   25.166  1.00 34.32  ? 789 TYR B CD1 1 
ATOM   820  C CD2 . TYR B 1 15  ? -17.639 6.744   25.608  1.00 32.58  ? 789 TYR B CD2 1 
ATOM   821  C CE1 . TYR B 1 15  ? -16.548 4.330   26.420  1.00 36.90  ? 789 TYR B CE1 1 
ATOM   822  C CE2 . TYR B 1 15  ? -17.968 6.214   26.858  1.00 33.96  ? 789 TYR B CE2 1 
ATOM   823  C CZ  . TYR B 1 15  ? -17.408 5.014   27.266  1.00 43.90  ? 789 TYR B CZ  1 
ATOM   824  O OH  . TYR B 1 15  ? -17.703 4.502   28.509  1.00 46.40  ? 789 TYR B OH  1 
ATOM   825  N N   . PHE B 1 16  ? -17.633 8.196   20.734  1.00 16.10  ? 790 PHE B N   1 
ATOM   826  C CA  . PHE B 1 16  ? -17.454 8.801   19.432  1.00 15.81  ? 790 PHE B CA  1 
ATOM   827  C C   . PHE B 1 16  ? -16.972 10.219  19.607  1.00 21.19  ? 790 PHE B C   1 
ATOM   828  O O   . PHE B 1 16  ? -17.023 10.774  20.707  1.00 21.18  ? 790 PHE B O   1 
ATOM   829  C CB  . PHE B 1 16  ? -18.801 8.848   18.675  1.00 17.73  ? 790 PHE B CB  1 
ATOM   830  C CG  . PHE B 1 16  ? -19.457 7.521   18.386  1.00 19.16  ? 790 PHE B CG  1 
ATOM   831  C CD1 . PHE B 1 16  ? -20.539 7.085   19.143  1.00 21.19  ? 790 PHE B CD1 1 
ATOM   832  C CD2 . PHE B 1 16  ? -19.003 6.712   17.347  1.00 22.12  ? 790 PHE B CD2 1 
ATOM   833  C CE1 . PHE B 1 16  ? -21.152 5.855   18.875  1.00 22.47  ? 790 PHE B CE1 1 
ATOM   834  C CE2 . PHE B 1 16  ? -19.619 5.481   17.077  1.00 24.45  ? 790 PHE B CE2 1 
ATOM   835  C CZ  . PHE B 1 16  ? -20.681 5.057   17.850  1.00 22.16  ? 790 PHE B CZ  1 
ATOM   836  N N   . GLN B 1 17  ? -16.551 10.819  18.509  1.00 17.99  ? 791 GLN B N   1 
ATOM   837  C CA  . GLN B 1 17  ? -16.099 12.192  18.499  1.00 18.82  ? 791 GLN B CA  1 
ATOM   838  C C   . GLN B 1 17  ? -16.599 12.896  17.260  1.00 20.55  ? 791 GLN B C   1 
ATOM   839  O O   . GLN B 1 17  ? -16.782 12.264  16.223  1.00 19.28  ? 791 GLN B O   1 
ATOM   840  C CB  . GLN B 1 17  ? -14.572 12.301  18.674  1.00 20.99  ? 791 GLN B CB  1 
ATOM   841  C CG  . GLN B 1 17  ? -13.722 11.450  17.731  1.00 33.95  ? 791 GLN B CG  1 
ATOM   842  C CD  . GLN B 1 17  ? -12.241 11.668  17.975  1.00 42.76  ? 791 GLN B CD  1 
ATOM   843  O OE1 . GLN B 1 17  ? -11.805 12.744  18.407  1.00 32.31  ? 791 GLN B OE1 1 
ATOM   844  N NE2 . GLN B 1 17  ? -11.429 10.652  17.688  1.00 31.03  ? 791 GLN B NE2 1 
ATOM   845  N N   . GLY B 1 18  ? -16.864 14.181  17.402  1.00 18.13  ? 792 GLY B N   1 
ATOM   846  C CA  . GLY B 1 18  ? -17.385 15.024  16.334  1.00 18.75  ? 792 GLY B CA  1 
ATOM   847  C C   . GLY B 1 18  ? -17.212 16.498  16.617  1.00 22.73  ? 792 GLY B C   1 
ATOM   848  O O   . GLY B 1 18  ? -17.255 16.941  17.766  1.00 22.85  ? 792 GLY B O   1 
ATOM   849  N N   . ASN B 1 19  ? -17.011 17.264  15.570  1.00 20.02  ? 793 ASN B N   1 
ATOM   850  C CA  . ASN B 1 19  ? -16.795 18.697  15.680  1.00 20.46  ? 793 ASN B CA  1 
ATOM   851  C C   . ASN B 1 19  ? -18.046 19.438  15.181  1.00 26.69  ? 793 ASN B C   1 
ATOM   852  O O   . ASN B 1 19  ? -17.997 20.198  14.226  1.00 28.37  ? 793 ASN B O   1 
ATOM   853  C CB  . ASN B 1 19  ? -15.530 19.066  14.891  1.00 20.72  ? 793 ASN B CB  1 
ATOM   854  C CG  . ASN B 1 19  ? -15.011 20.469  15.111  1.00 36.22  ? 793 ASN B CG  1 
ATOM   855  O OD1 . ASN B 1 19  ? -14.376 21.053  14.228  1.00 28.66  ? 793 ASN B OD1 1 
ATOM   856  N ND2 . ASN B 1 19  ? -15.199 21.012  16.308  1.00 24.15  ? 793 ASN B ND2 1 
ATOM   857  N N   . GLN B 1 20  ? -19.186 19.137  15.790  1.00 23.64  ? 794 GLN B N   1 
ATOM   858  C CA  . GLN B 1 20  ? -20.484 19.710  15.458  1.00 23.25  ? 794 GLN B CA  1 
ATOM   859  C C   . GLN B 1 20  ? -21.302 19.729  16.732  1.00 25.18  ? 794 GLN B C   1 
ATOM   860  O O   . GLN B 1 20  ? -21.371 18.734  17.438  1.00 24.51  ? 794 GLN B O   1 
ATOM   861  C CB  . GLN B 1 20  ? -21.190 18.890  14.364  1.00 24.38  ? 794 GLN B CB  1 
ATOM   862  C CG  . GLN B 1 20  ? -22.201 19.711  13.593  1.00 30.08  ? 794 GLN B CG  1 
ATOM   863  C CD  . GLN B 1 20  ? -22.581 19.047  12.298  1.00 44.21  ? 794 GLN B CD  1 
ATOM   864  O OE1 . GLN B 1 20  ? -21.744 18.825  11.417  1.00 36.76  ? 794 GLN B OE1 1 
ATOM   865  N NE2 . GLN B 1 20  ? -23.857 18.745  12.143  1.00 32.46  ? 794 GLN B NE2 1 
ATOM   866  N N   . GLN B 1 21  ? -21.890 20.877  17.020  1.00 21.69  ? 795 GLN B N   1 
ATOM   867  C CA  . GLN B 1 21  ? -22.671 21.180  18.216  1.00 21.43  ? 795 GLN B CA  1 
ATOM   868  C C   . GLN B 1 21  ? -24.092 20.685  18.126  1.00 22.90  ? 795 GLN B C   1 
ATOM   869  O O   . GLN B 1 21  ? -24.712 20.421  19.158  1.00 20.13  ? 795 GLN B O   1 
ATOM   870  C CB  . GLN B 1 21  ? -22.726 22.709  18.415  1.00 22.97  ? 795 GLN B CB  1 
ATOM   871  C CG  . GLN B 1 21  ? -21.417 23.367  18.820  1.00 40.26  ? 795 GLN B CG  1 
ATOM   872  C CD  . GLN B 1 21  ? -21.653 24.659  19.575  1.00 60.72  ? 795 GLN B CD  1 
ATOM   873  O OE1 . GLN B 1 21  ? -22.778 25.181  19.664  1.00 55.00  ? 795 GLN B OE1 1 
ATOM   874  N NE2 . GLN B 1 21  ? -20.596 25.180  20.180  1.00 54.39  ? 795 GLN B NE2 1 
ATOM   875  N N   . VAL B 1 22  ? -24.640 20.651  16.900  1.00 20.73  ? 796 VAL B N   1 
ATOM   876  C CA  . VAL B 1 22  ? -26.030 20.303  16.621  1.00 20.73  ? 796 VAL B CA  1 
ATOM   877  C C   . VAL B 1 22  ? -26.200 19.888  15.137  1.00 25.96  ? 796 VAL B C   1 
ATOM   878  O O   . VAL B 1 22  ? -25.414 20.301  14.282  1.00 25.16  ? 796 VAL B O   1 
ATOM   879  C CB  . VAL B 1 22  ? -26.941 21.519  17.016  1.00 24.34  ? 796 VAL B CB  1 
ATOM   880  C CG1 . VAL B 1 22  ? -26.721 22.731  16.098  1.00 23.90  ? 796 VAL B CG1 1 
ATOM   881  C CG2 . VAL B 1 22  ? -28.413 21.137  17.093  1.00 23.89  ? 796 VAL B CG2 1 
ATOM   882  N N   . GLY B 1 23  ? -27.222 19.085  14.860  1.00 23.37  ? 797 GLY B N   1 
ATOM   883  C CA  . GLY B 1 23  ? -27.564 18.692  13.501  1.00 22.95  ? 797 GLY B CA  1 
ATOM   884  C C   . GLY B 1 23  ? -27.516 17.219  13.180  1.00 25.78  ? 797 GLY B C   1 
ATOM   885  O O   . GLY B 1 23  ? -27.331 16.380  14.060  1.00 23.67  ? 797 GLY B O   1 
ATOM   886  N N   . ASP B 1 24  ? -27.654 16.914  11.890  1.00 23.59  ? 798 ASP B N   1 
ATOM   887  C CA  . ASP B 1 24  ? -27.658 15.551  11.392  1.00 24.13  ? 798 ASP B CA  1 
ATOM   888  C C   . ASP B 1 24  ? -26.264 14.944  11.323  1.00 29.58  ? 798 ASP B C   1 
ATOM   889  O O   . ASP B 1 24  ? -25.252 15.652  11.174  1.00 28.57  ? 798 ASP B O   1 
ATOM   890  C CB  . ASP B 1 24  ? -28.412 15.455  10.054  1.00 26.26  ? 798 ASP B CB  1 
ATOM   891  C CG  . ASP B 1 24  ? -29.773 16.144  10.095  1.00 37.10  ? 798 ASP B CG  1 
ATOM   892  O OD1 . ASP B 1 24  ? -30.565 15.848  11.024  1.00 36.07  ? 798 ASP B OD1 1 
ATOM   893  O OD2 . ASP B 1 24  ? -30.005 17.048  9.264   1.00 44.23  ? 798 ASP B OD2 1 
ATOM   894  N N   . CYS B 1 25  ? -26.217 13.623  11.517  1.00 26.55  ? 799 CYS B N   1 
ATOM   895  C CA  . CYS B 1 25  ? -24.995 12.833  11.472  1.00 26.92  ? 799 CYS B CA  1 
ATOM   896  C C   . CYS B 1 25  ? -25.346 11.369  11.269  1.00 27.65  ? 799 CYS B C   1 
ATOM   897  O O   . CYS B 1 25  ? -26.526 11.017  11.239  1.00 26.07  ? 799 CYS B O   1 
ATOM   898  C CB  . CYS B 1 25  ? -24.120 13.062  12.711  1.00 28.57  ? 799 CYS B CB  1 
ATOM   899  S SG  . CYS B 1 25  ? -24.947 12.752  14.288  1.00 33.71  ? 799 CYS B SG  1 
ATOM   900  N N   . CYS B 1 26  ? -24.338 10.527  11.061  1.00 24.25  ? 800 CYS B N   1 
ATOM   901  C CA  . CYS B 1 26  ? -24.530 9.098   10.923  1.00 25.00  ? 800 CYS B CA  1 
ATOM   902  C C   . CYS B 1 26  ? -23.344 8.344   11.494  1.00 25.90  ? 800 CYS B C   1 
ATOM   903  O O   . CYS B 1 26  ? -22.289 8.937   11.745  1.00 24.28  ? 800 CYS B O   1 
ATOM   904  C CB  . CYS B 1 26  ? -24.858 8.682   9.488   1.00 27.08  ? 800 CYS B CB  1 
ATOM   905  S SG  . CYS B 1 26  ? -23.478 8.833   8.325   1.00 32.25  ? 800 CYS B SG  1 
ATOM   906  N N   . ILE B 1 27  ? -23.562 7.068   11.816  1.00 20.04  ? 801 ILE B N   1 
ATOM   907  C CA  . ILE B 1 27  ? -22.529 6.197   12.340  1.00 19.37  ? 801 ILE B CA  1 
ATOM   908  C C   . ILE B 1 27  ? -22.214 5.252   11.219  1.00 23.40  ? 801 ILE B C   1 
ATOM   909  O O   . ILE B 1 27  ? -23.122 4.642   10.640  1.00 22.76  ? 801 ILE B O   1 
ATOM   910  C CB  . ILE B 1 27  ? -22.914 5.451   13.645  1.00 22.18  ? 801 ILE B CB  1 
ATOM   911  C CG1 . ILE B 1 27  ? -23.178 6.455   14.798  1.00 22.51  ? 801 ILE B CG1 1 
ATOM   912  C CG2 . ILE B 1 27  ? -21.812 4.450   14.046  1.00 21.42  ? 801 ILE B CG2 1 
ATOM   913  C CD1 . ILE B 1 27  ? -24.102 5.896   15.924  1.00 23.84  ? 801 ILE B CD1 1 
ATOM   914  N N   . ILE B 1 28  ? -20.935 5.184   10.867  1.00 19.54  ? 802 ILE B N   1 
ATOM   915  C CA  . ILE B 1 28  ? -20.476 4.302   9.805   1.00 19.32  ? 802 ILE B CA  1 
ATOM   916  C C   . ILE B 1 28  ? -19.547 3.290   10.453  1.00 23.47  ? 802 ILE B C   1 
ATOM   917  O O   . ILE B 1 28  ? -19.210 3.434   11.623  1.00 23.58  ? 802 ILE B O   1 
ATOM   918  C CB  . ILE B 1 28  ? -19.825 5.099   8.635   1.00 22.25  ? 802 ILE B CB  1 
ATOM   919  C CG1 . ILE B 1 28  ? -18.492 5.779   9.063   1.00 22.76  ? 802 ILE B CG1 1 
ATOM   920  C CG2 . ILE B 1 28  ? -20.834 6.087   8.014   1.00 22.29  ? 802 ILE B CG2 1 
ATOM   921  C CD1 . ILE B 1 28  ? -17.598 6.301   7.914   1.00 27.03  ? 802 ILE B CD1 1 
ATOM   922  N N   . ARG B 1 29  ? -19.130 2.290   9.700   1.00 20.29  ? 803 ARG B N   1 
ATOM   923  C CA  . ARG B 1 29  ? -18.219 1.263   10.167  1.00 20.55  ? 803 ARG B CA  1 
ATOM   924  C C   . ARG B 1 29  ? -16.976 1.333   9.294   1.00 23.16  ? 803 ARG B C   1 
ATOM   925  O O   . ARG B 1 29  ? -17.079 1.290   8.067   1.00 20.72  ? 803 ARG B O   1 
ATOM   926  C CB  . ARG B 1 29  ? -18.892 -0.119  10.087  1.00 22.00  ? 803 ARG B CB  1 
ATOM   927  C CG  . ARG B 1 29  ? -19.744 -0.475  11.306  1.00 30.26  ? 803 ARG B CG  1 
ATOM   928  C CD  . ARG B 1 29  ? -20.684 -1.634  11.020  1.00 41.15  ? 803 ARG B CD  1 
ATOM   929  N NE  . ARG B 1 29  ? -20.007 -2.813  10.461  1.00 52.97  ? 803 ARG B NE  1 
ATOM   930  C CZ  . ARG B 1 29  ? -20.563 -3.646  9.583   1.00 73.58  ? 803 ARG B CZ  1 
ATOM   931  N NH1 . ARG B 1 29  ? -21.799 -3.434  9.146   1.00 75.45  ? 803 ARG B NH1 1 
ATOM   932  N NH2 . ARG B 1 29  ? -19.878 -4.684  9.119   1.00 51.81  ? 803 ARG B NH2 1 
ATOM   933  N N   . VAL B 1 30  ? -15.806 1.512   9.926   1.00 20.46  ? 804 VAL B N   1 
ATOM   934  C CA  . VAL B 1 30  ? -14.549 1.650   9.185   1.00 19.33  ? 804 VAL B CA  1 
ATOM   935  C C   . VAL B 1 30  ? -13.620 0.492   9.449   1.00 24.98  ? 804 VAL B C   1 
ATOM   936  O O   . VAL B 1 30  ? -13.218 0.233   10.580  1.00 25.34  ? 804 VAL B O   1 
ATOM   937  C CB  . VAL B 1 30  ? -13.877 3.055   9.306   1.00 21.20  ? 804 VAL B CB  1 
ATOM   938  C CG1 . VAL B 1 30  ? -12.676 3.186   8.362   1.00 19.72  ? 804 VAL B CG1 1 
ATOM   939  C CG2 . VAL B 1 30  ? -14.891 4.169   9.020   1.00 20.63  ? 804 VAL B CG2 1 
ATOM   940  N N   . SER B 1 31  ? -13.316 -0.214  8.375   1.00 24.35  ? 805 SER B N   1 
ATOM   941  C CA  . SER B 1 31  ? -12.469 -1.393  8.333   1.00 25.75  ? 805 SER B CA  1 
ATOM   942  C C   . SER B 1 31  ? -11.008 -1.069  8.053   1.00 31.22  ? 805 SER B C   1 
ATOM   943  O O   . SER B 1 31  ? -10.673 -0.099  7.369   1.00 29.42  ? 805 SER B O   1 
ATOM   944  C CB  . SER B 1 31  ? -12.999 -2.362  7.273   1.00 29.04  ? 805 SER B CB  1 
ATOM   945  O OG  . SER B 1 31  ? -12.060 -3.345  6.878   1.00 39.13  ? 805 SER B OG  1 
ATOM   946  N N   . LEU B 1 32  ? -10.151 -1.947  8.559   1.00 30.95  ? 806 LEU B N   1 
ATOM   947  C CA  . LEU B 1 32  ? -8.716  -1.951  8.380   1.00 31.83  ? 806 LEU B CA  1 
ATOM   948  C C   . LEU B 1 32  ? -8.256  -3.409  8.359   1.00 39.05  ? 806 LEU B C   1 
ATOM   949  O O   . LEU B 1 32  ? -8.674  -4.208  9.216   1.00 36.40  ? 806 LEU B O   1 
ATOM   950  C CB  . LEU B 1 32  ? -8.014  -1.165  9.498   1.00 31.62  ? 806 LEU B CB  1 
ATOM   951  C CG  . LEU B 1 32  ? -6.508  -0.965  9.354   1.00 35.08  ? 806 LEU B CG  1 
ATOM   952  C CD1 . LEU B 1 32  ? -6.179  0.089   8.298   1.00 35.41  ? 806 LEU B CD1 1 
ATOM   953  C CD2 . LEU B 1 32  ? -5.888  -0.599  10.679  1.00 35.66  ? 806 LEU B CD2 1 
ATOM   954  N N   . ASP B 1 33  ? -7.408  -3.754  7.369   1.00 40.22  ? 807 ASP B N   1 
ATOM   955  C CA  . ASP B 1 33  ? -6.841  -5.098  7.267   1.00 42.20  ? 807 ASP B CA  1 
ATOM   956  C C   . ASP B 1 33  ? -5.725  -5.197  8.296   1.00 48.00  ? 807 ASP B C   1 
ATOM   957  O O   . ASP B 1 33  ? -4.711  -4.501  8.189   1.00 47.95  ? 807 ASP B O   1 
ATOM   958  C CB  . ASP B 1 33  ? -6.347  -5.424  5.842   1.00 44.87  ? 807 ASP B CB  1 
ATOM   959  C CG  . ASP B 1 33  ? -5.897  -6.874  5.708   1.00 62.29  ? 807 ASP B CG  1 
ATOM   960  O OD1 . ASP B 1 33  ? -6.770  -7.753  5.497   1.00 63.46  ? 807 ASP B OD1 1 
ATOM   961  O OD2 . ASP B 1 33  ? -4.685  -7.138  5.875   1.00 70.17  ? 807 ASP B OD2 1 
ATOM   962  N N   . VAL B 1 34  ? -5.971  -5.988  9.341   1.00 46.03  ? 808 VAL B N   1 
ATOM   963  C CA  . VAL B 1 34  ? -5.081  -6.206  10.474  1.00 46.99  ? 808 VAL B CA  1 
ATOM   964  C C   . VAL B 1 34  ? -5.331  -7.591  11.064  1.00 54.33  ? 808 VAL B C   1 
ATOM   965  O O   . VAL B 1 34  ? -6.493  -8.002  11.188  1.00 54.24  ? 808 VAL B O   1 
ATOM   966  C CB  . VAL B 1 34  ? -5.290  -5.116  11.548  1.00 51.29  ? 808 VAL B CB  1 
ATOM   967  N N   . ASP B 1 35  ? -4.231  -8.297  11.448  1.00 52.35  ? 809 ASP B N   1 
ATOM   968  C CA  . ASP B 1 35  ? -4.211  -9.643  12.046  1.00 52.41  ? 809 ASP B CA  1 
ATOM   969  C C   . ASP B 1 35  ? -4.925  -10.701 11.179  1.00 55.41  ? 809 ASP B C   1 
ATOM   970  O O   . ASP B 1 35  ? -5.802  -11.424 11.663  1.00 55.01  ? 809 ASP B O   1 
ATOM   971  C CB  . ASP B 1 35  ? -4.703  -9.631  13.513  1.00 54.43  ? 809 ASP B CB  1 
ATOM   972  N N   . ASN B 1 36  ? -4.535  -10.766 9.878   1.00 50.94  ? 810 ASN B N   1 
ATOM   973  C CA  . ASN B 1 36  ? -5.057  -11.687 8.861   1.00 50.12  ? 810 ASN B CA  1 
ATOM   974  C C   . ASN B 1 36  ? -6.608  -11.694 8.788   1.00 52.08  ? 810 ASN B C   1 
ATOM   975  O O   . ASN B 1 36  ? -7.233  -12.756 8.808   1.00 53.03  ? 810 ASN B O   1 
ATOM   976  C CB  . ASN B 1 36  ? -4.464  -13.095 9.043   1.00 51.65  ? 810 ASN B CB  1 
ATOM   977  N N   . GLY B 1 37  ? -7.194  -10.497 8.726   1.00 44.44  ? 811 GLY B N   1 
ATOM   978  C CA  . GLY B 1 37  ? -8.636  -10.281 8.656   1.00 42.29  ? 811 GLY B CA  1 
ATOM   979  C C   . GLY B 1 37  ? -8.999  -8.814  8.533   1.00 42.04  ? 811 GLY B C   1 
ATOM   980  O O   . GLY B 1 37  ? -8.185  -8.009  8.070   1.00 41.52  ? 811 GLY B O   1 
ATOM   981  N N   . ASN B 1 38  ? -10.225 -8.446  8.948   1.00 34.69  ? 812 ASN B N   1 
ATOM   982  C CA  . ASN B 1 38  ? -10.707 -7.069  8.875   1.00 32.66  ? 812 ASN B CA  1 
ATOM   983  C C   . ASN B 1 38  ? -11.481 -6.689  10.122  1.00 33.18  ? 812 ASN B C   1 
ATOM   984  O O   . ASN B 1 38  ? -12.555 -7.238  10.384  1.00 31.51  ? 812 ASN B O   1 
ATOM   985  C CB  . ASN B 1 38  ? -11.540 -6.819  7.605   1.00 32.86  ? 812 ASN B CB  1 
ATOM   986  C CG  . ASN B 1 38  ? -10.745 -6.867  6.316   1.00 54.08  ? 812 ASN B CG  1 
ATOM   987  O OD1 . ASN B 1 38  ? -10.253 -5.844  5.828   1.00 47.14  ? 812 ASN B OD1 1 
ATOM   988  N ND2 . ASN B 1 38  ? -10.617 -8.054  5.726   1.00 39.90  ? 812 ASN B ND2 1 
ATOM   989  N N   . MET B 1 39  ? -10.916 -5.746  10.895  1.00 28.40  ? 813 MET B N   1 
ATOM   990  C CA  . MET B 1 39  ? -11.500 -5.217  12.116  1.00 27.46  ? 813 MET B CA  1 
ATOM   991  C C   . MET B 1 39  ? -12.295 -3.956  11.772  1.00 28.66  ? 813 MET B C   1 
ATOM   992  O O   . MET B 1 39  ? -11.751 -3.024  11.183  1.00 27.23  ? 813 MET B O   1 
ATOM   993  C CB  . MET B 1 39  ? -10.390 -4.924  13.163  1.00 29.93  ? 813 MET B CB  1 
ATOM   994  C CG  . MET B 1 39  ? -10.904 -4.358  14.494  1.00 33.39  ? 813 MET B CG  1 
ATOM   995  S SD  . MET B 1 39  ? -12.094 -5.448  15.316  1.00 37.80  ? 813 MET B SD  1 
ATOM   996  C CE  . MET B 1 39  ? -12.441 -4.511  16.800  1.00 34.60  ? 813 MET B CE  1 
ATOM   997  N N   . TYR B 1 40  ? -13.588 -3.940  12.102  1.00 25.41  ? 814 TYR B N   1 
ATOM   998  C CA  . TYR B 1 40  ? -14.443 -2.775  11.862  1.00 25.16  ? 814 TYR B CA  1 
ATOM   999  C C   . TYR B 1 40  ? -14.634 -2.010  13.158  1.00 27.32  ? 814 TYR B C   1 
ATOM   1000 O O   . TYR B 1 40  ? -14.820 -2.616  14.206  1.00 26.69  ? 814 TYR B O   1 
ATOM   1001 C CB  . TYR B 1 40  ? -15.820 -3.187  11.340  1.00 26.84  ? 814 TYR B CB  1 
ATOM   1002 C CG  . TYR B 1 40  ? -15.882 -3.471  9.856   1.00 30.52  ? 814 TYR B CG  1 
ATOM   1003 C CD1 . TYR B 1 40  ? -16.368 -2.518  8.962   1.00 32.68  ? 814 TYR B CD1 1 
ATOM   1004 C CD2 . TYR B 1 40  ? -15.507 -4.710  9.347   1.00 31.81  ? 814 TYR B CD2 1 
ATOM   1005 C CE1 . TYR B 1 40  ? -16.500 -2.802  7.601   1.00 32.39  ? 814 TYR B CE1 1 
ATOM   1006 C CE2 . TYR B 1 40  ? -15.595 -4.990  7.980   1.00 33.23  ? 814 TYR B CE2 1 
ATOM   1007 C CZ  . TYR B 1 40  ? -16.119 -4.043  7.119   1.00 40.66  ? 814 TYR B CZ  1 
ATOM   1008 O OH  . TYR B 1 40  ? -16.212 -4.330  5.785   1.00 46.88  ? 814 TYR B OH  1 
ATOM   1009 N N   . LYS B 1 41  ? -14.563 -0.681  13.085  1.00 22.65  ? 815 LYS B N   1 
ATOM   1010 C CA  . LYS B 1 41  ? -14.806 0.214   14.224  1.00 21.00  ? 815 LYS B CA  1 
ATOM   1011 C C   . LYS B 1 41  ? -15.916 1.152   13.791  1.00 22.46  ? 815 LYS B C   1 
ATOM   1012 O O   . LYS B 1 41  ? -15.973 1.535   12.622  1.00 21.73  ? 815 LYS B O   1 
ATOM   1013 C CB  . LYS B 1 41  ? -13.544 1.030   14.585  1.00 21.72  ? 815 LYS B CB  1 
ATOM   1014 C CG  . LYS B 1 41  ? -12.413 0.228   15.225  1.00 26.36  ? 815 LYS B CG  1 
ATOM   1015 C CD  . LYS B 1 41  ? -12.665 -0.082  16.694  1.00 28.39  ? 815 LYS B CD  1 
ATOM   1016 C CE  . LYS B 1 41  ? -11.497 -0.824  17.291  1.00 34.19  ? 815 LYS B CE  1 
ATOM   1017 N NZ  . LYS B 1 41  ? -11.822 -1.356  18.637  1.00 37.86  ? 815 LYS B NZ  1 
ATOM   1018 N N   . SER B 1 42  ? -16.808 1.498   14.708  1.00 19.16  ? 816 SER B N   1 
ATOM   1019 C CA  . SER B 1 42  ? -17.906 2.411   14.406  1.00 18.45  ? 816 SER B CA  1 
ATOM   1020 C C   . SER B 1 42  ? -17.392 3.831   14.525  1.00 20.54  ? 816 SER B C   1 
ATOM   1021 O O   . SER B 1 42  ? -16.682 4.144   15.485  1.00 19.09  ? 816 SER B O   1 
ATOM   1022 C CB  . SER B 1 42  ? -19.071 2.181   15.356  1.00 19.99  ? 816 SER B CB  1 
ATOM   1023 O OG  . SER B 1 42  ? -19.685 0.966   14.978  1.00 27.80  ? 816 SER B OG  1 
ATOM   1024 N N   . ILE B 1 43  ? -17.713 4.675   13.535  1.00 16.70  ? 817 ILE B N   1 
ATOM   1025 C CA  . ILE B 1 43  ? -17.220 6.060   13.497  1.00 17.12  ? 817 ILE B CA  1 
ATOM   1026 C C   . ILE B 1 43  ? -18.361 7.053   13.231  1.00 19.98  ? 817 ILE B C   1 
ATOM   1027 O O   . ILE B 1 43  ? -19.158 6.840   12.329  1.00 19.76  ? 817 ILE B O   1 
ATOM   1028 C CB  . ILE B 1 43  ? -16.052 6.203   12.434  1.00 19.28  ? 817 ILE B CB  1 
ATOM   1029 C CG1 . ILE B 1 43  ? -14.833 5.277   12.710  1.00 18.28  ? 817 ILE B CG1 1 
ATOM   1030 C CG2 . ILE B 1 43  ? -15.626 7.663   12.179  1.00 20.18  ? 817 ILE B CG2 1 
ATOM   1031 C CD1 . ILE B 1 43  ? -14.053 5.480   14.026  1.00 20.42  ? 817 ILE B CD1 1 
ATOM   1032 N N   . LEU B 1 44  ? -18.384 8.159   13.980  1.00 16.47  ? 818 LEU B N   1 
ATOM   1033 C CA  . LEU B 1 44  ? -19.351 9.234   13.821  1.00 15.81  ? 818 LEU B CA  1 
ATOM   1034 C C   . LEU B 1 44  ? -18.986 10.148  12.652  1.00 19.52  ? 818 LEU B C   1 
ATOM   1035 O O   . LEU B 1 44  ? -17.871 10.653  12.577  1.00 19.64  ? 818 LEU B O   1 
ATOM   1036 C CB  . LEU B 1 44  ? -19.470 10.053  15.122  1.00 15.42  ? 818 LEU B CB  1 
ATOM   1037 C CG  . LEU B 1 44  ? -20.487 11.214  15.134  1.00 18.74  ? 818 LEU B CG  1 
ATOM   1038 C CD1 . LEU B 1 44  ? -21.914 10.726  14.868  1.00 19.46  ? 818 LEU B CD1 1 
ATOM   1039 C CD2 . LEU B 1 44  ? -20.440 11.965  16.451  1.00 18.70  ? 818 LEU B CD2 1 
ATOM   1040 N N   . VAL B 1 45  ? -19.931 10.359  11.753  1.00 16.50  ? 819 VAL B N   1 
ATOM   1041 C CA  . VAL B 1 45  ? -19.768 11.265  10.611  1.00 16.69  ? 819 VAL B CA  1 
ATOM   1042 C C   . VAL B 1 45  ? -20.807 12.366  10.744  1.00 20.72  ? 819 VAL B C   1 
ATOM   1043 O O   . VAL B 1 45  ? -21.996 12.116  10.609  1.00 19.68  ? 819 VAL B O   1 
ATOM   1044 C CB  . VAL B 1 45  ? -19.845 10.589  9.213   1.00 19.00  ? 819 VAL B CB  1 
ATOM   1045 C CG1 . VAL B 1 45  ? -19.656 11.634  8.109   1.00 18.51  ? 819 VAL B CG1 1 
ATOM   1046 C CG2 . VAL B 1 45  ? -18.807 9.483   9.076   1.00 18.26  ? 819 VAL B CG2 1 
ATOM   1047 N N   . THR B 1 46  ? -20.359 13.576  10.978  1.00 18.73  ? 820 THR B N   1 
ATOM   1048 C CA  . THR B 1 46  ? -21.276 14.713  11.061  1.00 18.44  ? 820 THR B CA  1 
ATOM   1049 C C   . THR B 1 46  ? -21.574 15.202  9.641   1.00 21.42  ? 820 THR B C   1 
ATOM   1050 O O   . THR B 1 46  ? -20.806 14.901  8.720   1.00 20.12  ? 820 THR B O   1 
ATOM   1051 C CB  . THR B 1 46  ? -20.690 15.796  11.955  1.00 27.55  ? 820 THR B CB  1 
ATOM   1052 O OG1 . THR B 1 46  ? -19.694 16.508  11.228  1.00 23.73  ? 820 THR B OG1 1 
ATOM   1053 C CG2 . THR B 1 46  ? -20.126 15.239  13.263  1.00 27.91  ? 820 THR B CG2 1 
ATOM   1054 N N   . SER B 1 47  ? -22.690 15.934  9.462   1.00 19.45  ? 821 SER B N   1 
ATOM   1055 C CA  . SER B 1 47  ? -23.126 16.469  8.166   1.00 20.55  ? 821 SER B CA  1 
ATOM   1056 C C   . SER B 1 47  ? -22.077 17.402  7.522   1.00 25.68  ? 821 SER B C   1 
ATOM   1057 O O   . SER B 1 47  ? -22.011 17.473  6.297   1.00 26.36  ? 821 SER B O   1 
ATOM   1058 C CB  . SER B 1 47  ? -24.472 17.178  8.289   1.00 22.61  ? 821 SER B CB  1 
ATOM   1059 O OG  . SER B 1 47  ? -24.415 18.208  9.259   1.00 26.53  ? 821 SER B OG  1 
ATOM   1060 N N   . GLN B 1 48  ? -21.241 18.060  8.337   1.00 21.54  ? 822 GLN B N   1 
ATOM   1061 C CA  . GLN B 1 48  ? -20.181 18.973  7.869   1.00 22.61  ? 822 GLN B CA  1 
ATOM   1062 C C   . GLN B 1 48  ? -18.843 18.249  7.567   1.00 25.64  ? 822 GLN B C   1 
ATOM   1063 O O   . GLN B 1 48  ? -18.011 18.810  6.861   1.00 26.50  ? 822 GLN B O   1 
ATOM   1064 C CB  . GLN B 1 48  ? -19.912 20.076  8.926   1.00 23.95  ? 822 GLN B CB  1 
ATOM   1065 C CG  . GLN B 1 48  ? -21.053 21.076  9.158   1.00 41.32  ? 822 GLN B CG  1 
ATOM   1066 C CD  . GLN B 1 48  ? -20.932 21.845  10.469  1.00 61.14  ? 822 GLN B CD  1 
ATOM   1067 O OE1 . GLN B 1 48  ? -19.921 21.798  11.189  1.00 58.20  ? 822 GLN B OE1 1 
ATOM   1068 N NE2 . GLN B 1 48  ? -21.978 22.576  10.815  1.00 51.31  ? 822 GLN B NE2 1 
ATOM   1069 N N   . ASP B 1 49  ? -18.617 17.050  8.137   1.00 20.57  ? 823 ASP B N   1 
ATOM   1070 C CA  . ASP B 1 49  ? -17.362 16.281  8.005   1.00 19.60  ? 823 ASP B CA  1 
ATOM   1071 C C   . ASP B 1 49  ? -16.876 15.964  6.595   1.00 23.94  ? 823 ASP B C   1 
ATOM   1072 O O   . ASP B 1 49  ? -17.564 15.304  5.821   1.00 22.82  ? 823 ASP B O   1 
ATOM   1073 C CB  . ASP B 1 49  ? -17.418 14.969  8.799   1.00 20.83  ? 823 ASP B CB  1 
ATOM   1074 C CG  . ASP B 1 49  ? -17.143 15.032  10.296  1.00 26.44  ? 823 ASP B CG  1 
ATOM   1075 O OD1 . ASP B 1 49  ? -16.525 16.022  10.751  1.00 25.38  ? 823 ASP B OD1 1 
ATOM   1076 O OD2 . ASP B 1 49  ? -17.489 14.057  11.002  1.00 25.92  ? 823 ASP B OD2 1 
ATOM   1077 N N   . LYS B 1 50  ? -15.644 16.378  6.292   1.00 22.04  ? 824 LYS B N   1 
ATOM   1078 C CA  . LYS B 1 50  ? -14.972 16.012  5.053   1.00 21.54  ? 824 LYS B CA  1 
ATOM   1079 C C   . LYS B 1 50  ? -14.099 14.794  5.354   1.00 24.76  ? 824 LYS B C   1 
ATOM   1080 O O   . LYS B 1 50  ? -13.848 14.505  6.532   1.00 24.88  ? 824 LYS B O   1 
ATOM   1081 C CB  . LYS B 1 50  ? -14.164 17.180  4.458   1.00 23.48  ? 824 LYS B CB  1 
ATOM   1082 C CG  . LYS B 1 50  ? -15.077 18.253  3.890   1.00 30.89  ? 824 LYS B CG  1 
ATOM   1083 C CD  . LYS B 1 50  ? -14.324 19.508  3.501   1.00 38.09  ? 824 LYS B CD  1 
ATOM   1084 C CE  . LYS B 1 50  ? -15.271 20.563  2.987   1.00 39.95  ? 824 LYS B CE  1 
ATOM   1085 N NZ  . LYS B 1 50  ? -14.540 21.640  2.272   1.00 57.88  ? 824 LYS B NZ  1 
ATOM   1086 N N   . ALA B 1 51  ? -13.697 14.051  4.301   1.00 19.42  ? 825 ALA B N   1 
ATOM   1087 C CA  . ALA B 1 51  ? -12.871 12.847  4.394   1.00 19.18  ? 825 ALA B CA  1 
ATOM   1088 C C   . ALA B 1 51  ? -11.703 12.917  5.406   1.00 22.48  ? 825 ALA B C   1 
ATOM   1089 O O   . ALA B 1 51  ? -11.614 11.995  6.202   1.00 22.41  ? 825 ALA B O   1 
ATOM   1090 C CB  . ALA B 1 51  ? -12.370 12.428  3.006   1.00 19.66  ? 825 ALA B CB  1 
ATOM   1091 N N   . PRO B 1 52  ? -10.837 13.972  5.470   1.00 19.69  ? 826 PRO B N   1 
ATOM   1092 C CA  . PRO B 1 52  ? -9.715  13.941  6.450   1.00 19.14  ? 826 PRO B CA  1 
ATOM   1093 C C   . PRO B 1 52  ? -10.117 13.898  7.931   1.00 23.47  ? 826 PRO B C   1 
ATOM   1094 O O   . PRO B 1 52  ? -9.461  13.217  8.717   1.00 22.94  ? 826 PRO B O   1 
ATOM   1095 C CB  . PRO B 1 52  ? -8.907  15.195  6.109   1.00 20.02  ? 826 PRO B CB  1 
ATOM   1096 C CG  . PRO B 1 52  ? -9.311  15.541  4.683   1.00 23.63  ? 826 PRO B CG  1 
ATOM   1097 C CD  . PRO B 1 52  ? -10.748 15.174  4.610   1.00 19.87  ? 826 PRO B CD  1 
ATOM   1098 N N   . ALA B 1 53  ? -11.212 14.592  8.307   1.00 20.17  ? 827 ALA B N   1 
ATOM   1099 C CA  . ALA B 1 53  ? -11.709 14.580  9.692   1.00 18.61  ? 827 ALA B CA  1 
ATOM   1100 C C   . ALA B 1 53  ? -12.212 13.164  10.067  1.00 20.92  ? 827 ALA B C   1 
ATOM   1101 O O   . ALA B 1 53  ? -12.001 12.732  11.191  1.00 18.66  ? 827 ALA B O   1 
ATOM   1102 C CB  . ALA B 1 53  ? -12.820 15.607  9.871   1.00 18.32  ? 827 ALA B CB  1 
ATOM   1103 N N   . VAL B 1 54  ? -12.834 12.453  9.111   1.00 18.54  ? 828 VAL B N   1 
ATOM   1104 C CA  . VAL B 1 54  ? -13.358 11.088  9.291   1.00 17.93  ? 828 VAL B CA  1 
ATOM   1105 C C   . VAL B 1 54  ? -12.196 10.081  9.366   1.00 20.88  ? 828 VAL B C   1 
ATOM   1106 O O   . VAL B 1 54  ? -12.212 9.202   10.223  1.00 19.62  ? 828 VAL B O   1 
ATOM   1107 C CB  . VAL B 1 54  ? -14.413 10.722  8.214   1.00 20.54  ? 828 VAL B CB  1 
ATOM   1108 C CG1 . VAL B 1 54  ? -14.914 9.280   8.393   1.00 19.89  ? 828 VAL B CG1 1 
ATOM   1109 C CG2 . VAL B 1 54  ? -15.578 11.714  8.239   1.00 19.92  ? 828 VAL B CG2 1 
ATOM   1110 N N   . ILE B 1 55  ? -11.179 10.239  8.493   1.00 18.15  ? 829 ILE B N   1 
ATOM   1111 C CA  . ILE B 1 55  ? -9.971  9.408   8.499   1.00 17.21  ? 829 ILE B CA  1 
ATOM   1112 C C   . ILE B 1 55  ? -9.237  9.495   9.849   1.00 21.25  ? 829 ILE B C   1 
ATOM   1113 O O   . ILE B 1 55  ? -8.839  8.445   10.367  1.00 21.61  ? 829 ILE B O   1 
ATOM   1114 C CB  . ILE B 1 55  ? -9.051  9.718   7.273   1.00 19.29  ? 829 ILE B CB  1 
ATOM   1115 C CG1 . ILE B 1 55  ? -9.718  9.208   5.958   1.00 18.88  ? 829 ILE B CG1 1 
ATOM   1116 C CG2 . ILE B 1 55  ? -7.664  9.095   7.455   1.00 16.50  ? 829 ILE B CG2 1 
ATOM   1117 C CD1 . ILE B 1 55  ? -9.191  9.885   4.646   1.00 17.54  ? 829 ILE B CD1 1 
ATOM   1118 N N   . ARG B 1 56  ? -9.097  10.723  10.437  1.00 17.27  ? 830 ARG B N   1 
ATOM   1119 C CA  . ARG B 1 56  ? -8.435  10.926  11.752  1.00 17.08  ? 830 ARG B CA  1 
ATOM   1120 C C   . ARG B 1 56  ? -9.196  10.181  12.846  1.00 20.08  ? 830 ARG B C   1 
ATOM   1121 O O   . ARG B 1 56  ? -8.581  9.547   13.693  1.00 20.53  ? 830 ARG B O   1 
ATOM   1122 C CB  . ARG B 1 56  ? -8.285  12.429  12.142  1.00 17.25  ? 830 ARG B CB  1 
ATOM   1123 C CG  . ARG B 1 56  ? -7.402  13.272  11.205  1.00 29.63  ? 830 ARG B CG  1 
ATOM   1124 C CD  . ARG B 1 56  ? -6.949  14.633  11.773  1.00 26.43  ? 830 ARG B CD  1 
ATOM   1125 N NE  . ARG B 1 56  ? -8.051  15.434  12.315  1.00 18.94  ? 830 ARG B NE  1 
ATOM   1126 C CZ  . ARG B 1 56  ? -8.842  16.233  11.604  1.00 22.88  ? 830 ARG B CZ  1 
ATOM   1127 N NH1 . ARG B 1 56  ? -9.835  16.884  12.191  1.00 20.28  ? 830 ARG B NH1 1 
ATOM   1128 N NH2 . ARG B 1 56  ? -8.656  16.376  10.293  1.00 13.37  ? 830 ARG B NH2 1 
ATOM   1129 N N   . LYS B 1 57  ? -10.532 10.233  12.824  1.00 16.82  ? 831 LYS B N   1 
ATOM   1130 C CA  . LYS B 1 57  ? -11.334 9.508   13.812  1.00 17.20  ? 831 LYS B CA  1 
ATOM   1131 C C   . LYS B 1 57  ? -11.094 7.994   13.681  1.00 21.06  ? 831 LYS B C   1 
ATOM   1132 O O   . LYS B 1 57  ? -10.898 7.315   14.689  1.00 20.69  ? 831 LYS B O   1 
ATOM   1133 C CB  . LYS B 1 57  ? -12.834 9.803   13.622  1.00 20.01  ? 831 LYS B CB  1 
ATOM   1134 C CG  . LYS B 1 57  ? -13.244 11.212  14.000  1.00 23.45  ? 831 LYS B CG  1 
ATOM   1135 C CD  . LYS B 1 57  ? -14.729 11.360  13.836  1.00 23.09  ? 831 LYS B CD  1 
ATOM   1136 C CE  . LYS B 1 57  ? -15.083 12.673  13.195  1.00 19.74  ? 831 LYS B CE  1 
ATOM   1137 N NZ  . LYS B 1 57  ? -16.540 12.931  13.289  1.00 25.41  ? 831 LYS B NZ  1 
ATOM   1138 N N   . ALA B 1 58  ? -11.112 7.475   12.437  1.00 18.68  ? 832 ALA B N   1 
ATOM   1139 C CA  . ALA B 1 58  ? -10.901 6.051   12.153  1.00 19.01  ? 832 ALA B CA  1 
ATOM   1140 C C   . ALA B 1 58  ? -9.500  5.593   12.605  1.00 23.00  ? 832 ALA B C   1 
ATOM   1141 O O   . ALA B 1 58  ? -9.384  4.578   13.289  1.00 22.16  ? 832 ALA B O   1 
ATOM   1142 C CB  . ALA B 1 58  ? -11.131 5.767   10.673  1.00 19.30  ? 832 ALA B CB  1 
ATOM   1143 N N   . MET B 1 59  ? -8.467  6.403   12.317  1.00 20.83  ? 833 MET B N   1 
ATOM   1144 C CA  . MET B 1 59  ? -7.072  6.155   12.707  1.00 21.09  ? 833 MET B CA  1 
ATOM   1145 C C   . MET B 1 59  ? -6.916  6.104   14.226  1.00 24.48  ? 833 MET B C   1 
ATOM   1146 O O   . MET B 1 59  ? -6.205  5.235   14.724  1.00 23.30  ? 833 MET B O   1 
ATOM   1147 C CB  . MET B 1 59  ? -6.140  7.216   12.107  1.00 23.64  ? 833 MET B CB  1 
ATOM   1148 C CG  . MET B 1 59  ? -5.938  7.048   10.606  1.00 27.27  ? 833 MET B CG  1 
ATOM   1149 S SD  . MET B 1 59  ? -4.958  8.409   9.924   1.00 31.40  ? 833 MET B SD  1 
ATOM   1150 C CE  . MET B 1 59  ? -3.383  7.772   10.198  1.00 28.84  ? 833 MET B CE  1 
ATOM   1151 N N   . ASP B 1 60  ? -7.594  7.020   14.961  1.00 22.25  ? 834 ASP B N   1 
ATOM   1152 C CA  . ASP B 1 60  ? -7.588  7.033   16.429  1.00 22.62  ? 834 ASP B CA  1 
ATOM   1153 C C   . ASP B 1 60  ? -8.127  5.698   16.977  1.00 26.04  ? 834 ASP B C   1 
ATOM   1154 O O   . ASP B 1 60  ? -7.491  5.104   17.842  1.00 26.60  ? 834 ASP B O   1 
ATOM   1155 C CB  . ASP B 1 60  ? -8.440  8.194   16.974  1.00 24.81  ? 834 ASP B CB  1 
ATOM   1156 C CG  . ASP B 1 60  ? -7.805  9.569   16.875  1.00 37.79  ? 834 ASP B CG  1 
ATOM   1157 O OD1 . ASP B 1 60  ? -6.558  9.644   16.736  1.00 38.51  ? 834 ASP B OD1 1 
ATOM   1158 O OD2 . ASP B 1 60  ? -8.550  10.576  16.993  1.00 42.50  ? 834 ASP B OD2 1 
ATOM   1159 N N   . LYS B 1 61  ? -9.264  5.208   16.435  1.00 21.27  ? 835 LYS B N   1 
ATOM   1160 C CA  . LYS B 1 61  ? -9.873  3.944   16.873  1.00 21.02  ? 835 LYS B CA  1 
ATOM   1161 C C   . LYS B 1 61  ? -9.057  2.706   16.500  1.00 26.09  ? 835 LYS B C   1 
ATOM   1162 O O   . LYS B 1 61  ? -9.028  1.741   17.268  1.00 26.47  ? 835 LYS B O   1 
ATOM   1163 C CB  . LYS B 1 61  ? -11.323 3.829   16.406  1.00 21.85  ? 835 LYS B CB  1 
ATOM   1164 C CG  . LYS B 1 61  ? -12.247 4.698   17.241  1.00 26.03  ? 835 LYS B CG  1 
ATOM   1165 C CD  . LYS B 1 61  ? -13.624 4.079   17.467  1.00 23.12  ? 835 LYS B CD  1 
ATOM   1166 C CE  . LYS B 1 61  ? -14.583 5.140   17.952  1.00 24.80  ? 835 LYS B CE  1 
ATOM   1167 N NZ  . LYS B 1 61  ? -15.960 4.614   18.115  1.00 27.10  ? 835 LYS B NZ  1 
ATOM   1168 N N   . HIS B 1 62  ? -8.373  2.742   15.342  1.00 22.43  ? 836 HIS B N   1 
ATOM   1169 C CA  . HIS B 1 62  ? -7.519  1.646   14.899  1.00 23.46  ? 836 HIS B CA  1 
ATOM   1170 C C   . HIS B 1 62  ? -6.063  1.750   15.446  1.00 30.31  ? 836 HIS B C   1 
ATOM   1171 O O   . HIS B 1 62  ? -5.198  0.981   15.034  1.00 30.29  ? 836 HIS B O   1 
ATOM   1172 C CB  . HIS B 1 62  ? -7.550  1.520   13.375  1.00 24.12  ? 836 HIS B CB  1 
ATOM   1173 C CG  . HIS B 1 62  ? -8.828  0.960   12.843  1.00 27.50  ? 836 HIS B CG  1 
ATOM   1174 N ND1 . HIS B 1 62  ? -9.159  -0.376  13.012  1.00 29.25  ? 836 HIS B ND1 1 
ATOM   1175 C CD2 . HIS B 1 62  ? -9.795  1.559   12.112  1.00 28.72  ? 836 HIS B CD2 1 
ATOM   1176 C CE1 . HIS B 1 62  ? -10.316 -0.539  12.395  1.00 27.92  ? 836 HIS B CE1 1 
ATOM   1177 N NE2 . HIS B 1 62  ? -10.733 0.594   11.832  1.00 28.30  ? 836 HIS B NE2 1 
ATOM   1178 N N   . ASN B 1 63  ? -5.819  2.679   16.394  1.00 29.35  ? 837 ASN B N   1 
ATOM   1179 C CA  . ASN B 1 63  ? -4.531  2.912   17.067  1.00 30.12  ? 837 ASN B CA  1 
ATOM   1180 C C   . ASN B 1 63  ? -3.365  3.233   16.118  1.00 34.07  ? 837 ASN B C   1 
ATOM   1181 O O   . ASN B 1 63  ? -2.234  2.783   16.345  1.00 34.24  ? 837 ASN B O   1 
ATOM   1182 C CB  . ASN B 1 63  ? -4.190  1.774   18.054  1.00 35.03  ? 837 ASN B CB  1 
ATOM   1183 C CG  . ASN B 1 63  ? -5.305  1.430   19.019  1.00 58.22  ? 837 ASN B CG  1 
ATOM   1184 O OD1 . ASN B 1 63  ? -5.860  2.289   19.713  1.00 49.52  ? 837 ASN B OD1 1 
ATOM   1185 N ND2 . ASN B 1 63  ? -5.657  0.157   19.080  1.00 51.16  ? 837 ASN B ND2 1 
ATOM   1186 N N   . LEU B 1 64  ? -3.651  4.026   15.060  1.00 28.88  ? 838 LEU B N   1 
ATOM   1187 C CA  . LEU B 1 64  ? -2.672  4.474   14.070  1.00 28.36  ? 838 LEU B CA  1 
ATOM   1188 C C   . LEU B 1 64  ? -2.230  5.933   14.374  1.00 33.71  ? 838 LEU B C   1 
ATOM   1189 O O   . LEU B 1 64  ? -2.040  6.740   13.458  1.00 31.46  ? 838 LEU B O   1 
ATOM   1190 C CB  . LEU B 1 64  ? -3.237  4.342   12.632  1.00 27.65  ? 838 LEU B CB  1 
ATOM   1191 C CG  . LEU B 1 64  ? -3.705  2.947   12.171  1.00 31.42  ? 838 LEU B CG  1 
ATOM   1192 C CD1 . LEU B 1 64  ? -4.327  3.022   10.793  1.00 30.77  ? 838 LEU B CD1 1 
ATOM   1193 C CD2 . LEU B 1 64  ? -2.575  1.927   12.187  1.00 31.60  ? 838 LEU B CD2 1 
ATOM   1194 N N   . GLU B 1 65  ? -2.051  6.250   15.674  1.00 34.29  ? 839 GLU B N   1 
ATOM   1195 C CA  . GLU B 1 65  ? -1.665  7.584   16.180  1.00 35.86  ? 839 GLU B CA  1 
ATOM   1196 C C   . GLU B 1 65  ? -0.364  8.148   15.587  1.00 39.00  ? 839 GLU B C   1 
ATOM   1197 O O   . GLU B 1 65  ? -0.314  9.341   15.287  1.00 38.56  ? 839 GLU B O   1 
ATOM   1198 C CB  . GLU B 1 65  ? -1.633  7.622   17.724  1.00 37.84  ? 839 GLU B CB  1 
ATOM   1199 C CG  . GLU B 1 65  ? -3.010  7.512   18.359  1.00 50.70  ? 839 GLU B CG  1 
ATOM   1200 N N   . GLU B 1 66  ? 0.655   7.291   15.367  1.00 35.05  ? 840 GLU B N   1 
ATOM   1201 C CA  . GLU B 1 66  ? 1.935   7.707   14.797  1.00 35.02  ? 840 GLU B CA  1 
ATOM   1202 C C   . GLU B 1 66  ? 1.918   7.862   13.256  1.00 36.06  ? 840 GLU B C   1 
ATOM   1203 O O   . GLU B 1 66  ? 2.945   8.196   12.667  1.00 36.64  ? 840 GLU B O   1 
ATOM   1204 C CB  . GLU B 1 66  ? 3.076   6.790   15.283  1.00 37.11  ? 840 GLU B CB  1 
ATOM   1205 C CG  . GLU B 1 66  ? 3.598   7.140   16.669  1.00 49.25  ? 840 GLU B CG  1 
ATOM   1206 N N   . GLU B 1 67  ? 0.746   7.664   12.622  1.00 28.74  ? 841 GLU B N   1 
ATOM   1207 C CA  . GLU B 1 67  ? 0.542   7.757   11.173  1.00 27.00  ? 841 GLU B CA  1 
ATOM   1208 C C   . GLU B 1 67  ? -0.250  9.021   10.784  1.00 26.84  ? 841 GLU B C   1 
ATOM   1209 O O   . GLU B 1 67  ? -0.804  9.690   11.653  1.00 24.75  ? 841 GLU B O   1 
ATOM   1210 C CB  . GLU B 1 67  ? -0.133  6.478   10.639  1.00 28.30  ? 841 GLU B CB  1 
ATOM   1211 C CG  . GLU B 1 67  ? 0.727   5.229   10.762  1.00 38.58  ? 841 GLU B CG  1 
ATOM   1212 C CD  . GLU B 1 67  ? 0.526   4.240   9.633   1.00 60.86  ? 841 GLU B CD  1 
ATOM   1213 O OE1 . GLU B 1 67  ? 0.114   3.093   9.918   1.00 67.48  ? 841 GLU B OE1 1 
ATOM   1214 O OE2 . GLU B 1 67  ? 0.771   4.614   8.464   1.00 51.94  ? 841 GLU B OE2 1 
ATOM   1215 N N   . GLU B 1 68  ? -0.306  9.345   9.481   1.00 23.15  ? 842 GLU B N   1 
ATOM   1216 C CA  . GLU B 1 68  ? -0.968  10.571  9.002   1.00 22.36  ? 842 GLU B CA  1 
ATOM   1217 C C   . GLU B 1 68  ? -2.201  10.342  8.146   1.00 25.77  ? 842 GLU B C   1 
ATOM   1218 O O   . GLU B 1 68  ? -2.185  9.407   7.339   1.00 24.44  ? 842 GLU B O   1 
ATOM   1219 C CB  . GLU B 1 68  ? 0.038   11.482  8.261   1.00 23.20  ? 842 GLU B CB  1 
ATOM   1220 C CG  . GLU B 1 68  ? 1.237   11.888  9.107   1.00 27.48  ? 842 GLU B CG  1 
ATOM   1221 C CD  . GLU B 1 68  ? 0.938   12.470  10.483  1.00 36.37  ? 842 GLU B CD  1 
ATOM   1222 O OE1 . GLU B 1 68  ? 0.089   13.384  10.573  1.00 32.41  ? 842 GLU B OE1 1 
ATOM   1223 O OE2 . GLU B 1 68  ? 1.588   12.044  11.464  1.00 30.37  ? 842 GLU B OE2 1 
ATOM   1224 N N   . PRO B 1 69  ? -3.254  11.208  8.254   1.00 22.69  ? 843 PRO B N   1 
ATOM   1225 C CA  . PRO B 1 69  ? -4.452  11.014  7.416   1.00 22.21  ? 843 PRO B CA  1 
ATOM   1226 C C   . PRO B 1 69  ? -4.199  11.162  5.919   1.00 25.50  ? 843 PRO B C   1 
ATOM   1227 O O   . PRO B 1 69  ? -4.930  10.569  5.123   1.00 24.37  ? 843 PRO B O   1 
ATOM   1228 C CB  . PRO B 1 69  ? -5.450  12.054  7.956   1.00 23.54  ? 843 PRO B CB  1 
ATOM   1229 C CG  . PRO B 1 69  ? -4.610  13.097  8.591   1.00 28.37  ? 843 PRO B CG  1 
ATOM   1230 C CD  . PRO B 1 69  ? -3.434  12.358  9.172   1.00 24.65  ? 843 PRO B CD  1 
ATOM   1231 N N   . GLU B 1 70  ? -3.155  11.930  5.531   1.00 23.40  ? 844 GLU B N   1 
ATOM   1232 C CA  . GLU B 1 70  ? -2.765  12.144  4.127   1.00 23.50  ? 844 GLU B CA  1 
ATOM   1233 C C   . GLU B 1 70  ? -2.314  10.834  3.460   1.00 26.58  ? 844 GLU B C   1 
ATOM   1234 O O   . GLU B 1 70  ? -2.409  10.699  2.240   1.00 26.18  ? 844 GLU B O   1 
ATOM   1235 C CB  . GLU B 1 70  ? -1.645  13.199  4.011   1.00 24.92  ? 844 GLU B CB  1 
ATOM   1236 C CG  . GLU B 1 70  ? -2.101  14.618  4.331   1.00 32.22  ? 844 GLU B CG  1 
ATOM   1237 C CD  . GLU B 1 70  ? -2.135  14.968  5.804   1.00 38.31  ? 844 GLU B CD  1 
ATOM   1238 O OE1 . GLU B 1 70  ? -1.497  14.239  6.597   1.00 24.76  ? 844 GLU B OE1 1 
ATOM   1239 O OE2 . GLU B 1 70  ? -2.818  15.953  6.172   1.00 23.46  ? 844 GLU B OE2 1 
ATOM   1240 N N   . ASP B 1 71  ? -1.858  9.865   4.258   1.00 23.88  ? 845 ASP B N   1 
ATOM   1241 C CA  . ASP B 1 71  ? -1.388  8.579   3.728   1.00 23.97  ? 845 ASP B CA  1 
ATOM   1242 C C   . ASP B 1 71  ? -2.481  7.527   3.559   1.00 27.16  ? 845 ASP B C   1 
ATOM   1243 O O   . ASP B 1 71  ? -2.178  6.394   3.199   1.00 25.64  ? 845 ASP B O   1 
ATOM   1244 C CB  . ASP B 1 71  ? -0.234  8.052   4.591   1.00 25.79  ? 845 ASP B CB  1 
ATOM   1245 C CG  . ASP B 1 71  ? 1.031   8.879   4.441   1.00 37.23  ? 845 ASP B CG  1 
ATOM   1246 O OD1 . ASP B 1 71  ? 1.213   9.505   3.370   1.00 38.89  ? 845 ASP B OD1 1 
ATOM   1247 O OD2 . ASP B 1 71  ? 1.827   8.910   5.386   1.00 44.52  ? 845 ASP B OD2 1 
ATOM   1248 N N   . TYR B 1 72  ? -3.745  7.903   3.812   1.00 24.10  ? 846 TYR B N   1 
ATOM   1249 C CA  . TYR B 1 72  ? -4.875  6.988   3.754   1.00 24.31  ? 846 TYR B CA  1 
ATOM   1250 C C   . TYR B 1 72  ? -6.021  7.506   2.917   1.00 28.99  ? 846 TYR B C   1 
ATOM   1251 O O   . TYR B 1 72  ? -6.173  8.711   2.732   1.00 27.91  ? 846 TYR B O   1 
ATOM   1252 C CB  . TYR B 1 72  ? -5.373  6.699   5.182   1.00 26.13  ? 846 TYR B CB  1 
ATOM   1253 C CG  . TYR B 1 72  ? -4.510  5.711   5.937   1.00 28.90  ? 846 TYR B CG  1 
ATOM   1254 C CD1 . TYR B 1 72  ? -4.806  4.351   5.927   1.00 30.43  ? 846 TYR B CD1 1 
ATOM   1255 C CD2 . TYR B 1 72  ? -3.387  6.131   6.648   1.00 29.78  ? 846 TYR B CD2 1 
ATOM   1256 C CE1 . TYR B 1 72  ? -3.998  3.430   6.592   1.00 31.16  ? 846 TYR B CE1 1 
ATOM   1257 C CE2 . TYR B 1 72  ? -2.576  5.219   7.325   1.00 30.71  ? 846 TYR B CE2 1 
ATOM   1258 C CZ  . TYR B 1 72  ? -2.890  3.869   7.297   1.00 37.63  ? 846 TYR B CZ  1 
ATOM   1259 O OH  . TYR B 1 72  ? -2.113  2.951   7.963   1.00 38.58  ? 846 TYR B OH  1 
ATOM   1260 N N   . GLU B 1 73  ? -6.856  6.585   2.433   1.00 26.60  ? 847 GLU B N   1 
ATOM   1261 C CA  . GLU B 1 73  ? -8.064  6.912   1.691   1.00 26.62  ? 847 GLU B CA  1 
ATOM   1262 C C   . GLU B 1 73  ? -9.254  6.120   2.254   1.00 29.78  ? 847 GLU B C   1 
ATOM   1263 O O   . GLU B 1 73  ? -9.094  5.056   2.852   1.00 30.52  ? 847 GLU B O   1 
ATOM   1264 C CB  . GLU B 1 73  ? -7.896  6.748   0.165   1.00 28.24  ? 847 GLU B CB  1 
ATOM   1265 C CG  . GLU B 1 73  ? -7.644  5.324   -0.298  1.00 41.59  ? 847 GLU B CG  1 
ATOM   1266 C CD  . GLU B 1 73  ? -7.222  5.162   -1.745  1.00 66.87  ? 847 GLU B CD  1 
ATOM   1267 O OE1 . GLU B 1 73  ? -7.579  6.028   -2.577  1.00 68.89  ? 847 GLU B OE1 1 
ATOM   1268 O OE2 . GLU B 1 73  ? -6.548  4.152   -2.050  1.00 58.79  ? 847 GLU B OE2 1 
ATOM   1269 N N   . LEU B 1 74  ? -10.426 6.695   2.109   1.00 25.28  ? 848 LEU B N   1 
ATOM   1270 C CA  . LEU B 1 74  ? -11.686 6.160   2.571   1.00 24.78  ? 848 LEU B CA  1 
ATOM   1271 C C   . LEU B 1 74  ? -12.473 5.695   1.360   1.00 29.56  ? 848 LEU B C   1 
ATOM   1272 O O   . LEU B 1 74  ? -12.676 6.480   0.427   1.00 28.67  ? 848 LEU B O   1 
ATOM   1273 C CB  . LEU B 1 74  ? -12.420 7.298   3.295   1.00 24.19  ? 848 LEU B CB  1 
ATOM   1274 C CG  . LEU B 1 74  ? -13.527 6.937   4.233   1.00 28.05  ? 848 LEU B CG  1 
ATOM   1275 C CD1 . LEU B 1 74  ? -13.022 6.021   5.377   1.00 27.55  ? 848 LEU B CD1 1 
ATOM   1276 C CD2 . LEU B 1 74  ? -14.195 8.188   4.740   1.00 29.35  ? 848 LEU B CD2 1 
ATOM   1277 N N   . LEU B 1 75  ? -12.855 4.399   1.344   1.00 27.40  ? 849 LEU B N   1 
ATOM   1278 C CA  . LEU B 1 75  ? -13.634 3.782   0.258   1.00 27.60  ? 849 LEU B CA  1 
ATOM   1279 C C   . LEU B 1 75  ? -14.855 3.080   0.825   1.00 30.51  ? 849 LEU B C   1 
ATOM   1280 O O   . LEU B 1 75  ? -14.708 2.192   1.663   1.00 29.37  ? 849 LEU B O   1 
ATOM   1281 C CB  . LEU B 1 75  ? -12.819 2.750   -0.554  1.00 28.26  ? 849 LEU B CB  1 
ATOM   1282 C CG  . LEU B 1 75  ? -11.517 3.198   -1.218  1.00 33.89  ? 849 LEU B CG  1 
ATOM   1283 C CD1 . LEU B 1 75  ? -10.343 2.771   -0.379  1.00 34.56  ? 849 LEU B CD1 1 
ATOM   1284 C CD2 . LEU B 1 75  ? -11.371 2.559   -2.589  1.00 36.82  ? 849 LEU B CD2 1 
ATOM   1285 N N   . GLN B 1 76  ? -16.051 3.444   0.344   1.00 27.47  ? 850 GLN B N   1 
ATOM   1286 C CA  . GLN B 1 76  ? -17.290 2.806   0.775   1.00 27.86  ? 850 GLN B CA  1 
ATOM   1287 C C   . GLN B 1 76  ? -17.424 1.469   0.071   1.00 33.89  ? 850 GLN B C   1 
ATOM   1288 O O   . GLN B 1 76  ? -17.261 1.391   -1.149  1.00 32.37  ? 850 GLN B O   1 
ATOM   1289 C CB  . GLN B 1 76  ? -18.513 3.691   0.491   1.00 29.25  ? 850 GLN B CB  1 
ATOM   1290 C CG  . GLN B 1 76  ? -19.821 3.161   1.115   1.00 31.09  ? 850 GLN B CG  1 
ATOM   1291 C CD  . GLN B 1 76  ? -20.985 4.088   0.900   1.00 44.22  ? 850 GLN B CD  1 
ATOM   1292 O OE1 . GLN B 1 76  ? -20.907 5.075   0.154   1.00 37.21  ? 850 GLN B OE1 1 
ATOM   1293 N NE2 . GLN B 1 76  ? -22.112 3.772   1.529   1.00 38.43  ? 850 GLN B NE2 1 
ATOM   1294 N N   . ILE B 1 77  ? -17.684 0.413   0.856   1.00 32.46  ? 851 ILE B N   1 
ATOM   1295 C CA  . ILE B 1 77  ? -17.876 -0.941  0.344   1.00 32.92  ? 851 ILE B CA  1 
ATOM   1296 C C   . ILE B 1 77  ? -19.324 -1.065  -0.133  1.00 39.23  ? 851 ILE B C   1 
ATOM   1297 O O   . ILE B 1 77  ? -20.251 -1.110  0.678   1.00 39.51  ? 851 ILE B O   1 
ATOM   1298 C CB  . ILE B 1 77  ? -17.465 -2.034  1.374   1.00 35.65  ? 851 ILE B CB  1 
ATOM   1299 C CG1 . ILE B 1 77  ? -15.997 -1.856  1.808   1.00 36.28  ? 851 ILE B CG1 1 
ATOM   1300 C CG2 . ILE B 1 77  ? -17.699 -3.447  0.810   1.00 35.35  ? 851 ILE B CG2 1 
ATOM   1301 C CD1 . ILE B 1 77  ? -15.627 -2.479  3.125   1.00 45.37  ? 851 ILE B CD1 1 
ATOM   1302 N N   . LEU B 1 78  ? -19.508 -1.058  -1.454  1.00 37.79  ? 852 LEU B N   1 
ATOM   1303 C CA  . LEU B 1 78  ? -20.822 -1.210  -2.078  1.00 38.56  ? 852 LEU B CA  1 
ATOM   1304 C C   . LEU B 1 78  ? -21.208 -2.701  -2.124  1.00 42.45  ? 852 LEU B C   1 
ATOM   1305 O O   . LEU B 1 78  ? -22.353 -3.042  -1.829  1.00 43.04  ? 852 LEU B O   1 
ATOM   1306 C CB  . LEU B 1 78  ? -20.834 -0.594  -3.490  1.00 38.77  ? 852 LEU B CB  1 
ATOM   1307 C CG  . LEU B 1 78  ? -20.625 0.920   -3.574  1.00 43.82  ? 852 LEU B CG  1 
ATOM   1308 C CD1 . LEU B 1 78  ? -20.192 1.325   -4.980  1.00 44.56  ? 852 LEU B CD1 1 
ATOM   1309 C CD2 . LEU B 1 78  ? -21.868 1.694   -3.122  1.00 44.77  ? 852 LEU B CD2 1 
ATOM   1310 N N   . SER B 1 79  ? -20.246 -3.582  -2.477  1.00 37.89  ? 853 SER B N   1 
ATOM   1311 C CA  . SER B 1 79  ? -20.419 -5.038  -2.542  1.00 37.76  ? 853 SER B CA  1 
ATOM   1312 C C   . SER B 1 79  ? -19.060 -5.718  -2.334  1.00 42.46  ? 853 SER B C   1 
ATOM   1313 O O   . SER B 1 79  ? -18.073 -5.021  -2.106  1.00 43.01  ? 853 SER B O   1 
ATOM   1314 C CB  . SER B 1 79  ? -21.030 -5.454  -3.882  1.00 39.66  ? 853 SER B CB  1 
ATOM   1315 O OG  . SER B 1 79  ? -20.074 -5.425  -4.928  1.00 44.80  ? 853 SER B OG  1 
ATOM   1316 N N   . ASP B 1 80  ? -19.003 -7.062  -2.444  1.00 38.19  ? 854 ASP B N   1 
ATOM   1317 C CA  . ASP B 1 80  ? -17.775 -7.852  -2.324  1.00 38.61  ? 854 ASP B CA  1 
ATOM   1318 C C   . ASP B 1 80  ? -16.752 -7.571  -3.439  1.00 47.24  ? 854 ASP B C   1 
ATOM   1319 O O   . ASP B 1 80  ? -15.564 -7.859  -3.253  1.00 47.28  ? 854 ASP B O   1 
ATOM   1320 C CB  . ASP B 1 80  ? -18.098 -9.355  -2.316  1.00 39.21  ? 854 ASP B CB  1 
ATOM   1321 C CG  . ASP B 1 80  ? -18.653 -9.908  -1.019  1.00 38.96  ? 854 ASP B CG  1 
ATOM   1322 O OD1 . ASP B 1 80  ? -18.403 -9.294  0.054   1.00 41.19  ? 854 ASP B OD1 1 
ATOM   1323 O OD2 . ASP B 1 80  ? -19.253 -10.992 -1.058  1.00 35.09  ? 854 ASP B OD2 1 
ATOM   1324 N N   . ASP B 1 81  ? -17.220 -7.058  -4.597  1.00 46.21  ? 855 ASP B N   1 
ATOM   1325 C CA  . ASP B 1 81  ? -16.388 -6.746  -5.759  1.00 47.59  ? 855 ASP B CA  1 
ATOM   1326 C C   . ASP B 1 81  ? -16.411 -5.260  -6.178  1.00 51.77  ? 855 ASP B C   1 
ATOM   1327 O O   . ASP B 1 81  ? -15.676 -4.879  -7.098  1.00 52.01  ? 855 ASP B O   1 
ATOM   1328 C CB  . ASP B 1 81  ? -16.755 -7.663  -6.947  1.00 50.52  ? 855 ASP B CB  1 
ATOM   1329 C CG  . ASP B 1 81  ? -16.235 -9.089  -6.841  1.00 68.81  ? 855 ASP B CG  1 
ATOM   1330 O OD1 . ASP B 1 81  ? -15.087 -9.274  -6.364  1.00 70.94  ? 855 ASP B OD1 1 
ATOM   1331 O OD2 . ASP B 1 81  ? -16.952 -10.015 -7.281  1.00 77.05  ? 855 ASP B OD2 1 
ATOM   1332 N N   . ARG B 1 82  ? -17.231 -4.425  -5.501  1.00 46.93  ? 856 ARG B N   1 
ATOM   1333 C CA  . ARG B 1 82  ? -17.364 -2.998  -5.813  1.00 46.02  ? 856 ARG B CA  1 
ATOM   1334 C C   . ARG B 1 82  ? -17.042 -2.095  -4.626  1.00 47.94  ? 856 ARG B C   1 
ATOM   1335 O O   . ARG B 1 82  ? -17.549 -2.307  -3.523  1.00 47.30  ? 856 ARG B O   1 
ATOM   1336 C CB  . ARG B 1 82  ? -18.771 -2.673  -6.341  1.00 46.07  ? 856 ARG B CB  1 
ATOM   1337 C CG  . ARG B 1 82  ? -19.094 -3.229  -7.722  1.00 59.45  ? 856 ARG B CG  1 
ATOM   1338 C CD  . ARG B 1 82  ? -20.541 -2.952  -8.109  1.00 74.61  ? 856 ARG B CD  1 
ATOM   1339 N NE  . ARG B 1 82  ? -21.492 -3.748  -7.323  1.00 86.10  ? 856 ARG B NE  1 
ATOM   1340 C CZ  . ARG B 1 82  ? -22.564 -3.255  -6.707  1.00 99.04  ? 856 ARG B CZ  1 
ATOM   1341 N NH1 . ARG B 1 82  ? -22.845 -1.960  -6.783  1.00 88.25  ? 856 ARG B NH1 1 
ATOM   1342 N NH2 . ARG B 1 82  ? -23.366 -4.054  -6.019  1.00 82.95  ? 856 ARG B NH2 1 
ATOM   1343 N N   . LYS B 1 83  ? -16.223 -1.062  -4.873  1.00 42.84  ? 857 LYS B N   1 
ATOM   1344 C CA  . LYS B 1 83  ? -15.835 -0.055  -3.886  1.00 41.31  ? 857 LYS B CA  1 
ATOM   1345 C C   . LYS B 1 83  ? -15.999 1.355   -4.443  1.00 44.05  ? 857 LYS B C   1 
ATOM   1346 O O   . LYS B 1 83  ? -15.806 1.566   -5.641  1.00 44.30  ? 857 LYS B O   1 
ATOM   1347 C CB  . LYS B 1 83  ? -14.417 -0.309  -3.355  1.00 42.92  ? 857 LYS B CB  1 
ATOM   1348 C CG  . LYS B 1 83  ? -14.399 -1.379  -2.266  1.00 49.05  ? 857 LYS B CG  1 
ATOM   1349 C CD  . LYS B 1 83  ? -13.006 -1.812  -1.888  1.00 54.81  ? 857 LYS B CD  1 
ATOM   1350 C CE  . LYS B 1 83  ? -13.039 -2.961  -0.913  1.00 64.19  ? 857 LYS B CE  1 
ATOM   1351 N NZ  . LYS B 1 83  ? -11.669 -3.441  -0.581  1.00 73.75  ? 857 LYS B NZ  1 
ATOM   1352 N N   . LEU B 1 84  ? -16.428 2.305   -3.600  1.00 39.25  ? 858 LEU B N   1 
ATOM   1353 C CA  . LEU B 1 84  ? -16.615 3.696   -4.015  1.00 38.38  ? 858 LEU B CA  1 
ATOM   1354 C C   . LEU B 1 84  ? -15.617 4.583   -3.292  1.00 38.31  ? 858 LEU B C   1 
ATOM   1355 O O   . LEU B 1 84  ? -15.700 4.739   -2.070  1.00 35.98  ? 858 LEU B O   1 
ATOM   1356 C CB  . LEU B 1 84  ? -18.063 4.184   -3.769  1.00 38.73  ? 858 LEU B CB  1 
ATOM   1357 C CG  . LEU B 1 84  ? -18.342 5.692   -3.971  1.00 43.66  ? 858 LEU B CG  1 
ATOM   1358 C CD1 . LEU B 1 84  ? -18.465 6.045   -5.447  1.00 44.06  ? 858 LEU B CD1 1 
ATOM   1359 C CD2 . LEU B 1 84  ? -19.598 6.123   -3.226  1.00 45.64  ? 858 LEU B CD2 1 
ATOM   1360 N N   . LYS B 1 85  ? -14.695 5.183   -4.053  1.00 33.34  ? 859 LYS B N   1 
ATOM   1361 C CA  . LYS B 1 85  ? -13.683 6.078   -3.504  1.00 32.27  ? 859 LYS B CA  1 
ATOM   1362 C C   . LYS B 1 85  ? -14.300 7.416   -3.069  1.00 33.05  ? 859 LYS B C   1 
ATOM   1363 O O   . LYS B 1 85  ? -15.025 8.043   -3.838  1.00 31.33  ? 859 LYS B O   1 
ATOM   1364 C CB  . LYS B 1 85  ? -12.511 6.248   -4.501  1.00 34.91  ? 859 LYS B CB  1 
ATOM   1365 C CG  . LYS B 1 85  ? -11.673 7.530   -4.358  1.00 47.02  ? 859 LYS B CG  1 
ATOM   1366 C CD  . LYS B 1 85  ? -10.661 7.514   -3.212  1.00 52.74  ? 859 LYS B CD  1 
ATOM   1367 C CE  . LYS B 1 85  ? -9.792  8.751   -3.259  1.00 55.67  ? 859 LYS B CE  1 
ATOM   1368 N NZ  . LYS B 1 85  ? -9.435  9.235   -1.904  1.00 62.02  ? 859 LYS B NZ  1 
ATOM   1369 N N   . ILE B 1 86  ? -14.051 7.819   -1.812  1.00 28.94  ? 860 ILE B N   1 
ATOM   1370 C CA  . ILE B 1 86  ? -14.532 9.112   -1.326  1.00 28.56  ? 860 ILE B CA  1 
ATOM   1371 C C   . ILE B 1 86  ? -13.398 10.095  -1.642  1.00 34.43  ? 860 ILE B C   1 
ATOM   1372 O O   . ILE B 1 86  ? -12.277 9.876   -1.162  1.00 33.47  ? 860 ILE B O   1 
ATOM   1373 C CB  . ILE B 1 86  ? -14.917 9.118   0.185   1.00 31.08  ? 860 ILE B CB  1 
ATOM   1374 C CG1 . ILE B 1 86  ? -15.936 7.994   0.564   1.00 30.37  ? 860 ILE B CG1 1 
ATOM   1375 C CG2 . ILE B 1 86  ? -15.365 10.516  0.659   1.00 30.77  ? 860 ILE B CG2 1 
ATOM   1376 C CD1 . ILE B 1 86  ? -17.375 8.065   -0.086  1.00 30.56  ? 860 ILE B CD1 1 
ATOM   1377 N N   . PRO B 1 87  ? -13.651 11.150  -2.474  1.00 32.58  ? 861 PRO B N   1 
ATOM   1378 C CA  . PRO B 1 87  ? -12.575 12.105  -2.807  1.00 32.82  ? 861 PRO B CA  1 
ATOM   1379 C C   . PRO B 1 87  ? -11.882 12.657  -1.570  1.00 36.18  ? 861 PRO B C   1 
ATOM   1380 O O   . PRO B 1 87  ? -12.534 12.830  -0.537  1.00 34.56  ? 861 PRO B O   1 
ATOM   1381 C CB  . PRO B 1 87  ? -13.303 13.197  -3.599  1.00 34.57  ? 861 PRO B CB  1 
ATOM   1382 C CG  . PRO B 1 87  ? -14.484 12.496  -4.200  1.00 38.50  ? 861 PRO B CG  1 
ATOM   1383 C CD  . PRO B 1 87  ? -14.918 11.521  -3.142  1.00 34.02  ? 861 PRO B CD  1 
ATOM   1384 N N   . GLU B 1 88  ? -10.561 12.920  -1.684  1.00 33.86  ? 862 GLU B N   1 
ATOM   1385 C CA  . GLU B 1 88  ? -9.661  13.392  -0.617  1.00 34.40  ? 862 GLU B CA  1 
ATOM   1386 C C   . GLU B 1 88  ? -10.195 14.490  0.277   1.00 39.03  ? 862 GLU B C   1 
ATOM   1387 O O   . GLU B 1 88  ? -9.840  14.525  1.453   1.00 40.05  ? 862 GLU B O   1 
ATOM   1388 C CB  . GLU B 1 88  ? -8.274  13.775  -1.166  1.00 35.90  ? 862 GLU B CB  1 
ATOM   1389 N N   . ASN B 1 89  ? -11.029 15.381  -0.267  1.00 35.44  ? 863 ASN B N   1 
ATOM   1390 C CA  . ASN B 1 89  ? -11.609 16.477  0.493   1.00 35.88  ? 863 ASN B CA  1 
ATOM   1391 C C   . ASN B 1 89  ? -13.084 16.681  0.155   1.00 39.88  ? 863 ASN B C   1 
ATOM   1392 O O   . ASN B 1 89  ? -13.538 17.796  -0.108  1.00 40.79  ? 863 ASN B O   1 
ATOM   1393 C CB  . ASN B 1 89  ? -10.776 17.760  0.331   1.00 40.52  ? 863 ASN B CB  1 
ATOM   1394 C CG  . ASN B 1 89  ? -11.043 18.770  1.417   1.00 59.56  ? 863 ASN B CG  1 
ATOM   1395 O OD1 . ASN B 1 89  ? -11.032 18.449  2.608   1.00 43.02  ? 863 ASN B OD1 1 
ATOM   1396 N ND2 . ASN B 1 89  ? -11.353 20.003  1.022   1.00 53.61  ? 863 ASN B ND2 1 
ATOM   1397 N N   . ALA B 1 90  ? -13.839 15.583  0.161   1.00 35.48  ? 864 ALA B N   1 
ATOM   1398 C CA  . ALA B 1 90  ? -15.270 15.646  -0.098  1.00 34.01  ? 864 ALA B CA  1 
ATOM   1399 C C   . ALA B 1 90  ? -15.973 15.541  1.228   1.00 35.09  ? 864 ALA B C   1 
ATOM   1400 O O   . ALA B 1 90  ? -15.422 14.960  2.165   1.00 34.08  ? 864 ALA B O   1 
ATOM   1401 C CB  . ALA B 1 90  ? -15.695 14.494  -0.992  1.00 34.57  ? 864 ALA B CB  1 
ATOM   1402 N N   . ASN B 1 91  ? -17.190 16.090  1.305   1.00 30.59  ? 865 ASN B N   1 
ATOM   1403 C CA  . ASN B 1 91  ? -18.058 15.993  2.465   1.00 30.42  ? 865 ASN B CA  1 
ATOM   1404 C C   . ASN B 1 91  ? -18.571 14.538  2.446   1.00 34.02  ? 865 ASN B C   1 
ATOM   1405 O O   . ASN B 1 91  ? -19.183 14.134  1.461   1.00 34.70  ? 865 ASN B O   1 
ATOM   1406 C CB  . ASN B 1 91  ? -19.209 16.999  2.319   1.00 31.19  ? 865 ASN B CB  1 
ATOM   1407 C CG  . ASN B 1 91  ? -20.070 17.116  3.538   1.00 51.12  ? 865 ASN B CG  1 
ATOM   1408 O OD1 . ASN B 1 91  ? -20.815 16.201  3.883   1.00 57.90  ? 865 ASN B OD1 1 
ATOM   1409 N ND2 . ASN B 1 91  ? -19.990 18.247  4.215   1.00 36.72  ? 865 ASN B ND2 1 
ATOM   1410 N N   . VAL B 1 92  ? -18.240 13.734  3.476   1.00 29.56  ? 866 VAL B N   1 
ATOM   1411 C CA  . VAL B 1 92  ? -18.588 12.304  3.536   1.00 29.24  ? 866 VAL B CA  1 
ATOM   1412 C C   . VAL B 1 92  ? -20.095 12.051  3.530   1.00 37.67  ? 866 VAL B C   1 
ATOM   1413 O O   . VAL B 1 92  ? -20.580 11.277  2.701   1.00 36.32  ? 866 VAL B O   1 
ATOM   1414 C CB  . VAL B 1 92  ? -17.864 11.542  4.672   1.00 31.64  ? 866 VAL B CB  1 
ATOM   1415 C CG1 . VAL B 1 92  ? -18.109 10.036  4.581   1.00 30.36  ? 866 VAL B CG1 1 
ATOM   1416 C CG2 . VAL B 1 92  ? -16.369 11.835  4.647   1.00 31.27  ? 866 VAL B CG2 1 
ATOM   1417 N N   . PHE B 1 93  ? -20.823 12.735  4.429   1.00 37.15  ? 867 PHE B N   1 
ATOM   1418 C CA  . PHE B 1 93  ? -22.271 12.650  4.610   1.00 38.77  ? 867 PHE B CA  1 
ATOM   1419 C C   . PHE B 1 93  ? -23.066 12.753  3.305   1.00 45.61  ? 867 PHE B C   1 
ATOM   1420 O O   . PHE B 1 93  ? -24.073 12.059  3.160   1.00 46.64  ? 867 PHE B O   1 
ATOM   1421 C CB  . PHE B 1 93  ? -22.725 13.715  5.609   1.00 40.51  ? 867 PHE B CB  1 
ATOM   1422 C CG  . PHE B 1 93  ? -24.077 13.499  6.220   1.00 41.90  ? 867 PHE B CG  1 
ATOM   1423 C CD1 . PHE B 1 93  ? -24.236 12.648  7.308   1.00 45.19  ? 867 PHE B CD1 1 
ATOM   1424 C CD2 . PHE B 1 93  ? -25.180 14.211  5.769   1.00 43.36  ? 867 PHE B CD2 1 
ATOM   1425 C CE1 . PHE B 1 93  ? -25.490 12.473  7.897   1.00 46.03  ? 867 PHE B CE1 1 
ATOM   1426 C CE2 . PHE B 1 93  ? -26.429 14.049  6.368   1.00 46.55  ? 867 PHE B CE2 1 
ATOM   1427 C CZ  . PHE B 1 93  ? -26.576 13.180  7.426   1.00 45.03  ? 867 PHE B CZ  1 
ATOM   1428 N N   . TYR B 1 94  ? -22.591 13.570  2.349   1.00 42.23  ? 868 TYR B N   1 
ATOM   1429 C CA  . TYR B 1 94  ? -23.260 13.720  1.060   1.00 42.14  ? 868 TYR B CA  1 
ATOM   1430 C C   . TYR B 1 94  ? -22.606 12.956  -0.104  1.00 47.17  ? 868 TYR B C   1 
ATOM   1431 O O   . TYR B 1 94  ? -23.334 12.531  -1.003  1.00 48.58  ? 868 TYR B O   1 
ATOM   1432 C CB  . TYR B 1 94  ? -23.562 15.201  0.732   1.00 43.15  ? 868 TYR B CB  1 
ATOM   1433 C CG  . TYR B 1 94  ? -24.317 15.922  1.835   1.00 43.71  ? 868 TYR B CG  1 
ATOM   1434 C CD1 . TYR B 1 94  ? -25.656 15.631  2.098   1.00 45.27  ? 868 TYR B CD1 1 
ATOM   1435 C CD2 . TYR B 1 94  ? -23.690 16.882  2.627   1.00 43.80  ? 868 TYR B CD2 1 
ATOM   1436 C CE1 . TYR B 1 94  ? -26.348 16.270  3.127   1.00 45.28  ? 868 TYR B CE1 1 
ATOM   1437 C CE2 . TYR B 1 94  ? -24.369 17.522  3.664   1.00 44.50  ? 868 TYR B CE2 1 
ATOM   1438 C CZ  . TYR B 1 94  ? -25.703 17.221  3.903   1.00 52.85  ? 868 TYR B CZ  1 
ATOM   1439 O OH  . TYR B 1 94  ? -26.386 17.858  4.915   1.00 54.19  ? 868 TYR B OH  1 
ATOM   1440 N N   . ALA B 1 95  ? -21.265 12.751  -0.090  1.00 42.34  ? 869 ALA B N   1 
ATOM   1441 C CA  . ALA B 1 95  ? -20.575 11.992  -1.148  1.00 41.32  ? 869 ALA B CA  1 
ATOM   1442 C C   . ALA B 1 95  ? -20.854 10.482  -1.073  1.00 43.97  ? 869 ALA B C   1 
ATOM   1443 O O   . ALA B 1 95  ? -20.793 9.802   -2.098  1.00 43.35  ? 869 ALA B O   1 
ATOM   1444 C CB  . ALA B 1 95  ? -19.075 12.248  -1.112  1.00 41.90  ? 869 ALA B CB  1 
ATOM   1445 N N   . MET B 1 96  ? -21.148 9.959   0.130   1.00 40.21  ? 870 MET B N   1 
ATOM   1446 C CA  . MET B 1 96  ? -21.440 8.536   0.332   1.00 40.45  ? 870 MET B CA  1 
ATOM   1447 C C   . MET B 1 96  ? -22.801 8.129   -0.255  1.00 46.69  ? 870 MET B C   1 
ATOM   1448 O O   . MET B 1 96  ? -23.694 8.966   -0.438  1.00 47.62  ? 870 MET B O   1 
ATOM   1449 C CB  . MET B 1 96  ? -21.382 8.156   1.826   1.00 42.44  ? 870 MET B CB  1 
ATOM   1450 C CG  . MET B 1 96  ? -22.544 8.708   2.650   1.00 45.57  ? 870 MET B CG  1 
ATOM   1451 S SD  . MET B 1 96  ? -22.679 8.000   4.296   1.00 49.57  ? 870 MET B SD  1 
ATOM   1452 C CE  . MET B 1 96  ? -21.583 8.983   5.154   1.00 46.75  ? 870 MET B CE  1 
ATOM   1453 N N   . ASN B 1 97  ? -22.958 6.830   -0.510  1.00 43.02  ? 871 ASN B N   1 
ATOM   1454 C CA  . ASN B 1 97  ? -24.212 6.262   -0.977  1.00 42.26  ? 871 ASN B CA  1 
ATOM   1455 C C   . ASN B 1 97  ? -25.028 6.025   0.298   1.00 45.80  ? 871 ASN B C   1 
ATOM   1456 O O   . ASN B 1 97  ? -24.770 5.061   1.022   1.00 44.35  ? 871 ASN B O   1 
ATOM   1457 C CB  . ASN B 1 97  ? -23.944 4.959   -1.733  1.00 39.93  ? 871 ASN B CB  1 
ATOM   1458 C CG  . ASN B 1 97  ? -25.086 4.506   -2.606  1.00 53.67  ? 871 ASN B CG  1 
ATOM   1459 O OD1 . ASN B 1 97  ? -26.273 4.722   -2.310  1.00 43.94  ? 871 ASN B OD1 1 
ATOM   1460 N ND2 . ASN B 1 97  ? -24.742 3.854   -3.703  1.00 44.22  ? 871 ASN B ND2 1 
ATOM   1461 N N   . SER B 1 98  ? -25.948 6.960   0.610   1.00 43.77  ? 872 SER B N   1 
ATOM   1462 C CA  . SER B 1 98  ? -26.768 6.929   1.824   1.00 44.55  ? 872 SER B CA  1 
ATOM   1463 C C   . SER B 1 98  ? -27.778 5.782   1.933   1.00 48.82  ? 872 SER B C   1 
ATOM   1464 O O   . SER B 1 98  ? -28.211 5.467   3.047   1.00 48.27  ? 872 SER B O   1 
ATOM   1465 C CB  . SER B 1 98  ? -27.406 8.288   2.104   1.00 50.41  ? 872 SER B CB  1 
ATOM   1466 O OG  . SER B 1 98  ? -26.451 9.207   2.619   1.00 62.82  ? 872 SER B OG  1 
ATOM   1467 N N   . THR B 1 99  ? -28.135 5.142   0.802   1.00 45.45  ? 873 THR B N   1 
ATOM   1468 C CA  . THR B 1 99  ? -29.043 3.986   0.830   1.00 45.35  ? 873 THR B CA  1 
ATOM   1469 C C   . THR B 1 99  ? -28.298 2.639   0.783   1.00 48.87  ? 873 THR B C   1 
ATOM   1470 O O   . THR B 1 99  ? -28.928 1.595   0.983   1.00 50.35  ? 873 THR B O   1 
ATOM   1471 C CB  . THR B 1 99  ? -30.242 4.121   -0.130  1.00 49.03  ? 873 THR B CB  1 
ATOM   1472 O OG1 . THR B 1 99  ? -29.773 4.277   -1.464  1.00 47.24  ? 873 THR B OG1 1 
ATOM   1473 C CG2 . THR B 1 99  ? -31.194 5.250   0.262   1.00 45.27  ? 873 THR B CG2 1 
ATOM   1474 N N   . ALA B 1 100 ? -26.965 2.664   0.547   1.00 42.62  ? 874 ALA B N   1 
ATOM   1475 C CA  . ALA B 1 100 ? -26.120 1.462   0.537   1.00 41.45  ? 874 ALA B CA  1 
ATOM   1476 C C   . ALA B 1 100 ? -25.522 1.215   1.936   1.00 42.11  ? 874 ALA B C   1 
ATOM   1477 O O   . ALA B 1 100 ? -25.732 2.023   2.843   1.00 41.80  ? 874 ALA B O   1 
ATOM   1478 C CB  . ALA B 1 100 ? -25.012 1.599   -0.501  1.00 42.23  ? 874 ALA B CB  1 
ATOM   1479 N N   . ASN B 1 101 ? -24.807 0.089   2.113   1.00 36.05  ? 875 ASN B N   1 
ATOM   1480 C CA  . ASN B 1 101 ? -24.181 -0.296  3.375   1.00 35.00  ? 875 ASN B CA  1 
ATOM   1481 C C   . ASN B 1 101 ? -23.177 0.752   3.841   1.00 36.27  ? 875 ASN B C   1 
ATOM   1482 O O   . ASN B 1 101 ? -22.289 1.137   3.066   1.00 35.08  ? 875 ASN B O   1 
ATOM   1483 C CB  . ASN B 1 101 ? -23.519 -1.680  3.259   1.00 36.65  ? 875 ASN B CB  1 
ATOM   1484 C CG  . ASN B 1 101 ? -24.467 -2.855  3.389   1.00 62.13  ? 875 ASN B CG  1 
ATOM   1485 O OD1 . ASN B 1 101 ? -25.683 -2.708  3.611   1.00 56.20  ? 875 ASN B OD1 1 
ATOM   1486 N ND2 . ASN B 1 101 ? -23.916 -4.060  3.301   1.00 53.21  ? 875 ASN B ND2 1 
ATOM   1487 N N   . TYR B 1 102 ? -23.339 1.231   5.099   1.00 29.95  ? 876 TYR B N   1 
ATOM   1488 C CA  . TYR B 1 102 ? -22.471 2.252   5.708   1.00 28.76  ? 876 TYR B CA  1 
ATOM   1489 C C   . TYR B 1 102 ? -21.134 1.615   6.146   1.00 29.64  ? 876 TYR B C   1 
ATOM   1490 O O   . TYR B 1 102 ? -20.642 1.898   7.241   1.00 28.58  ? 876 TYR B O   1 
ATOM   1491 C CB  . TYR B 1 102 ? -23.149 2.883   6.943   1.00 30.20  ? 876 TYR B CB  1 
ATOM   1492 C CG  . TYR B 1 102 ? -24.310 3.841   6.748   1.00 32.72  ? 876 TYR B CG  1 
ATOM   1493 C CD1 . TYR B 1 102 ? -24.856 4.528   7.828   1.00 34.52  ? 876 TYR B CD1 1 
ATOM   1494 C CD2 . TYR B 1 102 ? -24.864 4.060   5.488   1.00 33.72  ? 876 TYR B CD2 1 
ATOM   1495 C CE1 . TYR B 1 102 ? -25.930 5.400   7.666   1.00 34.94  ? 876 TYR B CE1 1 
ATOM   1496 C CE2 . TYR B 1 102 ? -25.942 4.933   5.314   1.00 34.90  ? 876 TYR B CE2 1 
ATOM   1497 C CZ  . TYR B 1 102 ? -26.471 5.601   6.409   1.00 42.71  ? 876 TYR B CZ  1 
ATOM   1498 O OH  . TYR B 1 102 ? -27.523 6.477   6.271   1.00 45.20  ? 876 TYR B OH  1 
ATOM   1499 N N   . ASP B 1 103 ? -20.573 0.730   5.308   1.00 25.63  ? 877 ASP B N   1 
ATOM   1500 C CA  . ASP B 1 103 ? -19.326 0.028   5.571   1.00 26.02  ? 877 ASP B CA  1 
ATOM   1501 C C   . ASP B 1 103 ? -18.226 0.605   4.704   1.00 28.66  ? 877 ASP B C   1 
ATOM   1502 O O   . ASP B 1 103 ? -18.398 0.768   3.500   1.00 27.23  ? 877 ASP B O   1 
ATOM   1503 C CB  . ASP B 1 103 ? -19.491 -1.484  5.363   1.00 29.41  ? 877 ASP B CB  1 
ATOM   1504 C CG  . ASP B 1 103 ? -20.345 -2.186  6.423   1.00 47.53  ? 877 ASP B CG  1 
ATOM   1505 O OD1 . ASP B 1 103 ? -20.964 -1.480  7.265   1.00 48.20  ? 877 ASP B OD1 1 
ATOM   1506 O OD2 . ASP B 1 103 ? -20.414 -3.435  6.398   1.00 56.87  ? 877 ASP B OD2 1 
ATOM   1507 N N   . PHE B 1 104 ? -17.118 0.975   5.342   1.00 25.00  ? 878 PHE B N   1 
ATOM   1508 C CA  . PHE B 1 104 ? -15.995 1.621   4.675   1.00 23.84  ? 878 PHE B CA  1 
ATOM   1509 C C   . PHE B 1 104 ? -14.697 0.938   4.967   1.00 27.53  ? 878 PHE B C   1 
ATOM   1510 O O   . PHE B 1 104 ? -14.552 0.289   6.002   1.00 27.86  ? 878 PHE B O   1 
ATOM   1511 C CB  . PHE B 1 104 ? -15.901 3.099   5.109   1.00 24.61  ? 878 PHE B CB  1 
ATOM   1512 C CG  . PHE B 1 104 ? -17.037 3.993   4.661   1.00 24.68  ? 878 PHE B CG  1 
ATOM   1513 C CD1 . PHE B 1 104 ? -18.286 3.925   5.278   1.00 26.90  ? 878 PHE B CD1 1 
ATOM   1514 C CD2 . PHE B 1 104 ? -16.840 4.952   3.677   1.00 24.56  ? 878 PHE B CD2 1 
ATOM   1515 C CE1 . PHE B 1 104 ? -19.327 4.768   4.879   1.00 27.05  ? 878 PHE B CE1 1 
ATOM   1516 C CE2 . PHE B 1 104 ? -17.873 5.811   3.297   1.00 26.84  ? 878 PHE B CE2 1 
ATOM   1517 C CZ  . PHE B 1 104 ? -19.112 5.707   3.891   1.00 25.13  ? 878 PHE B CZ  1 
ATOM   1518 N N   . VAL B 1 105 ? -13.738 1.105   4.057   1.00 25.22  ? 879 VAL B N   1 
ATOM   1519 C CA  . VAL B 1 105 ? -12.387 0.600   4.218   1.00 25.18  ? 879 VAL B CA  1 
ATOM   1520 C C   . VAL B 1 105 ? -11.403 1.785   4.298   1.00 27.61  ? 879 VAL B C   1 
ATOM   1521 O O   . VAL B 1 105 ? -11.485 2.730   3.513   1.00 24.68  ? 879 VAL B O   1 
ATOM   1522 C CB  . VAL B 1 105 ? -11.986 -0.499  3.181   1.00 29.90  ? 879 VAL B CB  1 
ATOM   1523 C CG1 . VAL B 1 105 ? -12.038 0.015   1.741   1.00 30.25  ? 879 VAL B CG1 1 
ATOM   1524 C CG2 . VAL B 1 105 ? -10.609 -1.092  3.486   1.00 29.88  ? 879 VAL B CG2 1 
ATOM   1525 N N   . LEU B 1 106 ? -10.520 1.738   5.294   1.00 25.68  ? 880 LEU B N   1 
ATOM   1526 C CA  . LEU B 1 106 ? -9.449  2.703   5.466   1.00 25.85  ? 880 LEU B CA  1 
ATOM   1527 C C   . LEU B 1 106 ? -8.247  2.020   4.786   1.00 30.54  ? 880 LEU B C   1 
ATOM   1528 O O   . LEU B 1 106 ? -7.792  0.959   5.219   1.00 28.60  ? 880 LEU B O   1 
ATOM   1529 C CB  . LEU B 1 106 ? -9.209  2.972   6.959   1.00 25.61  ? 880 LEU B CB  1 
ATOM   1530 C CG  . LEU B 1 106 ? -8.262  4.112   7.314   1.00 29.22  ? 880 LEU B CG  1 
ATOM   1531 C CD1 . LEU B 1 106 ? -8.862  5.463   6.944   1.00 29.04  ? 880 LEU B CD1 1 
ATOM   1532 C CD2 . LEU B 1 106 ? -7.942  4.083   8.801   1.00 30.11  ? 880 LEU B CD2 1 
ATOM   1533 N N   . LYS B 1 107 ? -7.840  2.555   3.641   1.00 29.23  ? 881 LYS B N   1 
ATOM   1534 C CA  . LYS B 1 107 ? -6.783  1.955   2.840   1.00 29.72  ? 881 LYS B CA  1 
ATOM   1535 C C   . LYS B 1 107 ? -5.580  2.891   2.744   1.00 36.14  ? 881 LYS B C   1 
ATOM   1536 O O   . LYS B 1 107 ? -5.751  4.083   2.503   1.00 34.05  ? 881 LYS B O   1 
ATOM   1537 C CB  . LYS B 1 107 ? -7.354  1.610   1.446   1.00 31.55  ? 881 LYS B CB  1 
ATOM   1538 C CG  . LYS B 1 107 ? -6.399  0.971   0.450   1.00 50.40  ? 881 LYS B CG  1 
ATOM   1539 C CD  . LYS B 1 107 ? -7.035  0.956   -0.935  1.00 64.91  ? 881 LYS B CD  1 
ATOM   1540 C CE  . LYS B 1 107 ? -6.206  0.239   -1.975  1.00 79.18  ? 881 LYS B CE  1 
ATOM   1541 N NZ  . LYS B 1 107 ? -6.960  0.068   -3.250  1.00 88.04  ? 881 LYS B NZ  1 
ATOM   1542 N N   . LYS B 1 108 ? -4.365  2.336   2.915   1.00 36.69  ? 882 LYS B N   1 
ATOM   1543 C CA  . LYS B 1 108 ? -3.116  3.082   2.805   1.00 38.38  ? 882 LYS B CA  1 
ATOM   1544 C C   . LYS B 1 108 ? -2.796  3.288   1.327   1.00 46.37  ? 882 LYS B C   1 
ATOM   1545 O O   . LYS B 1 108 ? -2.787  2.323   0.561   1.00 47.08  ? 882 LYS B O   1 
ATOM   1546 C CB  . LYS B 1 108 ? -1.974  2.331   3.508   1.00 40.94  ? 882 LYS B CB  1 
ATOM   1547 C CG  . LYS B 1 108 ? -0.877  3.245   4.043   1.00 49.82  ? 882 LYS B CG  1 
ATOM   1548 C CD  . LYS B 1 108 ? 0.346   2.445   4.482   1.00 59.73  ? 882 LYS B CD  1 
ATOM   1549 C CE  . LYS B 1 108 ? 1.252   3.189   5.437   1.00 69.94  ? 882 LYS B CE  1 
ATOM   1550 N NZ  . LYS B 1 108 ? 1.877   4.399   4.828   1.00 75.54  ? 882 LYS B NZ  1 
ATOM   1551 N N   . ARG B 1 109 ? -2.560  4.544   0.924   1.00 45.11  ? 883 ARG B N   1 
ATOM   1552 C CA  . ARG B 1 109 ? -2.218  4.923   -0.452  1.00 46.30  ? 883 ARG B CA  1 
ATOM   1553 C C   . ARG B 1 109 ? -0.848  4.365   -0.859  1.00 54.01  ? 883 ARG B C   1 
ATOM   1554 O O   . ARG B 1 109 ? 0.018   4.184   -0.003  1.00 53.36  ? 883 ARG B O   1 
ATOM   1555 C CB  . ARG B 1 109 ? -2.221  6.451   -0.601  1.00 46.75  ? 883 ARG B CB  1 
ATOM   1556 C CG  . ARG B 1 109 ? -3.605  7.068   -0.499  1.00 57.19  ? 883 ARG B CG  1 
ATOM   1557 C CD  . ARG B 1 109 ? -3.580  8.584   -0.460  1.00 65.28  ? 883 ARG B CD  1 
ATOM   1558 N NE  . ARG B 1 109 ? -4.925  9.122   -0.671  1.00 75.78  ? 883 ARG B NE  1 
ATOM   1559 C CZ  . ARG B 1 109 ? -5.305  10.358  -0.364  1.00 89.26  ? 883 ARG B CZ  1 
ATOM   1560 N NH1 . ARG B 1 109 ? -4.444  11.212  0.177   1.00 71.72  ? 883 ARG B NH1 1 
ATOM   1561 N NH2 . ARG B 1 109 ? -6.553  10.749  -0.591  1.00 78.02  ? 883 ARG B NH2 1 
ATOM   1562 N N   . THR B 1 110 ? -0.659  4.087   -2.164  1.00 54.50  ? 884 THR B N   1 
ATOM   1563 C CA  . THR B 1 110 ? 0.599   3.569   -2.725  1.00 55.55  ? 884 THR B CA  1 
ATOM   1564 C C   . THR B 1 110 ? 1.363   4.691   -3.464  1.00 62.46  ? 884 THR B C   1 
ATOM   1565 O O   . THR B 1 110 ? 1.735   4.536   -4.631  1.00 63.04  ? 884 THR B O   1 
ATOM   1566 C CB  . THR B 1 110 ? 0.319   2.325   -3.584  1.00 64.17  ? 884 THR B CB  1 
ATOM   1567 N N   . PHE B 1 111 ? 1.581   5.831   -2.772  1.00 60.08  ? 885 PHE B N   1 
ATOM   1568 C CA  . PHE B 1 111 ? 2.271   7.007   -3.310  1.00 85.84  ? 885 PHE B CA  1 
ATOM   1569 C C   . PHE B 1 111 ? 3.776   6.776   -3.389  1.00 119.94 ? 885 PHE B C   1 
ATOM   1570 O O   . PHE B 1 111 ? 4.271   6.298   -4.406  1.00 83.44  ? 885 PHE B O   1 
ATOM   1571 C CB  . PHE B 1 111 ? 1.963   8.248   -2.462  1.00 87.50  ? 885 PHE B CB  1 
ATOM   1572 N N   . GLY B 1 114 ? 6.129   12.553  -4.119  1.00 49.80  ? 888 GLY B N   1 
ATOM   1573 C CA  . GLY B 1 114 ? 6.616   13.334  -5.251  1.00 49.51  ? 888 GLY B CA  1 
ATOM   1574 C C   . GLY B 1 114 ? 7.658   12.600  -6.077  1.00 52.78  ? 888 GLY B C   1 
ATOM   1575 O O   . GLY B 1 114 ? 8.783   13.082  -6.246  1.00 51.96  ? 888 GLY B O   1 
ATOM   1576 N N   . VAL B 1 115 ? 7.273   11.427  -6.605  1.00 48.84  ? 889 VAL B N   1 
ATOM   1577 C CA  . VAL B 1 115 ? 8.121   10.554  -7.418  1.00 48.40  ? 889 VAL B CA  1 
ATOM   1578 C C   . VAL B 1 115 ? 7.504   10.302  -8.798  1.00 51.51  ? 889 VAL B C   1 
ATOM   1579 O O   . VAL B 1 115 ? 6.301   10.043  -8.898  1.00 51.65  ? 889 VAL B O   1 
ATOM   1580 C CB  . VAL B 1 115 ? 8.518   9.229   -6.687  1.00 52.49  ? 889 VAL B CB  1 
ATOM   1581 C CG1 . VAL B 1 115 ? 9.585   9.479   -5.631  1.00 52.23  ? 889 VAL B CG1 1 
ATOM   1582 C CG2 . VAL B 1 115 ? 7.307   8.526   -6.065  1.00 52.48  ? 889 VAL B CG2 1 
ATOM   1583 N N   . LYS B 1 116 ? 8.325   10.398  -9.857  1.00 46.57  ? 890 LYS B N   1 
ATOM   1584 C CA  . LYS B 1 116 ? 7.905   10.128  -11.235 1.00 46.19  ? 890 LYS B CA  1 
ATOM   1585 C C   . LYS B 1 116 ? 8.197   8.645   -11.537 1.00 50.68  ? 890 LYS B C   1 
ATOM   1586 O O   . LYS B 1 116 ? 9.355   8.229   -11.518 1.00 49.11  ? 890 LYS B O   1 
ATOM   1587 C CB  . LYS B 1 116 ? 8.610   11.076  -12.224 1.00 48.08  ? 890 LYS B CB  1 
ATOM   1588 C CG  . LYS B 1 116 ? 8.306   10.791  -13.686 1.00 57.35  ? 890 LYS B CG  1 
ATOM   1589 C CD  . LYS B 1 116 ? 8.480   12.014  -14.571 1.00 63.14  ? 890 LYS B CD  1 
ATOM   1590 C CE  . LYS B 1 116 ? 7.166   12.710  -14.842 1.00 73.77  ? 890 LYS B CE  1 
ATOM   1591 N NZ  . LYS B 1 116 ? 6.263   11.891  -15.693 1.00 83.16  ? 890 LYS B NZ  1 
ATOM   1592 N N   . VAL B 1 117 ? 7.133   7.849   -11.767 1.00 48.89  ? 891 VAL B N   1 
ATOM   1593 C CA  . VAL B 1 117 ? 7.226   6.408   -12.036 1.00 48.85  ? 891 VAL B CA  1 
ATOM   1594 C C   . VAL B 1 117 ? 7.031   6.116   -13.529 1.00 54.01  ? 891 VAL B C   1 
ATOM   1595 O O   . VAL B 1 117 ? 5.961   6.396   -14.075 1.00 54.72  ? 891 VAL B O   1 
ATOM   1596 C CB  . VAL B 1 117 ? 6.256   5.586   -11.129 1.00 52.34  ? 891 VAL B CB  1 
ATOM   1597 C CG1 . VAL B 1 117 ? 6.236   4.104   -11.511 1.00 51.93  ? 891 VAL B CG1 1 
ATOM   1598 C CG2 . VAL B 1 117 ? 6.601   5.754   -9.650  1.00 52.09  ? 891 VAL B CG2 1 
ATOM   1599 N N   . LYS B 1 118 ? 8.069   5.552   -14.176 1.00 50.37  ? 892 LYS B N   1 
ATOM   1600 C CA  . LYS B 1 118 ? 8.050   5.148   -15.585 1.00 49.99  ? 892 LYS B CA  1 
ATOM   1601 C C   . LYS B 1 118 ? 7.387   3.746   -15.682 1.00 54.07  ? 892 LYS B C   1 
ATOM   1602 O O   . LYS B 1 118 ? 8.004   2.739   -15.318 1.00 53.36  ? 892 LYS B O   1 
ATOM   1603 C CB  . LYS B 1 118 ? 9.481   5.156   -16.169 1.00 52.28  ? 892 LYS B CB  1 
ATOM   1604 C CG  . LYS B 1 118 ? 9.533   4.918   -17.675 1.00 64.71  ? 892 LYS B CG  1 
ATOM   1605 C CD  . LYS B 1 118 ? 10.888  4.409   -18.108 1.00 70.61  ? 892 LYS B CD  1 
ATOM   1606 C CE  . LYS B 1 118 ? 10.781  3.530   -19.329 1.00 78.49  ? 892 LYS B CE  1 
ATOM   1607 N NZ  . LYS B 1 118 ? 12.079  2.884   -19.659 1.00 85.33  ? 892 LYS B NZ  1 
ATOM   1608 N N   . HIS B 1 119 ? 6.117   3.702   -16.152 1.00 51.08  ? 893 HIS B N   1 
ATOM   1609 C CA  . HIS B 1 119 ? 5.304   2.483   -16.276 1.00 77.19  ? 893 HIS B CA  1 
ATOM   1610 C C   . HIS B 1 119 ? 5.658   1.605   -17.479 1.00 100.88 ? 893 HIS B C   1 
ATOM   1611 O O   . HIS B 1 119 ? 6.632   1.857   -18.181 1.00 65.93  ? 893 HIS B O   1 
ATOM   1612 C CB  . HIS B 1 119 ? 3.806   2.829   -16.288 1.00 77.87  ? 893 HIS B CB  1 
HETATM 1613 X UNK . UNX C 2 .   ? 19.475  -13.597 -3.103  0.01 3.00   ? 1   UNX A UNK 1 
HETATM 1614 X UNK . UNX D 2 .   ? -15.869 8.473   16.197  0.01 3.00   ? 2   UNX B UNK 1 
HETATM 1615 X UNK . UNX E 2 .   ? -22.038 23.458  15.026  0.01 3.00   ? 3   UNX B UNK 1 
HETATM 1616 X UNK . UNX F 2 .   ? -13.829 -4.978  4.627   0.01 11.14  ? 4   UNX B UNK 1 
HETATM 1617 O O   . HOH G 3 .   ? 5.992   -17.083 -8.219  1.00 12.43  ? 2   HOH A O   1 
HETATM 1618 O O   . HOH G 3 .   ? 14.836  3.786   -1.199  1.00 35.92  ? 3   HOH A O   1 
HETATM 1619 O O   . HOH G 3 .   ? 7.682   -6.034  -10.420 1.00 26.66  ? 4   HOH A O   1 
HETATM 1620 O O   . HOH G 3 .   ? 5.101   -8.531  -17.722 1.00 37.34  ? 5   HOH A O   1 
HETATM 1621 O O   . HOH G 3 .   ? 7.850   -15.941 -14.123 1.00 26.60  ? 6   HOH A O   1 
HETATM 1622 O O   . HOH G 3 .   ? 13.845  7.318   9.660   1.00 22.21  ? 7   HOH A O   1 
HETATM 1623 O O   . HOH G 3 .   ? 2.866   -19.561 -1.721  1.00 33.37  ? 8   HOH A O   1 
HETATM 1624 O O   . HOH G 3 .   ? 19.399  -3.857  -19.023 1.00 24.36  ? 9   HOH A O   1 
HETATM 1625 O O   . HOH G 3 .   ? 0.403   -16.525 -9.628  1.00 17.16  ? 10  HOH A O   1 
HETATM 1626 O O   . HOH G 3 .   ? 4.283   -14.987 -9.001  1.00 26.11  ? 11  HOH A O   1 
HETATM 1627 O O   . HOH G 3 .   ? -0.867  -15.085 -4.579  1.00 24.74  ? 12  HOH A O   1 
HETATM 1628 O O   . HOH G 3 .   ? 12.181  -16.509 -13.411 1.00 18.75  ? 13  HOH A O   1 
HETATM 1629 O O   . HOH G 3 .   ? 14.244  -17.834 -12.328 1.00 21.77  ? 14  HOH A O   1 
HETATM 1630 O O   . HOH G 3 .   ? 16.825  -17.394 -9.412  1.00 24.95  ? 15  HOH A O   1 
HETATM 1631 O O   . HOH G 3 .   ? 13.482  -17.105 -6.237  1.00 20.81  ? 16  HOH A O   1 
HETATM 1632 O O   . HOH G 3 .   ? 34.571  -14.063 -0.424  1.00 21.73  ? 17  HOH A O   1 
HETATM 1633 O O   . HOH G 3 .   ? 31.396  -10.641 4.830   1.00 33.08  ? 18  HOH A O   1 
HETATM 1634 O O   . HOH G 3 .   ? 22.072  -10.593 2.971   1.00 36.01  ? 19  HOH A O   1 
HETATM 1635 O O   . HOH G 3 .   ? 13.707  -5.963  6.410   1.00 29.39  ? 20  HOH A O   1 
HETATM 1636 O O   . HOH G 3 .   ? 0.410   -11.475 0.482   1.00 27.60  ? 21  HOH A O   1 
HETATM 1637 O O   . HOH G 3 .   ? 8.871   -0.668  0.501   1.00 37.06  ? 23  HOH A O   1 
HETATM 1638 O O   . HOH G 3 .   ? 13.705  -14.511 -19.218 1.00 34.12  ? 24  HOH A O   1 
HETATM 1639 O O   . HOH G 3 .   ? 9.413   -15.976 -0.636  1.00 38.74  ? 25  HOH A O   1 
HETATM 1640 O O   . HOH G 3 .   ? 20.812  6.166   -11.529 1.00 31.34  ? 26  HOH A O   1 
HETATM 1641 O O   . HOH G 3 .   ? 5.591   -16.549 -12.813 1.00 24.86  ? 46  HOH A O   1 
HETATM 1642 O O   . HOH G 3 .   ? 6.793   -7.820  -19.664 1.00 52.50  ? 47  HOH A O   1 
HETATM 1643 O O   . HOH G 3 .   ? 23.399  -12.728 3.863   1.00 23.93  ? 48  HOH A O   1 
HETATM 1644 O O   . HOH G 3 .   ? 5.483   -7.967  -10.036 1.00 37.70  ? 49  HOH A O   1 
HETATM 1645 O O   . HOH G 3 .   ? 3.956   -14.761 -11.572 1.00 26.58  ? 50  HOH A O   1 
HETATM 1646 O O   . HOH G 3 .   ? 24.294  -15.764 -19.211 1.00 24.85  ? 53  HOH A O   1 
HETATM 1647 O O   . HOH G 3 .   ? 19.777  -11.398 5.158   1.00 30.63  ? 54  HOH A O   1 
HETATM 1648 O O   . HOH G 3 .   ? 17.359  -14.415 -0.976  1.00 20.09  ? 915 HOH A O   1 
HETATM 1649 O O   . HOH H 3 .   ? -27.165 19.330  9.950   1.00 30.06  ? 22  HOH B O   1 
HETATM 1650 O O   . HOH H 3 .   ? 1.335   7.955   7.605   1.00 33.64  ? 27  HOH B O   1 
HETATM 1651 O O   . HOH H 3 .   ? -12.742 8.065   16.818  1.00 19.87  ? 28  HOH B O   1 
HETATM 1652 O O   . HOH H 3 .   ? -8.946  -14.111 7.811   1.00 21.08  ? 29  HOH B O   1 
HETATM 1653 O O   . HOH H 3 .   ? -2.235  18.092  4.641   1.00 18.71  ? 30  HOH B O   1 
HETATM 1654 O O   . HOH H 3 .   ? 1.130   14.320  6.259   1.00 20.60  ? 31  HOH B O   1 
HETATM 1655 O O   . HOH H 3 .   ? -5.656  15.783  5.939   1.00 25.42  ? 32  HOH B O   1 
HETATM 1656 O O   . HOH H 3 .   ? -10.786 9.277   1.042   1.00 28.01  ? 33  HOH B O   1 
HETATM 1657 O O   . HOH H 3 .   ? -16.030 2.813   22.090  1.00 24.55  ? 34  HOH B O   1 
HETATM 1658 O O   . HOH H 3 .   ? -19.961 3.357   28.741  1.00 37.00  ? 35  HOH B O   1 
HETATM 1659 O O   . HOH H 3 .   ? -15.873 15.817  13.199  1.00 20.07  ? 36  HOH B O   1 
HETATM 1660 O O   . HOH H 3 .   ? -15.076 18.469  10.457  1.00 27.74  ? 37  HOH B O   1 
HETATM 1661 O O   . HOH H 3 .   ? -19.977 14.688  6.069   1.00 29.29  ? 38  HOH B O   1 
HETATM 1662 O O   . HOH H 3 .   ? -10.926 18.981  5.034   1.00 20.89  ? 39  HOH B O   1 
HETATM 1663 O O   . HOH H 3 .   ? -0.241  15.057  12.538  1.00 43.90  ? 40  HOH B O   1 
HETATM 1664 O O   . HOH H 3 .   ? -7.296  -1.891  5.340   1.00 30.48  ? 41  HOH B O   1 
HETATM 1665 O O   . HOH H 3 .   ? -27.223 4.335   25.357  1.00 27.61  ? 42  HOH B O   1 
HETATM 1666 O O   . HOH H 3 .   ? -22.662 -0.636  24.990  1.00 38.27  ? 43  HOH B O   1 
HETATM 1667 O O   . HOH H 3 .   ? -11.660 14.325  13.420  1.00 21.18  ? 44  HOH B O   1 
HETATM 1668 O O   . HOH H 3 .   ? -18.059 18.642  11.875  1.00 41.46  ? 45  HOH B O   1 
HETATM 1669 O O   . HOH H 3 .   ? -14.185 18.510  7.957   1.00 20.38  ? 51  HOH B O   1 
HETATM 1670 O O   . HOH H 3 .   ? -15.589 2.037   19.642  1.00 30.21  ? 52  HOH B O   1 
HETATM 1671 O O   . HOH H 3 .   ? -12.303 1.606   20.068  1.00 32.83  ? 55  HOH B O   1 
# 
loop_
_pdbx_poly_seq_scheme.asym_id 
_pdbx_poly_seq_scheme.entity_id 
_pdbx_poly_seq_scheme.seq_id 
_pdbx_poly_seq_scheme.mon_id 
_pdbx_poly_seq_scheme.ndb_seq_num 
_pdbx_poly_seq_scheme.pdb_seq_num 
_pdbx_poly_seq_scheme.auth_seq_num 
_pdbx_poly_seq_scheme.pdb_mon_id 
_pdbx_poly_seq_scheme.auth_mon_id 
_pdbx_poly_seq_scheme.pdb_strand_id 
_pdbx_poly_seq_scheme.pdb_ins_code 
_pdbx_poly_seq_scheme.hetero 
A 1 1   MET 1   775 ?   ?   ?   A . n 
A 1 2   HIS 2   776 ?   ?   ?   A . n 
A 1 3   HIS 3   777 ?   ?   ?   A . n 
A 1 4   HIS 4   778 ?   ?   ?   A . n 
A 1 5   HIS 5   779 ?   ?   ?   A . n 
A 1 6   HIS 6   780 ?   ?   ?   A . n 
A 1 7   HIS 7   781 ?   ?   ?   A . n 
A 1 8   SER 8   782 ?   ?   ?   A . n 
A 1 9   SER 9   783 ?   ?   ?   A . n 
A 1 10  GLY 10  784 ?   ?   ?   A . n 
A 1 11  ARG 11  785 ?   ?   ?   A . n 
A 1 12  GLU 12  786 ?   ?   ?   A . n 
A 1 13  ASN 13  787 787 ASN ASN A . n 
A 1 14  LEU 14  788 788 LEU LEU A . n 
A 1 15  TYR 15  789 789 TYR TYR A . n 
A 1 16  PHE 16  790 790 PHE PHE A . n 
A 1 17  GLN 17  791 791 GLN GLN A . n 
A 1 18  GLY 18  792 792 GLY GLY A . n 
A 1 19  ASN 19  793 793 ASN ASN A . n 
A 1 20  GLN 20  794 794 GLN GLN A . n 
A 1 21  GLN 21  795 795 GLN GLN A . n 
A 1 22  VAL 22  796 796 VAL VAL A . n 
A 1 23  GLY 23  797 797 GLY GLY A . n 
A 1 24  ASP 24  798 798 ASP ASP A . n 
A 1 25  CYS 25  799 799 CYS CYS A . n 
A 1 26  CYS 26  800 800 CYS CYS A . n 
A 1 27  ILE 27  801 801 ILE ILE A . n 
A 1 28  ILE 28  802 802 ILE ILE A . n 
A 1 29  ARG 29  803 803 ARG ARG A . n 
A 1 30  VAL 30  804 804 VAL VAL A . n 
A 1 31  SER 31  805 805 SER SER A . n 
A 1 32  LEU 32  806 806 LEU LEU A . n 
A 1 33  ASP 33  807 807 ASP ASP A . n 
A 1 34  VAL 34  808 808 VAL VAL A . n 
A 1 35  ASP 35  809 809 ASP ASP A . n 
A 1 36  ASN 36  810 810 ASN ASN A . n 
A 1 37  GLY 37  811 811 GLY GLY A . n 
A 1 38  ASN 38  812 812 ASN ASN A . n 
A 1 39  MET 39  813 813 MET MET A . n 
A 1 40  TYR 40  814 814 TYR TYR A . n 
A 1 41  LYS 41  815 815 LYS LYS A . n 
A 1 42  SER 42  816 816 SER SER A . n 
A 1 43  ILE 43  817 817 ILE ILE A . n 
A 1 44  LEU 44  818 818 LEU LEU A . n 
A 1 45  VAL 45  819 819 VAL VAL A . n 
A 1 46  THR 46  820 820 THR THR A . n 
A 1 47  SER 47  821 821 SER SER A . n 
A 1 48  GLN 48  822 822 GLN GLN A . n 
A 1 49  ASP 49  823 823 ASP ASP A . n 
A 1 50  LYS 50  824 824 LYS LYS A . n 
A 1 51  ALA 51  825 825 ALA ALA A . n 
A 1 52  PRO 52  826 826 PRO PRO A . n 
A 1 53  ALA 53  827 827 ALA ALA A . n 
A 1 54  VAL 54  828 828 VAL VAL A . n 
A 1 55  ILE 55  829 829 ILE ILE A . n 
A 1 56  ARG 56  830 830 ARG ARG A . n 
A 1 57  LYS 57  831 831 LYS LYS A . n 
A 1 58  ALA 58  832 832 ALA ALA A . n 
A 1 59  MET 59  833 833 MET MET A . n 
A 1 60  ASP 60  834 834 ASP ASP A . n 
A 1 61  LYS 61  835 835 LYS LYS A . n 
A 1 62  HIS 62  836 836 HIS HIS A . n 
A 1 63  ASN 63  837 837 ASN ASN A . n 
A 1 64  LEU 64  838 838 LEU LEU A . n 
A 1 65  GLU 65  839 839 GLU GLU A . n 
A 1 66  GLU 66  840 840 GLU GLU A . n 
A 1 67  GLU 67  841 841 GLU GLU A . n 
A 1 68  GLU 68  842 842 GLU GLU A . n 
A 1 69  PRO 69  843 843 PRO PRO A . n 
A 1 70  GLU 70  844 844 GLU GLU A . n 
A 1 71  ASP 71  845 845 ASP ASP A . n 
A 1 72  TYR 72  846 846 TYR TYR A . n 
A 1 73  GLU 73  847 847 GLU GLU A . n 
A 1 74  LEU 74  848 848 LEU LEU A . n 
A 1 75  LEU 75  849 849 LEU LEU A . n 
A 1 76  GLN 76  850 850 GLN GLN A . n 
A 1 77  ILE 77  851 851 ILE ILE A . n 
A 1 78  LEU 78  852 852 LEU LEU A . n 
A 1 79  SER 79  853 853 SER SER A . n 
A 1 80  ASP 80  854 854 ASP ASP A . n 
A 1 81  ASP 81  855 855 ASP ASP A . n 
A 1 82  ARG 82  856 856 ARG ARG A . n 
A 1 83  LYS 83  857 857 LYS LYS A . n 
A 1 84  LEU 84  858 858 LEU LEU A . n 
A 1 85  LYS 85  859 859 LYS LYS A . n 
A 1 86  ILE 86  860 860 ILE ILE A . n 
A 1 87  PRO 87  861 861 PRO PRO A . n 
A 1 88  GLU 88  862 862 GLU GLU A . n 
A 1 89  ASN 89  863 863 ASN ASN A . n 
A 1 90  ALA 90  864 864 ALA ALA A . n 
A 1 91  ASN 91  865 865 ASN ASN A . n 
A 1 92  VAL 92  866 866 VAL VAL A . n 
A 1 93  PHE 93  867 867 PHE PHE A . n 
A 1 94  TYR 94  868 868 TYR TYR A . n 
A 1 95  ALA 95  869 869 ALA ALA A . n 
A 1 96  MET 96  870 870 MET MET A . n 
A 1 97  ASN 97  871 871 ASN ASN A . n 
A 1 98  SER 98  872 872 SER SER A . n 
A 1 99  THR 99  873 873 THR THR A . n 
A 1 100 ALA 100 874 874 ALA ALA A . n 
A 1 101 ASN 101 875 875 ASN ASN A . n 
A 1 102 TYR 102 876 876 TYR TYR A . n 
A 1 103 ASP 103 877 877 ASP ASP A . n 
A 1 104 PHE 104 878 878 PHE PHE A . n 
A 1 105 VAL 105 879 879 VAL VAL A . n 
A 1 106 LEU 106 880 880 LEU LEU A . n 
A 1 107 LYS 107 881 881 LYS LYS A . n 
A 1 108 LYS 108 882 882 LYS LYS A . n 
A 1 109 ARG 109 883 883 ARG ARG A . n 
A 1 110 THR 110 884 884 THR THR A . n 
A 1 111 PHE 111 885 885 PHE PHE A . n 
A 1 112 THR 112 886 ?   ?   ?   A . n 
A 1 113 LYS 113 887 ?   ?   ?   A . n 
A 1 114 GLY 114 888 ?   ?   ?   A . n 
A 1 115 VAL 115 889 ?   ?   ?   A . n 
A 1 116 LYS 116 890 890 LYS LYS A . n 
A 1 117 VAL 117 891 891 VAL VAL A . n 
A 1 118 LYS 118 892 892 LYS LYS A . n 
A 1 119 HIS 119 893 ?   ?   ?   A . n 
A 1 120 GLY 120 894 ?   ?   ?   A . n 
A 1 121 ALA 121 895 ?   ?   ?   A . n 
A 1 122 SER 122 896 ?   ?   ?   A . n 
A 1 123 SER 123 897 ?   ?   ?   A . n 
A 1 124 THR 124 898 ?   ?   ?   A . n 
A 1 125 LEU 125 899 ?   ?   ?   A . n 
A 1 126 PRO 126 900 ?   ?   ?   A . n 
A 1 127 ARG 127 901 ?   ?   ?   A . n 
A 1 128 MET 128 902 ?   ?   ?   A . n 
A 1 129 LYS 129 903 ?   ?   ?   A . n 
A 1 130 GLN 130 904 ?   ?   ?   A . n 
A 1 131 LYS 131 905 ?   ?   ?   A . n 
A 1 132 GLY 132 906 ?   ?   ?   A . n 
A 1 133 LEU 133 907 ?   ?   ?   A . n 
A 1 134 LYS 134 908 ?   ?   ?   A . n 
A 1 135 ILE 135 909 ?   ?   ?   A . n 
A 1 136 ALA 136 910 ?   ?   ?   A . n 
A 1 137 LYS 137 911 ?   ?   ?   A . n 
A 1 138 GLY 138 912 ?   ?   ?   A . n 
A 1 139 ILE 139 913 ?   ?   ?   A . n 
A 1 140 PHE 140 914 ?   ?   ?   A . n 
B 1 1   MET 1   775 ?   ?   ?   B . n 
B 1 2   HIS 2   776 ?   ?   ?   B . n 
B 1 3   HIS 3   777 ?   ?   ?   B . n 
B 1 4   HIS 4   778 ?   ?   ?   B . n 
B 1 5   HIS 5   779 ?   ?   ?   B . n 
B 1 6   HIS 6   780 ?   ?   ?   B . n 
B 1 7   HIS 7   781 ?   ?   ?   B . n 
B 1 8   SER 8   782 ?   ?   ?   B . n 
B 1 9   SER 9   783 ?   ?   ?   B . n 
B 1 10  GLY 10  784 ?   ?   ?   B . n 
B 1 11  ARG 11  785 ?   ?   ?   B . n 
B 1 12  GLU 12  786 ?   ?   ?   B . n 
B 1 13  ASN 13  787 787 ASN ASN B . n 
B 1 14  LEU 14  788 788 LEU LEU B . n 
B 1 15  TYR 15  789 789 TYR TYR B . n 
B 1 16  PHE 16  790 790 PHE PHE B . n 
B 1 17  GLN 17  791 791 GLN GLN B . n 
B 1 18  GLY 18  792 792 GLY GLY B . n 
B 1 19  ASN 19  793 793 ASN ASN B . n 
B 1 20  GLN 20  794 794 GLN GLN B . n 
B 1 21  GLN 21  795 795 GLN GLN B . n 
B 1 22  VAL 22  796 796 VAL VAL B . n 
B 1 23  GLY 23  797 797 GLY GLY B . n 
B 1 24  ASP 24  798 798 ASP ASP B . n 
B 1 25  CYS 25  799 799 CYS CYS B . n 
B 1 26  CYS 26  800 800 CYS CYS B . n 
B 1 27  ILE 27  801 801 ILE ILE B . n 
B 1 28  ILE 28  802 802 ILE ILE B . n 
B 1 29  ARG 29  803 803 ARG ARG B . n 
B 1 30  VAL 30  804 804 VAL VAL B . n 
B 1 31  SER 31  805 805 SER SER B . n 
B 1 32  LEU 32  806 806 LEU LEU B . n 
B 1 33  ASP 33  807 807 ASP ASP B . n 
B 1 34  VAL 34  808 808 VAL VAL B . n 
B 1 35  ASP 35  809 809 ASP ASP B . n 
B 1 36  ASN 36  810 810 ASN ASN B . n 
B 1 37  GLY 37  811 811 GLY GLY B . n 
B 1 38  ASN 38  812 812 ASN ASN B . n 
B 1 39  MET 39  813 813 MET MET B . n 
B 1 40  TYR 40  814 814 TYR TYR B . n 
B 1 41  LYS 41  815 815 LYS LYS B . n 
B 1 42  SER 42  816 816 SER SER B . n 
B 1 43  ILE 43  817 817 ILE ILE B . n 
B 1 44  LEU 44  818 818 LEU LEU B . n 
B 1 45  VAL 45  819 819 VAL VAL B . n 
B 1 46  THR 46  820 820 THR THR B . n 
B 1 47  SER 47  821 821 SER SER B . n 
B 1 48  GLN 48  822 822 GLN GLN B . n 
B 1 49  ASP 49  823 823 ASP ASP B . n 
B 1 50  LYS 50  824 824 LYS LYS B . n 
B 1 51  ALA 51  825 825 ALA ALA B . n 
B 1 52  PRO 52  826 826 PRO PRO B . n 
B 1 53  ALA 53  827 827 ALA ALA B . n 
B 1 54  VAL 54  828 828 VAL VAL B . n 
B 1 55  ILE 55  829 829 ILE ILE B . n 
B 1 56  ARG 56  830 830 ARG ARG B . n 
B 1 57  LYS 57  831 831 LYS LYS B . n 
B 1 58  ALA 58  832 832 ALA ALA B . n 
B 1 59  MET 59  833 833 MET MET B . n 
B 1 60  ASP 60  834 834 ASP ASP B . n 
B 1 61  LYS 61  835 835 LYS LYS B . n 
B 1 62  HIS 62  836 836 HIS HIS B . n 
B 1 63  ASN 63  837 837 ASN ASN B . n 
B 1 64  LEU 64  838 838 LEU LEU B . n 
B 1 65  GLU 65  839 839 GLU GLU B . n 
B 1 66  GLU 66  840 840 GLU GLU B . n 
B 1 67  GLU 67  841 841 GLU GLU B . n 
B 1 68  GLU 68  842 842 GLU GLU B . n 
B 1 69  PRO 69  843 843 PRO PRO B . n 
B 1 70  GLU 70  844 844 GLU GLU B . n 
B 1 71  ASP 71  845 845 ASP ASP B . n 
B 1 72  TYR 72  846 846 TYR TYR B . n 
B 1 73  GLU 73  847 847 GLU GLU B . n 
B 1 74  LEU 74  848 848 LEU LEU B . n 
B 1 75  LEU 75  849 849 LEU LEU B . n 
B 1 76  GLN 76  850 850 GLN GLN B . n 
B 1 77  ILE 77  851 851 ILE ILE B . n 
B 1 78  LEU 78  852 852 LEU LEU B . n 
B 1 79  SER 79  853 853 SER SER B . n 
B 1 80  ASP 80  854 854 ASP ASP B . n 
B 1 81  ASP 81  855 855 ASP ASP B . n 
B 1 82  ARG 82  856 856 ARG ARG B . n 
B 1 83  LYS 83  857 857 LYS LYS B . n 
B 1 84  LEU 84  858 858 LEU LEU B . n 
B 1 85  LYS 85  859 859 LYS LYS B . n 
B 1 86  ILE 86  860 860 ILE ILE B . n 
B 1 87  PRO 87  861 861 PRO PRO B . n 
B 1 88  GLU 88  862 862 GLU GLU B . n 
B 1 89  ASN 89  863 863 ASN ASN B . n 
B 1 90  ALA 90  864 864 ALA ALA B . n 
B 1 91  ASN 91  865 865 ASN ASN B . n 
B 1 92  VAL 92  866 866 VAL VAL B . n 
B 1 93  PHE 93  867 867 PHE PHE B . n 
B 1 94  TYR 94  868 868 TYR TYR B . n 
B 1 95  ALA 95  869 869 ALA ALA B . n 
B 1 96  MET 96  870 870 MET MET B . n 
B 1 97  ASN 97  871 871 ASN ASN B . n 
B 1 98  SER 98  872 872 SER SER B . n 
B 1 99  THR 99  873 873 THR THR B . n 
B 1 100 ALA 100 874 874 ALA ALA B . n 
B 1 101 ASN 101 875 875 ASN ASN B . n 
B 1 102 TYR 102 876 876 TYR TYR B . n 
B 1 103 ASP 103 877 877 ASP ASP B . n 
B 1 104 PHE 104 878 878 PHE PHE B . n 
B 1 105 VAL 105 879 879 VAL VAL B . n 
B 1 106 LEU 106 880 880 LEU LEU B . n 
B 1 107 LYS 107 881 881 LYS LYS B . n 
B 1 108 LYS 108 882 882 LYS LYS B . n 
B 1 109 ARG 109 883 883 ARG ARG B . n 
B 1 110 THR 110 884 884 THR THR B . n 
B 1 111 PHE 111 885 885 PHE PHE B . n 
B 1 112 THR 112 886 ?   ?   ?   B . n 
B 1 113 LYS 113 887 ?   ?   ?   B . n 
B 1 114 GLY 114 888 888 GLY GLY B . n 
B 1 115 VAL 115 889 889 VAL VAL B . n 
B 1 116 LYS 116 890 890 LYS LYS B . n 
B 1 117 VAL 117 891 891 VAL VAL B . n 
B 1 118 LYS 118 892 892 LYS LYS B . n 
B 1 119 HIS 119 893 893 HIS HIS B . n 
B 1 120 GLY 120 894 ?   ?   ?   B . n 
B 1 121 ALA 121 895 ?   ?   ?   B . n 
B 1 122 SER 122 896 ?   ?   ?   B . n 
B 1 123 SER 123 897 ?   ?   ?   B . n 
B 1 124 THR 124 898 ?   ?   ?   B . n 
B 1 125 LEU 125 899 ?   ?   ?   B . n 
B 1 126 PRO 126 900 ?   ?   ?   B . n 
B 1 127 ARG 127 901 ?   ?   ?   B . n 
B 1 128 MET 128 902 ?   ?   ?   B . n 
B 1 129 LYS 129 903 ?   ?   ?   B . n 
B 1 130 GLN 130 904 ?   ?   ?   B . n 
B 1 131 LYS 131 905 ?   ?   ?   B . n 
B 1 132 GLY 132 906 ?   ?   ?   B . n 
B 1 133 LEU 133 907 ?   ?   ?   B . n 
B 1 134 LYS 134 908 ?   ?   ?   B . n 
B 1 135 ILE 135 909 ?   ?   ?   B . n 
B 1 136 ALA 136 910 ?   ?   ?   B . n 
B 1 137 LYS 137 911 ?   ?   ?   B . n 
B 1 138 GLY 138 912 ?   ?   ?   B . n 
B 1 139 ILE 139 913 ?   ?   ?   B . n 
B 1 140 PHE 140 914 ?   ?   ?   B . n 
# 
_pdbx_SG_project.id                    1 
_pdbx_SG_project.project_name          ? 
_pdbx_SG_project.full_name_of_center   'Structural Genomics Consortium' 
_pdbx_SG_project.initial_of_center     SGC 
# 
loop_
_pdbx_nonpoly_scheme.asym_id 
_pdbx_nonpoly_scheme.entity_id 
_pdbx_nonpoly_scheme.mon_id 
_pdbx_nonpoly_scheme.ndb_seq_num 
_pdbx_nonpoly_scheme.pdb_seq_num 
_pdbx_nonpoly_scheme.auth_seq_num 
_pdbx_nonpoly_scheme.pdb_mon_id 
_pdbx_nonpoly_scheme.auth_mon_id 
_pdbx_nonpoly_scheme.pdb_strand_id 
_pdbx_nonpoly_scheme.pdb_ins_code 
C 2 UNX 1  1   1  UNX UNX A . 
D 2 UNX 1  2   2  UNX UNX B . 
E 2 UNX 1  3   3  UNX UNX B . 
F 2 UNX 1  4   4  UNX UNX B . 
G 3 HOH 1  2   2  HOH HOH A . 
G 3 HOH 2  3   3  HOH HOH A . 
G 3 HOH 3  4   4  HOH HOH A . 
G 3 HOH 4  5   5  HOH HOH A . 
G 3 HOH 5  6   6  HOH HOH A . 
G 3 HOH 6  7   7  HOH HOH A . 
G 3 HOH 7  8   8  HOH HOH A . 
G 3 HOH 8  9   9  HOH HOH A . 
G 3 HOH 9  10  10 HOH HOH A . 
G 3 HOH 10 11  11 HOH HOH A . 
G 3 HOH 11 12  12 HOH HOH A . 
G 3 HOH 12 13  13 HOH HOH A . 
G 3 HOH 13 14  14 HOH HOH A . 
G 3 HOH 14 15  15 HOH HOH A . 
G 3 HOH 15 16  16 HOH HOH A . 
G 3 HOH 16 17  17 HOH HOH A . 
G 3 HOH 17 18  18 HOH HOH A . 
G 3 HOH 18 19  19 HOH HOH A . 
G 3 HOH 19 20  20 HOH HOH A . 
G 3 HOH 20 21  21 HOH HOH A . 
G 3 HOH 21 23  23 HOH HOH A . 
G 3 HOH 22 24  24 HOH HOH A . 
G 3 HOH 23 25  25 HOH HOH A . 
G 3 HOH 24 26  26 HOH HOH A . 
G 3 HOH 25 46  46 HOH HOH A . 
G 3 HOH 26 47  47 HOH HOH A . 
G 3 HOH 27 48  48 HOH HOH A . 
G 3 HOH 28 49  49 HOH HOH A . 
G 3 HOH 29 50  50 HOH HOH A . 
G 3 HOH 30 53  53 HOH HOH A . 
G 3 HOH 31 54  54 HOH HOH A . 
G 3 HOH 32 915 1  HOH HOH A . 
H 3 HOH 1  22  22 HOH HOH B . 
H 3 HOH 2  27  27 HOH HOH B . 
H 3 HOH 3  28  28 HOH HOH B . 
H 3 HOH 4  29  29 HOH HOH B . 
H 3 HOH 5  30  30 HOH HOH B . 
H 3 HOH 6  31  31 HOH HOH B . 
H 3 HOH 7  32  32 HOH HOH B . 
H 3 HOH 8  33  33 HOH HOH B . 
H 3 HOH 9  34  34 HOH HOH B . 
H 3 HOH 10 35  35 HOH HOH B . 
H 3 HOH 11 36  36 HOH HOH B . 
H 3 HOH 12 37  37 HOH HOH B . 
H 3 HOH 13 38  38 HOH HOH B . 
H 3 HOH 14 39  39 HOH HOH B . 
H 3 HOH 15 40  40 HOH HOH B . 
H 3 HOH 16 41  41 HOH HOH B . 
H 3 HOH 17 42  42 HOH HOH B . 
H 3 HOH 18 43  43 HOH HOH B . 
H 3 HOH 19 44  44 HOH HOH B . 
H 3 HOH 20 45  45 HOH HOH B . 
H 3 HOH 21 51  51 HOH HOH B . 
H 3 HOH 22 52  52 HOH HOH B . 
H 3 HOH 23 55  55 HOH HOH B . 
# 
loop_
_pdbx_struct_assembly.id 
_pdbx_struct_assembly.details 
_pdbx_struct_assembly.method_details 
_pdbx_struct_assembly.oligomeric_details 
_pdbx_struct_assembly.oligomeric_count 
1 author_defined_assembly   ?    dimeric 2 
2 software_defined_assembly PISA dimeric 2 
# 
loop_
_pdbx_struct_assembly_gen.assembly_id 
_pdbx_struct_assembly_gen.oper_expression 
_pdbx_struct_assembly_gen.asym_id_list 
1 1 A,B,C,D,E,F,G,H 
2 1 A,C,G           
2 2 B,D,E,F,H       
# 
loop_
_pdbx_struct_assembly_prop.biol_id 
_pdbx_struct_assembly_prop.type 
_pdbx_struct_assembly_prop.value 
_pdbx_struct_assembly_prop.details 
2 'ABSA (A^2)' 1900  ? 
2 MORE         -8    ? 
2 'SSA (A^2)'  12180 ? 
# 
loop_
_pdbx_struct_oper_list.id 
_pdbx_struct_oper_list.type 
_pdbx_struct_oper_list.name 
_pdbx_struct_oper_list.symmetry_operation 
_pdbx_struct_oper_list.matrix[1][1] 
_pdbx_struct_oper_list.matrix[1][2] 
_pdbx_struct_oper_list.matrix[1][3] 
_pdbx_struct_oper_list.vector[1] 
_pdbx_struct_oper_list.matrix[2][1] 
_pdbx_struct_oper_list.matrix[2][2] 
_pdbx_struct_oper_list.matrix[2][3] 
_pdbx_struct_oper_list.vector[2] 
_pdbx_struct_oper_list.matrix[3][1] 
_pdbx_struct_oper_list.matrix[3][2] 
_pdbx_struct_oper_list.matrix[3][3] 
_pdbx_struct_oper_list.vector[3] 
1 'identity operation'         1_555 x,y,z       1.0000000000 0.0000000000 0.0000000000  0.0000000000  0.0000000000  1.0000000000 0.0000000000  0.0000000000   0.0000000000 0.0000000000 1.0000000000 0.0000000000  
2 'crystal symmetry operation' 6_556 x-y,x,z+7/6 0.5468310816 0.2346966641 -0.8036748373 48.8293664735 -0.4958958610 0.8642080122 -0.0850400303 -33.5916710050 0.6745836222 0.4450415572 0.5889609063 -6.7377726944 
# 
loop_
_pdbx_audit_revision_history.ordinal 
_pdbx_audit_revision_history.data_content_type 
_pdbx_audit_revision_history.major_revision 
_pdbx_audit_revision_history.minor_revision 
_pdbx_audit_revision_history.revision_date 
1 'Structure model' 1 0 2009-11-17 
2 'Structure model' 1 1 2011-07-13 
3 'Structure model' 1 2 2017-11-01 
4 'Structure model' 1 3 2023-09-06 
# 
_pdbx_audit_revision_details.ordinal             1 
_pdbx_audit_revision_details.revision_ordinal    1 
_pdbx_audit_revision_details.data_content_type   'Structure model' 
_pdbx_audit_revision_details.provider            repository 
_pdbx_audit_revision_details.type                'Initial release' 
_pdbx_audit_revision_details.description         ? 
_pdbx_audit_revision_details.details             ? 
# 
loop_
_pdbx_audit_revision_group.ordinal 
_pdbx_audit_revision_group.revision_ordinal 
_pdbx_audit_revision_group.data_content_type 
_pdbx_audit_revision_group.group 
1 2 'Structure model' 'Version format compliance' 
2 3 'Structure model' 'Refinement description'    
3 4 'Structure model' 'Data collection'           
4 4 'Structure model' 'Database references'       
5 4 'Structure model' 'Refinement description'    
# 
loop_
_pdbx_audit_revision_category.ordinal 
_pdbx_audit_revision_category.revision_ordinal 
_pdbx_audit_revision_category.data_content_type 
_pdbx_audit_revision_category.category 
1 3 'Structure model' software                      
2 4 'Structure model' chem_comp_atom                
3 4 'Structure model' chem_comp_bond                
4 4 'Structure model' database_2                    
5 4 'Structure model' pdbx_initial_refinement_model 
6 4 'Structure model' struct_ref_seq_dif            
# 
loop_
_pdbx_audit_revision_item.ordinal 
_pdbx_audit_revision_item.revision_ordinal 
_pdbx_audit_revision_item.data_content_type 
_pdbx_audit_revision_item.item 
1 4 'Structure model' '_database_2.pdbx_DOI'                
2 4 'Structure model' '_database_2.pdbx_database_accession' 
3 4 'Structure model' '_struct_ref_seq_dif.details'         
# 
_phasing.method   MR 
# 
loop_
_software.name 
_software.version 
_software.date 
_software.type 
_software.contact_author 
_software.contact_author_email 
_software.classification 
_software.location 
_software.language 
_software.citation_id 
_software.pdbx_ordinal 
DENZO       .     ?                    package 'Zbyszek Otwinowski' zbyszek@mix.swmed.edu       'data reduction'  
http://www.lnls.br/infra/linhasluz/denzo-hkl.htm ?   ? 1 
SCALEPACK   .     ?                    package 'Zbyszek Otwinowski' zbyszek@mix.swmed.edu       'data scaling'    
http://www.lnls.br/infra/linhasluz/denzo-hkl.htm ?   ? 2 
PHASER      .     ?                    other   'R. J. Read'         cimr-phaser@lists.cam.ac.uk phasing           
http://www-structmed.cimr.cam.ac.uk/phaser/      ?   ? 3 
PDB_EXTRACT 3.005 'September 10, 2007' package PDB                  sw-help@rcsb.rutgers.edu    'data extraction' 
http://pdb.rutgers.edu/software/                 C++ ? 4 
HKL-2000    .     ?                    ?       ?                    ?                           'data reduction'  ? ?   ? 5 
HKL-2000    .     ?                    ?       ?                    ?                           'data scaling'    ? ?   ? 6 
BUSTER      2.8.0 ?                    ?       ?                    ?                           refinement        ? ?   ? 7 
# 
loop_
_pdbx_validate_torsion.id 
_pdbx_validate_torsion.PDB_model_num 
_pdbx_validate_torsion.auth_comp_id 
_pdbx_validate_torsion.auth_asym_id 
_pdbx_validate_torsion.auth_seq_id 
_pdbx_validate_torsion.PDB_ins_code 
_pdbx_validate_torsion.label_alt_id 
_pdbx_validate_torsion.phi 
_pdbx_validate_torsion.psi 
1 1 ASN A 793 ? ? -106.39 42.45 
2 1 TYR A 876 ? ? -82.94  49.62 
3 1 ASN B 793 ? ? -107.42 57.04 
4 1 TYR B 876 ? ? -76.89  41.56 
5 1 THR B 884 ? ? -103.94 52.52 
# 
loop_
_pdbx_unobs_or_zero_occ_atoms.id 
_pdbx_unobs_or_zero_occ_atoms.PDB_model_num 
_pdbx_unobs_or_zero_occ_atoms.polymer_flag 
_pdbx_unobs_or_zero_occ_atoms.occupancy_flag 
_pdbx_unobs_or_zero_occ_atoms.auth_asym_id 
_pdbx_unobs_or_zero_occ_atoms.auth_comp_id 
_pdbx_unobs_or_zero_occ_atoms.auth_seq_id 
_pdbx_unobs_or_zero_occ_atoms.PDB_ins_code 
_pdbx_unobs_or_zero_occ_atoms.auth_atom_id 
_pdbx_unobs_or_zero_occ_atoms.label_alt_id 
_pdbx_unobs_or_zero_occ_atoms.label_asym_id 
_pdbx_unobs_or_zero_occ_atoms.label_comp_id 
_pdbx_unobs_or_zero_occ_atoms.label_seq_id 
_pdbx_unobs_or_zero_occ_atoms.label_atom_id 
1  1 Y 1 A ASP 807 ? CG  ? A ASP 33  CG  
2  1 Y 1 A ASP 807 ? OD1 ? A ASP 33  OD1 
3  1 Y 1 A ASP 807 ? OD2 ? A ASP 33  OD2 
4  1 Y 1 A VAL 808 ? CG1 ? A VAL 34  CG1 
5  1 Y 1 A VAL 808 ? CG2 ? A VAL 34  CG2 
6  1 Y 1 A GLU 839 ? CG  ? A GLU 65  CG  
7  1 Y 1 A GLU 839 ? CD  ? A GLU 65  CD  
8  1 Y 1 A GLU 839 ? OE1 ? A GLU 65  OE1 
9  1 Y 1 A GLU 839 ? OE2 ? A GLU 65  OE2 
10 1 Y 1 A GLU 840 ? CG  ? A GLU 66  CG  
11 1 Y 1 A GLU 840 ? CD  ? A GLU 66  CD  
12 1 Y 1 A GLU 840 ? OE1 ? A GLU 66  OE1 
13 1 Y 1 A GLU 840 ? OE2 ? A GLU 66  OE2 
14 1 Y 1 A GLU 862 ? CG  ? A GLU 88  CG  
15 1 Y 1 A GLU 862 ? CD  ? A GLU 88  CD  
16 1 Y 1 A GLU 862 ? OE1 ? A GLU 88  OE1 
17 1 Y 1 A GLU 862 ? OE2 ? A GLU 88  OE2 
18 1 Y 1 A LYS 882 ? CD  ? A LYS 108 CD  
19 1 Y 1 A LYS 882 ? CE  ? A LYS 108 CE  
20 1 Y 1 A LYS 882 ? NZ  ? A LYS 108 NZ  
21 1 Y 1 A THR 884 ? OG1 ? A THR 110 OG1 
22 1 Y 1 A THR 884 ? CG2 ? A THR 110 CG2 
23 1 Y 1 A LYS 890 ? CG  ? A LYS 116 CG  
24 1 Y 1 A LYS 890 ? CD  ? A LYS 116 CD  
25 1 Y 1 A LYS 890 ? CE  ? A LYS 116 CE  
26 1 Y 1 A LYS 890 ? NZ  ? A LYS 116 NZ  
27 1 Y 1 A LYS 892 ? CG  ? A LYS 118 CG  
28 1 Y 1 A LYS 892 ? CD  ? A LYS 118 CD  
29 1 Y 1 A LYS 892 ? CE  ? A LYS 118 CE  
30 1 Y 1 A LYS 892 ? NZ  ? A LYS 118 NZ  
31 1 Y 1 B VAL 808 ? CG1 ? B VAL 34  CG1 
32 1 Y 1 B VAL 808 ? CG2 ? B VAL 34  CG2 
33 1 Y 1 B ASP 809 ? CG  ? B ASP 35  CG  
34 1 Y 1 B ASP 809 ? OD1 ? B ASP 35  OD1 
35 1 Y 1 B ASP 809 ? OD2 ? B ASP 35  OD2 
36 1 Y 1 B ASN 810 ? CG  ? B ASN 36  CG  
37 1 Y 1 B ASN 810 ? OD1 ? B ASN 36  OD1 
38 1 Y 1 B ASN 810 ? ND2 ? B ASN 36  ND2 
39 1 Y 1 B GLU 839 ? CD  ? B GLU 65  CD  
40 1 Y 1 B GLU 839 ? OE1 ? B GLU 65  OE1 
41 1 Y 1 B GLU 839 ? OE2 ? B GLU 65  OE2 
42 1 Y 1 B GLU 840 ? CD  ? B GLU 66  CD  
43 1 Y 1 B GLU 840 ? OE1 ? B GLU 66  OE1 
44 1 Y 1 B GLU 840 ? OE2 ? B GLU 66  OE2 
45 1 Y 1 B GLU 862 ? CG  ? B GLU 88  CG  
46 1 Y 1 B GLU 862 ? CD  ? B GLU 88  CD  
47 1 Y 1 B GLU 862 ? OE1 ? B GLU 88  OE1 
48 1 Y 1 B GLU 862 ? OE2 ? B GLU 88  OE2 
49 1 Y 1 B THR 884 ? OG1 ? B THR 110 OG1 
50 1 Y 1 B THR 884 ? CG2 ? B THR 110 CG2 
51 1 Y 1 B PHE 885 ? CG  ? B PHE 111 CG  
52 1 Y 1 B PHE 885 ? CD1 ? B PHE 111 CD1 
53 1 Y 1 B PHE 885 ? CD2 ? B PHE 111 CD2 
54 1 Y 1 B PHE 885 ? CE1 ? B PHE 111 CE1 
55 1 Y 1 B PHE 885 ? CE2 ? B PHE 111 CE2 
56 1 Y 1 B PHE 885 ? CZ  ? B PHE 111 CZ  
57 1 Y 1 B HIS 893 ? CG  ? B HIS 119 CG  
58 1 Y 1 B HIS 893 ? ND1 ? B HIS 119 ND1 
59 1 Y 1 B HIS 893 ? CD2 ? B HIS 119 CD2 
60 1 Y 1 B HIS 893 ? CE1 ? B HIS 119 CE1 
61 1 Y 1 B HIS 893 ? NE2 ? B HIS 119 NE2 
# 
loop_
_pdbx_unobs_or_zero_occ_residues.id 
_pdbx_unobs_or_zero_occ_residues.PDB_model_num 
_pdbx_unobs_or_zero_occ_residues.polymer_flag 
_pdbx_unobs_or_zero_occ_residues.occupancy_flag 
_pdbx_unobs_or_zero_occ_residues.auth_asym_id 
_pdbx_unobs_or_zero_occ_residues.auth_comp_id 
_pdbx_unobs_or_zero_occ_residues.auth_seq_id 
_pdbx_unobs_or_zero_occ_residues.PDB_ins_code 
_pdbx_unobs_or_zero_occ_residues.label_asym_id 
_pdbx_unobs_or_zero_occ_residues.label_comp_id 
_pdbx_unobs_or_zero_occ_residues.label_seq_id 
1  1 Y 1 A MET 775 ? A MET 1   
2  1 Y 1 A HIS 776 ? A HIS 2   
3  1 Y 1 A HIS 777 ? A HIS 3   
4  1 Y 1 A HIS 778 ? A HIS 4   
5  1 Y 1 A HIS 779 ? A HIS 5   
6  1 Y 1 A HIS 780 ? A HIS 6   
7  1 Y 1 A HIS 781 ? A HIS 7   
8  1 Y 1 A SER 782 ? A SER 8   
9  1 Y 1 A SER 783 ? A SER 9   
10 1 Y 1 A GLY 784 ? A GLY 10  
11 1 Y 1 A ARG 785 ? A ARG 11  
12 1 Y 1 A GLU 786 ? A GLU 12  
13 1 Y 1 A THR 886 ? A THR 112 
14 1 Y 1 A LYS 887 ? A LYS 113 
15 1 Y 1 A GLY 888 ? A GLY 114 
16 1 Y 1 A VAL 889 ? A VAL 115 
17 1 Y 1 A HIS 893 ? A HIS 119 
18 1 Y 1 A GLY 894 ? A GLY 120 
19 1 Y 1 A ALA 895 ? A ALA 121 
20 1 Y 1 A SER 896 ? A SER 122 
21 1 Y 1 A SER 897 ? A SER 123 
22 1 Y 1 A THR 898 ? A THR 124 
23 1 Y 1 A LEU 899 ? A LEU 125 
24 1 Y 1 A PRO 900 ? A PRO 126 
25 1 Y 1 A ARG 901 ? A ARG 127 
26 1 Y 1 A MET 902 ? A MET 128 
27 1 Y 1 A LYS 903 ? A LYS 129 
28 1 Y 1 A GLN 904 ? A GLN 130 
29 1 Y 1 A LYS 905 ? A LYS 131 
30 1 Y 1 A GLY 906 ? A GLY 132 
31 1 Y 1 A LEU 907 ? A LEU 133 
32 1 Y 1 A LYS 908 ? A LYS 134 
33 1 Y 1 A ILE 909 ? A ILE 135 
34 1 Y 1 A ALA 910 ? A ALA 136 
35 1 Y 1 A LYS 911 ? A LYS 137 
36 1 Y 1 A GLY 912 ? A GLY 138 
37 1 Y 1 A ILE 913 ? A ILE 139 
38 1 Y 1 A PHE 914 ? A PHE 140 
39 1 Y 1 B MET 775 ? B MET 1   
40 1 Y 1 B HIS 776 ? B HIS 2   
41 1 Y 1 B HIS 777 ? B HIS 3   
42 1 Y 1 B HIS 778 ? B HIS 4   
43 1 Y 1 B HIS 779 ? B HIS 5   
44 1 Y 1 B HIS 780 ? B HIS 6   
45 1 Y 1 B HIS 781 ? B HIS 7   
46 1 Y 1 B SER 782 ? B SER 8   
47 1 Y 1 B SER 783 ? B SER 9   
48 1 Y 1 B GLY 784 ? B GLY 10  
49 1 Y 1 B ARG 785 ? B ARG 11  
50 1 Y 1 B GLU 786 ? B GLU 12  
51 1 Y 1 B THR 886 ? B THR 112 
52 1 Y 1 B LYS 887 ? B LYS 113 
53 1 Y 1 B GLY 894 ? B GLY 120 
54 1 Y 1 B ALA 895 ? B ALA 121 
55 1 Y 1 B SER 896 ? B SER 122 
56 1 Y 1 B SER 897 ? B SER 123 
57 1 Y 1 B THR 898 ? B THR 124 
58 1 Y 1 B LEU 899 ? B LEU 125 
59 1 Y 1 B PRO 900 ? B PRO 126 
60 1 Y 1 B ARG 901 ? B ARG 127 
61 1 Y 1 B MET 902 ? B MET 128 
62 1 Y 1 B LYS 903 ? B LYS 129 
63 1 Y 1 B GLN 904 ? B GLN 130 
64 1 Y 1 B LYS 905 ? B LYS 131 
65 1 Y 1 B GLY 906 ? B GLY 132 
66 1 Y 1 B LEU 907 ? B LEU 133 
67 1 Y 1 B LYS 908 ? B LYS 134 
68 1 Y 1 B ILE 909 ? B ILE 135 
69 1 Y 1 B ALA 910 ? B ALA 136 
70 1 Y 1 B LYS 911 ? B LYS 137 
71 1 Y 1 B GLY 912 ? B GLY 138 
72 1 Y 1 B ILE 913 ? B ILE 139 
73 1 Y 1 B PHE 914 ? B PHE 140 
# 
loop_
_chem_comp_atom.comp_id 
_chem_comp_atom.atom_id 
_chem_comp_atom.type_symbol 
_chem_comp_atom.pdbx_aromatic_flag 
_chem_comp_atom.pdbx_stereo_config 
_chem_comp_atom.pdbx_ordinal 
ALA N    N N N 1   
ALA CA   C N S 2   
ALA C    C N N 3   
ALA O    O N N 4   
ALA CB   C N N 5   
ALA OXT  O N N 6   
ALA H    H N N 7   
ALA H2   H N N 8   
ALA HA   H N N 9   
ALA HB1  H N N 10  
ALA HB2  H N N 11  
ALA HB3  H N N 12  
ALA HXT  H N N 13  
ARG N    N N N 14  
ARG CA   C N S 15  
ARG C    C N N 16  
ARG O    O N N 17  
ARG CB   C N N 18  
ARG CG   C N N 19  
ARG CD   C N N 20  
ARG NE   N N N 21  
ARG CZ   C N N 22  
ARG NH1  N N N 23  
ARG NH2  N N N 24  
ARG OXT  O N N 25  
ARG H    H N N 26  
ARG H2   H N N 27  
ARG HA   H N N 28  
ARG HB2  H N N 29  
ARG HB3  H N N 30  
ARG HG2  H N N 31  
ARG HG3  H N N 32  
ARG HD2  H N N 33  
ARG HD3  H N N 34  
ARG HE   H N N 35  
ARG HH11 H N N 36  
ARG HH12 H N N 37  
ARG HH21 H N N 38  
ARG HH22 H N N 39  
ARG HXT  H N N 40  
ASN N    N N N 41  
ASN CA   C N S 42  
ASN C    C N N 43  
ASN O    O N N 44  
ASN CB   C N N 45  
ASN CG   C N N 46  
ASN OD1  O N N 47  
ASN ND2  N N N 48  
ASN OXT  O N N 49  
ASN H    H N N 50  
ASN H2   H N N 51  
ASN HA   H N N 52  
ASN HB2  H N N 53  
ASN HB3  H N N 54  
ASN HD21 H N N 55  
ASN HD22 H N N 56  
ASN HXT  H N N 57  
ASP N    N N N 58  
ASP CA   C N S 59  
ASP C    C N N 60  
ASP O    O N N 61  
ASP CB   C N N 62  
ASP CG   C N N 63  
ASP OD1  O N N 64  
ASP OD2  O N N 65  
ASP OXT  O N N 66  
ASP H    H N N 67  
ASP H2   H N N 68  
ASP HA   H N N 69  
ASP HB2  H N N 70  
ASP HB3  H N N 71  
ASP HD2  H N N 72  
ASP HXT  H N N 73  
CYS N    N N N 74  
CYS CA   C N R 75  
CYS C    C N N 76  
CYS O    O N N 77  
CYS CB   C N N 78  
CYS SG   S N N 79  
CYS OXT  O N N 80  
CYS H    H N N 81  
CYS H2   H N N 82  
CYS HA   H N N 83  
CYS HB2  H N N 84  
CYS HB3  H N N 85  
CYS HG   H N N 86  
CYS HXT  H N N 87  
GLN N    N N N 88  
GLN CA   C N S 89  
GLN C    C N N 90  
GLN O    O N N 91  
GLN CB   C N N 92  
GLN CG   C N N 93  
GLN CD   C N N 94  
GLN OE1  O N N 95  
GLN NE2  N N N 96  
GLN OXT  O N N 97  
GLN H    H N N 98  
GLN H2   H N N 99  
GLN HA   H N N 100 
GLN HB2  H N N 101 
GLN HB3  H N N 102 
GLN HG2  H N N 103 
GLN HG3  H N N 104 
GLN HE21 H N N 105 
GLN HE22 H N N 106 
GLN HXT  H N N 107 
GLU N    N N N 108 
GLU CA   C N S 109 
GLU C    C N N 110 
GLU O    O N N 111 
GLU CB   C N N 112 
GLU CG   C N N 113 
GLU CD   C N N 114 
GLU OE1  O N N 115 
GLU OE2  O N N 116 
GLU OXT  O N N 117 
GLU H    H N N 118 
GLU H2   H N N 119 
GLU HA   H N N 120 
GLU HB2  H N N 121 
GLU HB3  H N N 122 
GLU HG2  H N N 123 
GLU HG3  H N N 124 
GLU HE2  H N N 125 
GLU HXT  H N N 126 
GLY N    N N N 127 
GLY CA   C N N 128 
GLY C    C N N 129 
GLY O    O N N 130 
GLY OXT  O N N 131 
GLY H    H N N 132 
GLY H2   H N N 133 
GLY HA2  H N N 134 
GLY HA3  H N N 135 
GLY HXT  H N N 136 
HIS N    N N N 137 
HIS CA   C N S 138 
HIS C    C N N 139 
HIS O    O N N 140 
HIS CB   C N N 141 
HIS CG   C Y N 142 
HIS ND1  N Y N 143 
HIS CD2  C Y N 144 
HIS CE1  C Y N 145 
HIS NE2  N Y N 146 
HIS OXT  O N N 147 
HIS H    H N N 148 
HIS H2   H N N 149 
HIS HA   H N N 150 
HIS HB2  H N N 151 
HIS HB3  H N N 152 
HIS HD1  H N N 153 
HIS HD2  H N N 154 
HIS HE1  H N N 155 
HIS HE2  H N N 156 
HIS HXT  H N N 157 
HOH O    O N N 158 
HOH H1   H N N 159 
HOH H2   H N N 160 
ILE N    N N N 161 
ILE CA   C N S 162 
ILE C    C N N 163 
ILE O    O N N 164 
ILE CB   C N S 165 
ILE CG1  C N N 166 
ILE CG2  C N N 167 
ILE CD1  C N N 168 
ILE OXT  O N N 169 
ILE H    H N N 170 
ILE H2   H N N 171 
ILE HA   H N N 172 
ILE HB   H N N 173 
ILE HG12 H N N 174 
ILE HG13 H N N 175 
ILE HG21 H N N 176 
ILE HG22 H N N 177 
ILE HG23 H N N 178 
ILE HD11 H N N 179 
ILE HD12 H N N 180 
ILE HD13 H N N 181 
ILE HXT  H N N 182 
LEU N    N N N 183 
LEU CA   C N S 184 
LEU C    C N N 185 
LEU O    O N N 186 
LEU CB   C N N 187 
LEU CG   C N N 188 
LEU CD1  C N N 189 
LEU CD2  C N N 190 
LEU OXT  O N N 191 
LEU H    H N N 192 
LEU H2   H N N 193 
LEU HA   H N N 194 
LEU HB2  H N N 195 
LEU HB3  H N N 196 
LEU HG   H N N 197 
LEU HD11 H N N 198 
LEU HD12 H N N 199 
LEU HD13 H N N 200 
LEU HD21 H N N 201 
LEU HD22 H N N 202 
LEU HD23 H N N 203 
LEU HXT  H N N 204 
LYS N    N N N 205 
LYS CA   C N S 206 
LYS C    C N N 207 
LYS O    O N N 208 
LYS CB   C N N 209 
LYS CG   C N N 210 
LYS CD   C N N 211 
LYS CE   C N N 212 
LYS NZ   N N N 213 
LYS OXT  O N N 214 
LYS H    H N N 215 
LYS H2   H N N 216 
LYS HA   H N N 217 
LYS HB2  H N N 218 
LYS HB3  H N N 219 
LYS HG2  H N N 220 
LYS HG3  H N N 221 
LYS HD2  H N N 222 
LYS HD3  H N N 223 
LYS HE2  H N N 224 
LYS HE3  H N N 225 
LYS HZ1  H N N 226 
LYS HZ2  H N N 227 
LYS HZ3  H N N 228 
LYS HXT  H N N 229 
MET N    N N N 230 
MET CA   C N S 231 
MET C    C N N 232 
MET O    O N N 233 
MET CB   C N N 234 
MET CG   C N N 235 
MET SD   S N N 236 
MET CE   C N N 237 
MET OXT  O N N 238 
MET H    H N N 239 
MET H2   H N N 240 
MET HA   H N N 241 
MET HB2  H N N 242 
MET HB3  H N N 243 
MET HG2  H N N 244 
MET HG3  H N N 245 
MET HE1  H N N 246 
MET HE2  H N N 247 
MET HE3  H N N 248 
MET HXT  H N N 249 
PHE N    N N N 250 
PHE CA   C N S 251 
PHE C    C N N 252 
PHE O    O N N 253 
PHE CB   C N N 254 
PHE CG   C Y N 255 
PHE CD1  C Y N 256 
PHE CD2  C Y N 257 
PHE CE1  C Y N 258 
PHE CE2  C Y N 259 
PHE CZ   C Y N 260 
PHE OXT  O N N 261 
PHE H    H N N 262 
PHE H2   H N N 263 
PHE HA   H N N 264 
PHE HB2  H N N 265 
PHE HB3  H N N 266 
PHE HD1  H N N 267 
PHE HD2  H N N 268 
PHE HE1  H N N 269 
PHE HE2  H N N 270 
PHE HZ   H N N 271 
PHE HXT  H N N 272 
PRO N    N N N 273 
PRO CA   C N S 274 
PRO C    C N N 275 
PRO O    O N N 276 
PRO CB   C N N 277 
PRO CG   C N N 278 
PRO CD   C N N 279 
PRO OXT  O N N 280 
PRO H    H N N 281 
PRO HA   H N N 282 
PRO HB2  H N N 283 
PRO HB3  H N N 284 
PRO HG2  H N N 285 
PRO HG3  H N N 286 
PRO HD2  H N N 287 
PRO HD3  H N N 288 
PRO HXT  H N N 289 
SER N    N N N 290 
SER CA   C N S 291 
SER C    C N N 292 
SER O    O N N 293 
SER CB   C N N 294 
SER OG   O N N 295 
SER OXT  O N N 296 
SER H    H N N 297 
SER H2   H N N 298 
SER HA   H N N 299 
SER HB2  H N N 300 
SER HB3  H N N 301 
SER HG   H N N 302 
SER HXT  H N N 303 
THR N    N N N 304 
THR CA   C N S 305 
THR C    C N N 306 
THR O    O N N 307 
THR CB   C N R 308 
THR OG1  O N N 309 
THR CG2  C N N 310 
THR OXT  O N N 311 
THR H    H N N 312 
THR H2   H N N 313 
THR HA   H N N 314 
THR HB   H N N 315 
THR HG1  H N N 316 
THR HG21 H N N 317 
THR HG22 H N N 318 
THR HG23 H N N 319 
THR HXT  H N N 320 
TYR N    N N N 321 
TYR CA   C N S 322 
TYR C    C N N 323 
TYR O    O N N 324 
TYR CB   C N N 325 
TYR CG   C Y N 326 
TYR CD1  C Y N 327 
TYR CD2  C Y N 328 
TYR CE1  C Y N 329 
TYR CE2  C Y N 330 
TYR CZ   C Y N 331 
TYR OH   O N N 332 
TYR OXT  O N N 333 
TYR H    H N N 334 
TYR H2   H N N 335 
TYR HA   H N N 336 
TYR HB2  H N N 337 
TYR HB3  H N N 338 
TYR HD1  H N N 339 
TYR HD2  H N N 340 
TYR HE1  H N N 341 
TYR HE2  H N N 342 
TYR HH   H N N 343 
TYR HXT  H N N 344 
VAL N    N N N 345 
VAL CA   C N S 346 
VAL C    C N N 347 
VAL O    O N N 348 
VAL CB   C N N 349 
VAL CG1  C N N 350 
VAL CG2  C N N 351 
VAL OXT  O N N 352 
VAL H    H N N 353 
VAL H2   H N N 354 
VAL HA   H N N 355 
VAL HB   H N N 356 
VAL HG11 H N N 357 
VAL HG12 H N N 358 
VAL HG13 H N N 359 
VAL HG21 H N N 360 
VAL HG22 H N N 361 
VAL HG23 H N N 362 
VAL HXT  H N N 363 
# 
loop_
_chem_comp_bond.comp_id 
_chem_comp_bond.atom_id_1 
_chem_comp_bond.atom_id_2 
_chem_comp_bond.value_order 
_chem_comp_bond.pdbx_aromatic_flag 
_chem_comp_bond.pdbx_stereo_config 
_chem_comp_bond.pdbx_ordinal 
ALA N   CA   sing N N 1   
ALA N   H    sing N N 2   
ALA N   H2   sing N N 3   
ALA CA  C    sing N N 4   
ALA CA  CB   sing N N 5   
ALA CA  HA   sing N N 6   
ALA C   O    doub N N 7   
ALA C   OXT  sing N N 8   
ALA CB  HB1  sing N N 9   
ALA CB  HB2  sing N N 10  
ALA CB  HB3  sing N N 11  
ALA OXT HXT  sing N N 12  
ARG N   CA   sing N N 13  
ARG N   H    sing N N 14  
ARG N   H2   sing N N 15  
ARG CA  C    sing N N 16  
ARG CA  CB   sing N N 17  
ARG CA  HA   sing N N 18  
ARG C   O    doub N N 19  
ARG C   OXT  sing N N 20  
ARG CB  CG   sing N N 21  
ARG CB  HB2  sing N N 22  
ARG CB  HB3  sing N N 23  
ARG CG  CD   sing N N 24  
ARG CG  HG2  sing N N 25  
ARG CG  HG3  sing N N 26  
ARG CD  NE   sing N N 27  
ARG CD  HD2  sing N N 28  
ARG CD  HD3  sing N N 29  
ARG NE  CZ   sing N N 30  
ARG NE  HE   sing N N 31  
ARG CZ  NH1  sing N N 32  
ARG CZ  NH2  doub N N 33  
ARG NH1 HH11 sing N N 34  
ARG NH1 HH12 sing N N 35  
ARG NH2 HH21 sing N N 36  
ARG NH2 HH22 sing N N 37  
ARG OXT HXT  sing N N 38  
ASN N   CA   sing N N 39  
ASN N   H    sing N N 40  
ASN N   H2   sing N N 41  
ASN CA  C    sing N N 42  
ASN CA  CB   sing N N 43  
ASN CA  HA   sing N N 44  
ASN C   O    doub N N 45  
ASN C   OXT  sing N N 46  
ASN CB  CG   sing N N 47  
ASN CB  HB2  sing N N 48  
ASN CB  HB3  sing N N 49  
ASN CG  OD1  doub N N 50  
ASN CG  ND2  sing N N 51  
ASN ND2 HD21 sing N N 52  
ASN ND2 HD22 sing N N 53  
ASN OXT HXT  sing N N 54  
ASP N   CA   sing N N 55  
ASP N   H    sing N N 56  
ASP N   H2   sing N N 57  
ASP CA  C    sing N N 58  
ASP CA  CB   sing N N 59  
ASP CA  HA   sing N N 60  
ASP C   O    doub N N 61  
ASP C   OXT  sing N N 62  
ASP CB  CG   sing N N 63  
ASP CB  HB2  sing N N 64  
ASP CB  HB3  sing N N 65  
ASP CG  OD1  doub N N 66  
ASP CG  OD2  sing N N 67  
ASP OD2 HD2  sing N N 68  
ASP OXT HXT  sing N N 69  
CYS N   CA   sing N N 70  
CYS N   H    sing N N 71  
CYS N   H2   sing N N 72  
CYS CA  C    sing N N 73  
CYS CA  CB   sing N N 74  
CYS CA  HA   sing N N 75  
CYS C   O    doub N N 76  
CYS C   OXT  sing N N 77  
CYS CB  SG   sing N N 78  
CYS CB  HB2  sing N N 79  
CYS CB  HB3  sing N N 80  
CYS SG  HG   sing N N 81  
CYS OXT HXT  sing N N 82  
GLN N   CA   sing N N 83  
GLN N   H    sing N N 84  
GLN N   H2   sing N N 85  
GLN CA  C    sing N N 86  
GLN CA  CB   sing N N 87  
GLN CA  HA   sing N N 88  
GLN C   O    doub N N 89  
GLN C   OXT  sing N N 90  
GLN CB  CG   sing N N 91  
GLN CB  HB2  sing N N 92  
GLN CB  HB3  sing N N 93  
GLN CG  CD   sing N N 94  
GLN CG  HG2  sing N N 95  
GLN CG  HG3  sing N N 96  
GLN CD  OE1  doub N N 97  
GLN CD  NE2  sing N N 98  
GLN NE2 HE21 sing N N 99  
GLN NE2 HE22 sing N N 100 
GLN OXT HXT  sing N N 101 
GLU N   CA   sing N N 102 
GLU N   H    sing N N 103 
GLU N   H2   sing N N 104 
GLU CA  C    sing N N 105 
GLU CA  CB   sing N N 106 
GLU CA  HA   sing N N 107 
GLU C   O    doub N N 108 
GLU C   OXT  sing N N 109 
GLU CB  CG   sing N N 110 
GLU CB  HB2  sing N N 111 
GLU CB  HB3  sing N N 112 
GLU CG  CD   sing N N 113 
GLU CG  HG2  sing N N 114 
GLU CG  HG3  sing N N 115 
GLU CD  OE1  doub N N 116 
GLU CD  OE2  sing N N 117 
GLU OE2 HE2  sing N N 118 
GLU OXT HXT  sing N N 119 
GLY N   CA   sing N N 120 
GLY N   H    sing N N 121 
GLY N   H2   sing N N 122 
GLY CA  C    sing N N 123 
GLY CA  HA2  sing N N 124 
GLY CA  HA3  sing N N 125 
GLY C   O    doub N N 126 
GLY C   OXT  sing N N 127 
GLY OXT HXT  sing N N 128 
HIS N   CA   sing N N 129 
HIS N   H    sing N N 130 
HIS N   H2   sing N N 131 
HIS CA  C    sing N N 132 
HIS CA  CB   sing N N 133 
HIS CA  HA   sing N N 134 
HIS C   O    doub N N 135 
HIS C   OXT  sing N N 136 
HIS CB  CG   sing N N 137 
HIS CB  HB2  sing N N 138 
HIS CB  HB3  sing N N 139 
HIS CG  ND1  sing Y N 140 
HIS CG  CD2  doub Y N 141 
HIS ND1 CE1  doub Y N 142 
HIS ND1 HD1  sing N N 143 
HIS CD2 NE2  sing Y N 144 
HIS CD2 HD2  sing N N 145 
HIS CE1 NE2  sing Y N 146 
HIS CE1 HE1  sing N N 147 
HIS NE2 HE2  sing N N 148 
HIS OXT HXT  sing N N 149 
HOH O   H1   sing N N 150 
HOH O   H2   sing N N 151 
ILE N   CA   sing N N 152 
ILE N   H    sing N N 153 
ILE N   H2   sing N N 154 
ILE CA  C    sing N N 155 
ILE CA  CB   sing N N 156 
ILE CA  HA   sing N N 157 
ILE C   O    doub N N 158 
ILE C   OXT  sing N N 159 
ILE CB  CG1  sing N N 160 
ILE CB  CG2  sing N N 161 
ILE CB  HB   sing N N 162 
ILE CG1 CD1  sing N N 163 
ILE CG1 HG12 sing N N 164 
ILE CG1 HG13 sing N N 165 
ILE CG2 HG21 sing N N 166 
ILE CG2 HG22 sing N N 167 
ILE CG2 HG23 sing N N 168 
ILE CD1 HD11 sing N N 169 
ILE CD1 HD12 sing N N 170 
ILE CD1 HD13 sing N N 171 
ILE OXT HXT  sing N N 172 
LEU N   CA   sing N N 173 
LEU N   H    sing N N 174 
LEU N   H2   sing N N 175 
LEU CA  C    sing N N 176 
LEU CA  CB   sing N N 177 
LEU CA  HA   sing N N 178 
LEU C   O    doub N N 179 
LEU C   OXT  sing N N 180 
LEU CB  CG   sing N N 181 
LEU CB  HB2  sing N N 182 
LEU CB  HB3  sing N N 183 
LEU CG  CD1  sing N N 184 
LEU CG  CD2  sing N N 185 
LEU CG  HG   sing N N 186 
LEU CD1 HD11 sing N N 187 
LEU CD1 HD12 sing N N 188 
LEU CD1 HD13 sing N N 189 
LEU CD2 HD21 sing N N 190 
LEU CD2 HD22 sing N N 191 
LEU CD2 HD23 sing N N 192 
LEU OXT HXT  sing N N 193 
LYS N   CA   sing N N 194 
LYS N   H    sing N N 195 
LYS N   H2   sing N N 196 
LYS CA  C    sing N N 197 
LYS CA  CB   sing N N 198 
LYS CA  HA   sing N N 199 
LYS C   O    doub N N 200 
LYS C   OXT  sing N N 201 
LYS CB  CG   sing N N 202 
LYS CB  HB2  sing N N 203 
LYS CB  HB3  sing N N 204 
LYS CG  CD   sing N N 205 
LYS CG  HG2  sing N N 206 
LYS CG  HG3  sing N N 207 
LYS CD  CE   sing N N 208 
LYS CD  HD2  sing N N 209 
LYS CD  HD3  sing N N 210 
LYS CE  NZ   sing N N 211 
LYS CE  HE2  sing N N 212 
LYS CE  HE3  sing N N 213 
LYS NZ  HZ1  sing N N 214 
LYS NZ  HZ2  sing N N 215 
LYS NZ  HZ3  sing N N 216 
LYS OXT HXT  sing N N 217 
MET N   CA   sing N N 218 
MET N   H    sing N N 219 
MET N   H2   sing N N 220 
MET CA  C    sing N N 221 
MET CA  CB   sing N N 222 
MET CA  HA   sing N N 223 
MET C   O    doub N N 224 
MET C   OXT  sing N N 225 
MET CB  CG   sing N N 226 
MET CB  HB2  sing N N 227 
MET CB  HB3  sing N N 228 
MET CG  SD   sing N N 229 
MET CG  HG2  sing N N 230 
MET CG  HG3  sing N N 231 
MET SD  CE   sing N N 232 
MET CE  HE1  sing N N 233 
MET CE  HE2  sing N N 234 
MET CE  HE3  sing N N 235 
MET OXT HXT  sing N N 236 
PHE N   CA   sing N N 237 
PHE N   H    sing N N 238 
PHE N   H2   sing N N 239 
PHE CA  C    sing N N 240 
PHE CA  CB   sing N N 241 
PHE CA  HA   sing N N 242 
PHE C   O    doub N N 243 
PHE C   OXT  sing N N 244 
PHE CB  CG   sing N N 245 
PHE CB  HB2  sing N N 246 
PHE CB  HB3  sing N N 247 
PHE CG  CD1  doub Y N 248 
PHE CG  CD2  sing Y N 249 
PHE CD1 CE1  sing Y N 250 
PHE CD1 HD1  sing N N 251 
PHE CD2 CE2  doub Y N 252 
PHE CD2 HD2  sing N N 253 
PHE CE1 CZ   doub Y N 254 
PHE CE1 HE1  sing N N 255 
PHE CE2 CZ   sing Y N 256 
PHE CE2 HE2  sing N N 257 
PHE CZ  HZ   sing N N 258 
PHE OXT HXT  sing N N 259 
PRO N   CA   sing N N 260 
PRO N   CD   sing N N 261 
PRO N   H    sing N N 262 
PRO CA  C    sing N N 263 
PRO CA  CB   sing N N 264 
PRO CA  HA   sing N N 265 
PRO C   O    doub N N 266 
PRO C   OXT  sing N N 267 
PRO CB  CG   sing N N 268 
PRO CB  HB2  sing N N 269 
PRO CB  HB3  sing N N 270 
PRO CG  CD   sing N N 271 
PRO CG  HG2  sing N N 272 
PRO CG  HG3  sing N N 273 
PRO CD  HD2  sing N N 274 
PRO CD  HD3  sing N N 275 
PRO OXT HXT  sing N N 276 
SER N   CA   sing N N 277 
SER N   H    sing N N 278 
SER N   H2   sing N N 279 
SER CA  C    sing N N 280 
SER CA  CB   sing N N 281 
SER CA  HA   sing N N 282 
SER C   O    doub N N 283 
SER C   OXT  sing N N 284 
SER CB  OG   sing N N 285 
SER CB  HB2  sing N N 286 
SER CB  HB3  sing N N 287 
SER OG  HG   sing N N 288 
SER OXT HXT  sing N N 289 
THR N   CA   sing N N 290 
THR N   H    sing N N 291 
THR N   H2   sing N N 292 
THR CA  C    sing N N 293 
THR CA  CB   sing N N 294 
THR CA  HA   sing N N 295 
THR C   O    doub N N 296 
THR C   OXT  sing N N 297 
THR CB  OG1  sing N N 298 
THR CB  CG2  sing N N 299 
THR CB  HB   sing N N 300 
THR OG1 HG1  sing N N 301 
THR CG2 HG21 sing N N 302 
THR CG2 HG22 sing N N 303 
THR CG2 HG23 sing N N 304 
THR OXT HXT  sing N N 305 
TYR N   CA   sing N N 306 
TYR N   H    sing N N 307 
TYR N   H2   sing N N 308 
TYR CA  C    sing N N 309 
TYR CA  CB   sing N N 310 
TYR CA  HA   sing N N 311 
TYR C   O    doub N N 312 
TYR C   OXT  sing N N 313 
TYR CB  CG   sing N N 314 
TYR CB  HB2  sing N N 315 
TYR CB  HB3  sing N N 316 
TYR CG  CD1  doub Y N 317 
TYR CG  CD2  sing Y N 318 
TYR CD1 CE1  sing Y N 319 
TYR CD1 HD1  sing N N 320 
TYR CD2 CE2  doub Y N 321 
TYR CD2 HD2  sing N N 322 
TYR CE1 CZ   doub Y N 323 
TYR CE1 HE1  sing N N 324 
TYR CE2 CZ   sing Y N 325 
TYR CE2 HE2  sing N N 326 
TYR CZ  OH   sing N N 327 
TYR OH  HH   sing N N 328 
TYR OXT HXT  sing N N 329 
VAL N   CA   sing N N 330 
VAL N   H    sing N N 331 
VAL N   H2   sing N N 332 
VAL CA  C    sing N N 333 
VAL CA  CB   sing N N 334 
VAL CA  HA   sing N N 335 
VAL C   O    doub N N 336 
VAL C   OXT  sing N N 337 
VAL CB  CG1  sing N N 338 
VAL CB  CG2  sing N N 339 
VAL CB  HB   sing N N 340 
VAL CG1 HG11 sing N N 341 
VAL CG1 HG12 sing N N 342 
VAL CG1 HG13 sing N N 343 
VAL CG2 HG21 sing N N 344 
VAL CG2 HG22 sing N N 345 
VAL CG2 HG23 sing N N 346 
VAL OXT HXT  sing N N 347 
# 
loop_
_pdbx_entity_nonpoly.entity_id 
_pdbx_entity_nonpoly.name 
_pdbx_entity_nonpoly.comp_id 
2 'UNKNOWN ATOM OR ION' UNX 
3 water                 HOH 
# 
_pdbx_initial_refinement_model.id               1 
_pdbx_initial_refinement_model.entity_id_list   ? 
_pdbx_initial_refinement_model.type             'experimental model' 
_pdbx_initial_refinement_model.source_name      PDB 
_pdbx_initial_refinement_model.accession_code   1LXD 
_pdbx_initial_refinement_model.details          'pdb entry 1LXD' 
# 
